data_7VJU
#
_entry.id   7VJU
#
_cell.length_a   91.561
_cell.length_b   134.213
_cell.length_c   145.010
_cell.angle_alpha   90.000
_cell.angle_beta   90.000
_cell.angle_gamma   90.000
#
_symmetry.space_group_name_H-M   'P 21 21 21'
#
loop_
_entity.id
_entity.type
_entity.pdbx_description
1 polymer 'Rieske (2Fe-2S) domain protein'
2 polymer 'Aromatic-ring-hydroxylating dioxygenase beta subunit'
3 non-polymer 'FE2/S2 (INORGANIC) CLUSTER'
4 non-polymer 'FE (II) ION'
5 non-polymer DI(HYDROXYETHYL)ETHER
6 non-polymer GLYCEROL
7 non-polymer 'PHOSPHATE ION'
8 non-polymer 'TETRAETHYLENE GLYCOL'
9 water water
#
loop_
_entity_poly.entity_id
_entity_poly.type
_entity_poly.pdbx_seq_one_letter_code
_entity_poly.pdbx_strand_id
1 'polypeptide(L)'
;MQESIIQWHGATNTRVPFGIYTDTANADQEQQRIYRGEVWNYLCLESEIPEAGDFRTTFAGETPIVVVRDADQEIYAFEN
RCAHRGALIALEKSGRTDSFQCVYHAWSYNRQGDLTGVAFEKGVKGQGGMPASFCKEEHGPRKLRVAVFCGLVFGSFSED
VPSIEDYLGPEICERIERVLHKPVEVIGRFTQKLPNNWKLYFENVKDSYHASLLHMFFTTFELNRLSQKGGVIVDESGGH
HVSYSMIDRSAKDDSYKDQAIRSDNERYRLKDPSLLEGFEEFEDGVTLQILSVFPGFVLQQIQNSIAVRQLLPKSISSSE
LNWTYLGYADDSAEQRKVRLKQANLIGPAGFISMEDGAVGGFVQRGIAGAANLDAVIEMGGDHEGSSEGRATETSVRGFW
KAYRKHMGQEMQA
;
A,C,E
2 'polypeptide(L)'
;MIHEIQIAAFNAAYAKTIDSDVMEQWPTFFTKDCHYRVTNVDNHAEGLAAGIVWADSQDMLTDRISALREANIYERHRYR
HILGLPSIQSADATQASASTPFLVLRIMHTGETEVFASGEYHDKFTTIDGKLRLQERVAVCDSTVTDTLMSLPL
;
B,D,F
#
loop_
_chem_comp.id
_chem_comp.type
_chem_comp.name
_chem_comp.formula
FE2 non-polymer 'FE (II) ION' 'Fe 2'
FES non-polymer 'FE2/S2 (INORGANIC) CLUSTER' 'Fe2 S2'
GOL non-polymer GLYCEROL 'C3 H8 O3'
PEG non-polymer DI(HYDROXYETHYL)ETHER 'C4 H10 O3'
PG4 non-polymer 'TETRAETHYLENE GLYCOL' 'C8 H18 O5'
PO4 non-polymer 'PHOSPHATE ION' 'O4 P -3'
#
# COMPACT_ATOMS: atom_id res chain seq x y z
N SER A 4 -25.93 2.98 15.98
CA SER A 4 -26.76 4.14 15.45
C SER A 4 -26.66 4.23 13.92
N ILE A 5 -25.45 4.25 13.34
CA ILE A 5 -25.33 3.99 11.90
C ILE A 5 -25.75 2.53 11.63
N ILE A 6 -25.86 1.64 12.65
CA ILE A 6 -26.31 0.27 12.42
C ILE A 6 -27.72 -0.06 12.97
N GLN A 7 -28.49 0.96 13.37
CA GLN A 7 -29.86 0.80 13.84
C GLN A 7 -30.80 0.44 12.69
N TRP A 8 -31.54 -0.67 12.80
CA TRP A 8 -32.52 -1.02 11.78
C TRP A 8 -33.73 -0.12 11.90
N HIS A 9 -34.47 0.05 10.81
CA HIS A 9 -35.52 1.06 10.77
C HIS A 9 -36.86 0.44 11.20
N GLY A 10 -36.89 -0.88 11.33
CA GLY A 10 -38.12 -1.59 11.66
C GLY A 10 -37.86 -3.09 11.65
N ALA A 11 -38.91 -3.91 11.73
CA ALA A 11 -38.73 -5.35 11.77
C ALA A 11 -38.66 -5.90 10.35
N THR A 12 -39.18 -5.08 9.43
CA THR A 12 -39.09 -5.21 7.98
C THR A 12 -37.64 -5.16 7.48
N ASN A 13 -37.43 -5.84 6.36
CA ASN A 13 -36.13 -5.88 5.73
C ASN A 13 -36.18 -5.09 4.44
N THR A 14 -37.07 -4.10 4.38
CA THR A 14 -37.24 -3.26 3.21
C THR A 14 -36.32 -2.06 3.34
N ARG A 15 -35.75 -1.81 4.53
CA ARG A 15 -34.76 -0.76 4.72
C ARG A 15 -33.48 -1.36 5.31
N VAL A 16 -32.30 -1.08 4.75
CA VAL A 16 -31.09 -1.65 5.34
C VAL A 16 -30.25 -0.46 5.76
N PRO A 17 -29.72 -0.37 6.99
CA PRO A 17 -28.91 0.83 7.34
C PRO A 17 -27.53 0.70 6.68
N PHE A 18 -27.09 1.77 5.98
CA PHE A 18 -25.87 1.80 5.20
C PHE A 18 -24.67 1.64 6.12
N GLY A 19 -24.83 1.98 7.41
CA GLY A 19 -23.73 1.76 8.35
C GLY A 19 -23.34 0.28 8.56
N ILE A 20 -24.22 -0.67 8.15
CA ILE A 20 -23.92 -2.09 8.35
C ILE A 20 -22.72 -2.52 7.50
N TYR A 21 -22.40 -1.77 6.43
CA TYR A 21 -21.30 -2.03 5.50
C TYR A 21 -19.97 -1.39 5.97
N THR A 22 -19.98 -0.55 7.03
CA THR A 22 -18.76 0.16 7.41
C THR A 22 -18.44 0.07 8.90
N ASP A 23 -19.40 -0.39 9.72
CA ASP A 23 -19.16 -0.38 11.17
C ASP A 23 -18.28 -1.57 11.63
N THR A 24 -17.13 -1.28 12.20
CA THR A 24 -16.11 -2.29 12.40
C THR A 24 -16.42 -3.09 13.67
N ALA A 25 -17.05 -2.47 14.67
CA ALA A 25 -17.53 -3.28 15.80
C ALA A 25 -18.55 -4.33 15.32
N ASN A 26 -19.45 -3.91 14.45
CA ASN A 26 -20.44 -4.85 13.92
C ASN A 26 -19.76 -5.99 13.15
N ALA A 27 -18.63 -5.73 12.42
CA ALA A 27 -17.93 -6.77 11.66
C ALA A 27 -17.29 -7.79 12.62
N ASP A 28 -16.72 -7.31 13.70
CA ASP A 28 -16.29 -8.23 14.76
C ASP A 28 -17.43 -9.12 15.25
N GLN A 29 -18.63 -8.57 15.40
CA GLN A 29 -19.77 -9.35 15.82
C GLN A 29 -20.12 -10.39 14.76
N GLU A 30 -20.04 -10.01 13.47
CA GLU A 30 -20.21 -10.98 12.39
C GLU A 30 -19.26 -12.17 12.55
N GLN A 31 -18.01 -11.92 12.89
CA GLN A 31 -17.06 -13.00 13.04
C GLN A 31 -17.56 -14.00 14.11
N GLN A 32 -18.12 -13.51 15.22
CA GLN A 32 -18.54 -14.27 16.39
C GLN A 32 -19.87 -14.99 16.13
N ARG A 33 -20.82 -14.25 15.58
CA ARG A 33 -22.17 -14.77 15.53
C ARG A 33 -22.48 -15.43 14.19
N ILE A 34 -21.75 -15.09 13.10
CA ILE A 34 -22.01 -15.74 11.82
C ILE A 34 -20.88 -16.74 11.57
N TYR A 35 -19.69 -16.23 11.23
CA TYR A 35 -18.65 -17.16 10.81
C TYR A 35 -18.42 -18.26 11.84
N ARG A 36 -18.31 -17.91 13.13
CA ARG A 36 -18.02 -18.88 14.17
C ARG A 36 -19.32 -19.29 14.93
N GLY A 37 -20.49 -18.98 14.34
CA GLY A 37 -21.76 -19.36 14.92
C GLY A 37 -22.39 -20.52 14.17
N GLU A 38 -23.72 -20.53 14.18
CA GLU A 38 -24.51 -21.67 13.69
C GLU A 38 -24.60 -21.63 12.16
N VAL A 39 -23.43 -21.73 11.51
CA VAL A 39 -23.48 -21.76 10.06
C VAL A 39 -22.59 -22.88 9.60
N TRP A 40 -22.63 -23.14 8.29
CA TRP A 40 -21.66 -23.98 7.60
C TRP A 40 -20.89 -23.11 6.61
N ASN A 41 -19.58 -23.04 6.81
CA ASN A 41 -18.64 -22.37 5.94
C ASN A 41 -18.09 -23.36 4.91
N TYR A 42 -18.09 -22.94 3.64
CA TYR A 42 -17.51 -23.77 2.59
C TYR A 42 -15.97 -23.76 2.72
N LEU A 43 -15.36 -24.95 2.70
CA LEU A 43 -13.90 -25.09 2.75
C LEU A 43 -13.31 -25.41 1.38
N CYS A 44 -13.76 -26.50 0.75
CA CYS A 44 -13.18 -27.04 -0.49
C CYS A 44 -13.96 -28.28 -0.99
N LEU A 45 -13.61 -28.79 -2.19
CA LEU A 45 -14.23 -30.02 -2.70
C LEU A 45 -13.51 -31.25 -2.15
N GLU A 46 -14.26 -32.31 -1.83
CA GLU A 46 -13.59 -33.55 -1.38
C GLU A 46 -12.61 -34.04 -2.43
N SER A 47 -12.88 -33.77 -3.71
CA SER A 47 -11.97 -34.31 -4.71
C SER A 47 -10.62 -33.59 -4.74
N GLU A 48 -10.53 -32.40 -4.11
CA GLU A 48 -9.28 -31.62 -4.08
C GLU A 48 -8.34 -32.16 -3.01
N ILE A 49 -8.89 -32.91 -2.04
CA ILE A 49 -8.08 -33.58 -1.04
C ILE A 49 -8.37 -35.10 -1.06
N PRO A 50 -8.01 -35.85 -2.15
CA PRO A 50 -8.50 -37.22 -2.32
C PRO A 50 -7.75 -38.33 -1.55
N GLU A 51 -6.50 -38.09 -1.13
CA GLU A 51 -5.70 -39.12 -0.44
C GLU A 51 -5.45 -38.77 1.02
N ALA A 52 -5.37 -39.83 1.85
CA ALA A 52 -4.93 -39.71 3.23
C ALA A 52 -3.74 -38.74 3.35
N GLY A 53 -3.92 -37.73 4.21
CA GLY A 53 -2.88 -36.80 4.57
C GLY A 53 -2.87 -35.55 3.70
N ASP A 54 -3.65 -35.55 2.62
CA ASP A 54 -3.75 -34.38 1.77
C ASP A 54 -4.47 -33.28 2.51
N PHE A 55 -3.93 -32.06 2.49
CA PHE A 55 -4.66 -30.99 3.16
C PHE A 55 -4.63 -29.68 2.38
N ARG A 56 -5.59 -28.79 2.71
CA ARG A 56 -5.59 -27.41 2.25
C ARG A 56 -5.84 -26.46 3.42
N THR A 57 -5.29 -25.22 3.29
CA THR A 57 -5.54 -24.14 4.24
C THR A 57 -6.53 -23.14 3.63
N THR A 58 -7.47 -22.61 4.45
CA THR A 58 -8.45 -21.68 3.89
C THR A 58 -8.93 -20.82 5.04
N PHE A 59 -10.07 -20.16 4.92
CA PHE A 59 -10.64 -19.42 6.06
C PHE A 59 -12.12 -19.77 6.29
N ALA A 60 -12.56 -19.63 7.54
CA ALA A 60 -13.97 -19.43 7.84
C ALA A 60 -14.08 -18.00 8.36
N GLY A 61 -14.72 -17.12 7.60
CA GLY A 61 -14.65 -15.74 8.00
C GLY A 61 -13.17 -15.32 8.04
N GLU A 62 -12.74 -14.73 9.14
CA GLU A 62 -11.39 -14.18 9.28
C GLU A 62 -10.48 -15.26 9.88
N THR A 63 -11.07 -16.40 10.32
CA THR A 63 -10.36 -17.41 11.07
C THR A 63 -9.74 -18.42 10.12
N PRO A 64 -8.39 -18.58 10.19
CA PRO A 64 -7.62 -19.48 9.31
C PRO A 64 -7.97 -20.91 9.75
N ILE A 65 -8.12 -21.82 8.75
CA ILE A 65 -8.58 -23.18 8.88
C ILE A 65 -7.63 -24.15 8.14
N VAL A 66 -7.49 -25.36 8.69
CA VAL A 66 -6.85 -26.47 8.00
C VAL A 66 -7.93 -27.54 7.72
N VAL A 67 -7.97 -28.07 6.49
CA VAL A 67 -8.91 -29.14 6.15
C VAL A 67 -8.09 -30.29 5.56
N VAL A 68 -8.30 -31.50 6.11
CA VAL A 68 -7.37 -32.60 5.87
C VAL A 68 -8.11 -33.93 5.75
N ARG A 69 -7.63 -34.78 4.82
CA ARG A 69 -8.14 -36.15 4.67
C ARG A 69 -7.29 -37.10 5.53
N ASP A 70 -7.97 -37.98 6.29
CA ASP A 70 -7.34 -39.07 7.06
C ASP A 70 -7.53 -40.46 6.41
N ALA A 71 -6.87 -41.46 7.01
CA ALA A 71 -6.75 -42.78 6.41
C ALA A 71 -8.10 -43.51 6.33
N ASP A 72 -9.02 -43.23 7.28
CA ASP A 72 -10.35 -43.81 7.32
C ASP A 72 -11.27 -43.24 6.21
N GLN A 73 -10.70 -42.52 5.24
CA GLN A 73 -11.48 -41.87 4.19
C GLN A 73 -12.21 -40.61 4.73
N GLU A 74 -12.15 -40.33 6.04
CA GLU A 74 -12.84 -39.14 6.53
C GLU A 74 -12.00 -37.86 6.38
N ILE A 75 -12.69 -36.70 6.45
CA ILE A 75 -12.21 -35.33 6.34
C ILE A 75 -12.45 -34.58 7.66
N TYR A 76 -11.40 -33.91 8.15
CA TYR A 76 -11.33 -33.23 9.43
C TYR A 76 -10.88 -31.80 9.17
N ALA A 77 -11.31 -30.87 10.01
CA ALA A 77 -10.97 -29.45 9.90
C ALA A 77 -10.77 -28.88 11.31
N PHE A 78 -9.75 -28.04 11.44
CA PHE A 78 -9.41 -27.38 12.69
C PHE A 78 -8.81 -26.01 12.37
N GLU A 79 -8.92 -25.10 13.34
CA GLU A 79 -8.33 -23.76 13.30
C GLU A 79 -6.82 -23.87 13.08
N ASN A 80 -6.28 -23.03 12.17
CA ASN A 80 -4.85 -22.98 11.86
C ASN A 80 -4.10 -22.13 12.90
N ARG A 81 -4.09 -22.60 14.17
CA ARG A 81 -3.53 -21.82 15.24
C ARG A 81 -2.89 -22.81 16.24
N CYS A 82 -1.57 -22.67 16.44
CA CYS A 82 -0.86 -23.51 17.37
C CYS A 82 -1.30 -23.17 18.79
N ALA A 83 -1.49 -24.24 19.55
CA ALA A 83 -2.10 -24.06 20.87
C ALA A 83 -1.02 -23.60 21.85
N HIS A 84 0.22 -23.39 21.37
CA HIS A 84 1.24 -22.82 22.24
C HIS A 84 1.18 -21.29 22.28
N ARG A 85 1.77 -20.63 21.25
CA ARG A 85 1.82 -19.17 21.27
C ARG A 85 1.10 -18.58 20.06
N GLY A 86 0.44 -19.40 19.24
CA GLY A 86 -0.50 -18.79 18.30
C GLY A 86 -0.14 -18.85 16.81
N ALA A 87 1.07 -19.32 16.46
CA ALA A 87 1.56 -19.36 15.10
C ALA A 87 0.59 -20.14 14.22
N LEU A 88 0.39 -19.68 13.00
CA LEU A 88 -0.14 -20.59 12.00
C LEU A 88 0.54 -21.97 12.09
N ILE A 89 -0.26 -23.05 12.01
CA ILE A 89 0.29 -24.41 11.95
C ILE A 89 0.76 -24.77 10.54
N ALA A 90 -0.18 -24.81 9.59
CA ALA A 90 0.23 -25.12 8.27
C ALA A 90 0.40 -23.83 7.49
N LEU A 91 1.51 -23.73 6.78
CA LEU A 91 1.90 -22.57 5.99
C LEU A 91 1.71 -22.79 4.50
N GLU A 92 1.30 -23.96 4.04
CA GLU A 92 1.19 -24.13 2.60
C GLU A 92 -0.29 -23.99 2.24
N LYS A 93 -0.60 -23.55 1.00
CA LYS A 93 -1.99 -23.52 0.54
C LYS A 93 -2.53 -24.94 0.42
N SER A 94 -1.65 -25.87 0.05
CA SER A 94 -2.08 -27.26 -0.04
C SER A 94 -0.82 -28.10 0.08
N GLY A 95 -0.98 -29.32 0.62
CA GLY A 95 0.09 -30.31 0.64
C GLY A 95 -0.36 -31.66 1.16
N ARG A 96 0.59 -32.46 1.64
CA ARG A 96 0.30 -33.80 2.12
C ARG A 96 1.16 -34.12 3.33
N THR A 97 0.57 -34.61 4.41
CA THR A 97 1.50 -34.83 5.51
C THR A 97 1.00 -35.98 6.38
N ASP A 98 1.88 -36.50 7.27
CA ASP A 98 1.45 -37.40 8.36
C ASP A 98 0.92 -36.59 9.54
N SER A 99 1.81 -35.86 10.20
CA SER A 99 1.42 -35.04 11.33
C SER A 99 1.61 -33.57 10.92
N PHE A 100 0.89 -32.67 11.59
CA PHE A 100 1.21 -31.25 11.47
C PHE A 100 2.27 -30.88 12.49
N GLN A 101 3.24 -30.09 12.10
CA GLN A 101 4.17 -29.66 13.12
C GLN A 101 4.37 -28.13 13.06
N CYS A 102 4.21 -27.44 14.20
CA CYS A 102 4.37 -26.01 14.19
C CYS A 102 5.82 -25.67 13.90
N VAL A 103 6.13 -24.74 12.98
CA VAL A 103 7.54 -24.45 12.74
C VAL A 103 8.18 -23.71 13.92
N TYR A 104 7.36 -23.19 14.86
CA TYR A 104 7.98 -22.30 15.83
C TYR A 104 8.81 -23.04 16.90
N HIS A 105 8.19 -24.01 17.60
CA HIS A 105 8.78 -24.78 18.69
C HIS A 105 8.36 -26.23 18.50
N ALA A 106 7.96 -26.58 17.28
CA ALA A 106 7.76 -27.95 16.82
C ALA A 106 6.71 -28.68 17.65
N TRP A 107 5.65 -28.03 18.12
CA TRP A 107 4.61 -28.84 18.71
C TRP A 107 3.96 -29.59 17.53
N SER A 108 3.38 -30.76 17.78
CA SER A 108 2.88 -31.47 16.63
C SER A 108 1.43 -31.89 16.87
N TYR A 109 0.67 -31.99 15.78
CA TYR A 109 -0.76 -32.27 15.88
C TYR A 109 -1.07 -33.40 14.92
N ASN A 110 -2.08 -34.21 15.28
CA ASN A 110 -2.57 -35.20 14.34
C ASN A 110 -3.54 -34.54 13.33
N ARG A 111 -4.06 -35.33 12.40
CA ARG A 111 -4.89 -34.79 11.35
C ARG A 111 -6.27 -34.42 11.89
N GLN A 112 -6.52 -34.64 13.19
CA GLN A 112 -7.75 -34.18 13.82
C GLN A 112 -7.52 -32.81 14.45
N GLY A 113 -6.26 -32.44 14.64
CA GLY A 113 -5.98 -31.22 15.36
C GLY A 113 -5.74 -31.40 16.86
N ASP A 114 -5.62 -32.64 17.36
CA ASP A 114 -5.22 -32.80 18.75
C ASP A 114 -3.72 -32.58 18.82
N LEU A 115 -3.30 -32.04 19.96
CA LEU A 115 -1.89 -31.88 20.25
C LEU A 115 -1.35 -33.25 20.63
N THR A 116 -0.30 -33.61 19.91
CA THR A 116 0.31 -34.93 19.88
C THR A 116 1.65 -34.92 20.63
N GLY A 117 2.38 -33.79 20.53
CA GLY A 117 3.74 -33.71 21.01
C GLY A 117 4.11 -32.27 21.29
N VAL A 118 4.84 -32.07 22.38
CA VAL A 118 5.37 -30.81 22.83
C VAL A 118 6.89 -30.98 22.85
N ALA A 119 7.62 -30.19 22.06
CA ALA A 119 9.07 -30.28 22.14
C ALA A 119 9.58 -29.99 23.55
N PHE A 120 10.39 -30.93 24.06
CA PHE A 120 11.13 -30.83 25.32
C PHE A 120 10.14 -30.77 26.47
N GLU A 121 9.01 -31.44 26.31
CA GLU A 121 8.02 -31.35 27.37
C GLU A 121 8.64 -31.77 28.70
N LYS A 122 9.59 -32.73 28.64
CA LYS A 122 10.15 -33.22 29.89
C LYS A 122 11.59 -32.73 30.02
N GLY A 123 11.87 -31.54 29.48
CA GLY A 123 13.19 -30.91 29.51
C GLY A 123 14.15 -31.50 28.47
N VAL A 124 15.38 -30.97 28.43
CA VAL A 124 16.51 -31.64 27.81
C VAL A 124 17.58 -31.81 28.88
N LYS A 125 18.21 -33.00 28.85
CA LYS A 125 19.21 -33.40 29.84
C LYS A 125 18.70 -33.14 31.24
N GLY A 126 17.42 -33.52 31.49
CA GLY A 126 16.68 -33.25 32.72
C GLY A 126 16.51 -31.78 33.10
N GLN A 127 16.85 -30.82 32.21
CA GLN A 127 16.71 -29.40 32.56
C GLN A 127 15.53 -28.79 31.81
N GLY A 128 14.80 -27.91 32.53
CA GLY A 128 13.60 -27.26 32.04
C GLY A 128 12.45 -28.20 31.65
N GLY A 129 11.69 -27.79 30.65
CA GLY A 129 10.48 -28.49 30.26
C GLY A 129 9.26 -27.99 31.03
N MET A 130 8.17 -28.70 30.85
CA MET A 130 6.88 -28.32 31.38
C MET A 130 6.79 -28.69 32.85
N PRO A 131 5.84 -28.07 33.59
CA PRO A 131 5.49 -28.48 34.95
C PRO A 131 4.73 -29.81 34.92
N ALA A 132 4.85 -30.60 36.00
CA ALA A 132 4.16 -31.89 36.12
C ALA A 132 2.65 -31.68 35.94
N SER A 133 2.15 -30.52 36.32
CA SER A 133 0.72 -30.26 36.14
C SER A 133 0.35 -30.03 34.66
N PHE A 134 1.32 -29.83 33.73
CA PHE A 134 0.92 -29.58 32.34
C PHE A 134 0.26 -30.82 31.75
N CYS A 135 -0.76 -30.67 30.89
CA CYS A 135 -1.41 -31.82 30.24
C CYS A 135 -1.76 -31.47 28.78
N LYS A 136 -1.16 -32.20 27.84
CA LYS A 136 -1.29 -31.98 26.39
C LYS A 136 -2.75 -31.96 25.96
N GLU A 137 -3.47 -32.99 26.37
CA GLU A 137 -4.90 -33.20 26.15
C GLU A 137 -5.72 -31.94 26.38
N GLU A 138 -5.21 -31.00 27.19
CA GLU A 138 -5.97 -29.83 27.60
C GLU A 138 -5.74 -28.65 26.64
N HIS A 139 -4.93 -28.81 25.59
CA HIS A 139 -4.62 -27.69 24.70
C HIS A 139 -4.70 -28.15 23.26
N GLY A 140 -5.41 -27.38 22.46
CA GLY A 140 -5.41 -27.62 21.05
C GLY A 140 -6.15 -26.48 20.39
N PRO A 141 -6.03 -26.31 19.05
CA PRO A 141 -6.90 -25.37 18.33
C PRO A 141 -8.35 -25.87 18.28
N ARG A 142 -9.31 -24.94 18.20
CA ARG A 142 -10.72 -25.27 17.95
C ARG A 142 -10.86 -26.13 16.69
N LYS A 143 -11.63 -27.18 16.88
CA LYS A 143 -11.88 -28.19 15.88
C LYS A 143 -13.25 -27.91 15.31
N LEU A 144 -13.42 -28.11 14.00
CA LEU A 144 -14.71 -27.86 13.40
C LEU A 144 -15.51 -29.15 13.27
N ARG A 145 -16.85 -29.05 13.27
CA ARG A 145 -17.65 -30.13 12.67
C ARG A 145 -17.46 -30.10 11.15
N VAL A 146 -17.36 -31.26 10.51
CA VAL A 146 -17.29 -31.29 9.06
C VAL A 146 -18.51 -32.03 8.53
N ALA A 147 -19.08 -31.49 7.45
CA ALA A 147 -20.18 -32.06 6.69
C ALA A 147 -19.74 -32.07 5.24
N VAL A 148 -20.13 -33.11 4.51
CA VAL A 148 -19.77 -33.26 3.11
C VAL A 148 -21.09 -33.49 2.39
N PHE A 149 -21.35 -32.66 1.40
CA PHE A 149 -22.58 -32.84 0.66
C PHE A 149 -22.27 -32.73 -0.83
N CYS A 150 -22.36 -33.88 -1.52
CA CYS A 150 -22.12 -33.98 -2.94
C CYS A 150 -20.71 -33.50 -3.27
N GLY A 151 -19.78 -33.88 -2.37
CA GLY A 151 -18.38 -33.55 -2.56
C GLY A 151 -18.02 -32.17 -1.99
N LEU A 152 -19.01 -31.27 -1.70
CA LEU A 152 -18.74 -29.97 -1.05
C LEU A 152 -18.38 -30.22 0.41
N VAL A 153 -17.17 -29.76 0.83
CA VAL A 153 -16.76 -29.88 2.23
C VAL A 153 -17.08 -28.57 2.98
N PHE A 154 -17.92 -28.67 4.00
CA PHE A 154 -18.26 -27.52 4.83
C PHE A 154 -17.75 -27.74 6.24
N GLY A 155 -17.57 -26.62 6.93
CA GLY A 155 -17.15 -26.67 8.32
C GLY A 155 -17.96 -25.68 9.17
N SER A 156 -18.18 -26.06 10.43
CA SER A 156 -18.82 -25.19 11.38
C SER A 156 -18.05 -25.26 12.70
N PHE A 157 -17.96 -24.14 13.40
CA PHE A 157 -17.49 -24.19 14.78
C PHE A 157 -18.57 -24.63 15.79
N SER A 158 -19.86 -24.54 15.47
CA SER A 158 -20.93 -24.68 16.46
C SER A 158 -21.42 -26.13 16.57
N GLU A 159 -21.54 -26.57 17.82
CA GLU A 159 -22.09 -27.86 18.17
C GLU A 159 -23.57 -27.94 17.75
N ASP A 160 -24.20 -26.78 17.61
CA ASP A 160 -25.65 -26.69 17.55
C ASP A 160 -26.13 -26.43 16.12
N VAL A 161 -25.22 -26.16 15.18
CA VAL A 161 -25.68 -25.97 13.81
C VAL A 161 -26.45 -27.22 13.38
N PRO A 162 -27.58 -27.10 12.63
CA PRO A 162 -28.27 -28.27 12.08
C PRO A 162 -27.34 -29.05 11.14
N SER A 163 -27.69 -30.32 10.88
CA SER A 163 -27.00 -31.11 9.88
C SER A 163 -27.07 -30.36 8.54
N ILE A 164 -26.22 -30.75 7.58
CA ILE A 164 -26.08 -29.98 6.35
C ILE A 164 -27.39 -29.98 5.56
N GLU A 165 -28.03 -31.16 5.47
CA GLU A 165 -29.25 -31.32 4.68
C GLU A 165 -30.35 -30.43 5.29
N ASP A 166 -30.42 -30.42 6.62
CA ASP A 166 -31.40 -29.62 7.32
C ASP A 166 -31.06 -28.13 7.18
N TYR A 167 -29.75 -27.79 7.18
CA TYR A 167 -29.36 -26.39 7.02
C TYR A 167 -29.71 -25.94 5.62
N LEU A 168 -29.43 -26.80 4.64
CA LEU A 168 -29.74 -26.40 3.26
C LEU A 168 -31.24 -26.30 2.98
N GLY A 169 -32.05 -27.17 3.63
CA GLY A 169 -33.42 -27.32 3.14
C GLY A 169 -33.52 -28.19 1.88
N PRO A 170 -34.69 -28.84 1.63
CA PRO A 170 -34.83 -29.79 0.55
C PRO A 170 -34.68 -29.18 -0.86
N GLU A 171 -35.19 -27.98 -1.07
CA GLU A 171 -35.12 -27.37 -2.37
C GLU A 171 -33.64 -27.13 -2.76
N ILE A 172 -32.85 -26.65 -1.79
CA ILE A 172 -31.45 -26.38 -2.10
C ILE A 172 -30.72 -27.68 -2.42
N CYS A 173 -30.98 -28.73 -1.61
CA CYS A 173 -30.26 -30.01 -1.71
C CYS A 173 -30.40 -30.63 -3.09
N GLU A 174 -31.62 -30.57 -3.62
CA GLU A 174 -31.87 -31.15 -4.93
C GLU A 174 -31.28 -30.28 -6.05
N ARG A 175 -31.26 -28.95 -5.89
CA ARG A 175 -30.61 -28.12 -6.89
C ARG A 175 -29.08 -28.35 -6.91
N ILE A 176 -28.49 -28.62 -5.74
CA ILE A 176 -27.07 -28.99 -5.66
C ILE A 176 -26.84 -30.37 -6.28
N GLU A 177 -27.70 -31.35 -5.93
CA GLU A 177 -27.63 -32.72 -6.45
C GLU A 177 -27.77 -32.73 -7.97
N ARG A 178 -28.58 -31.82 -8.52
CA ARG A 178 -28.72 -31.76 -9.96
C ARG A 178 -27.41 -31.35 -10.65
N VAL A 179 -26.63 -30.44 -10.04
CA VAL A 179 -25.38 -30.08 -10.72
C VAL A 179 -24.28 -31.06 -10.35
N LEU A 180 -24.13 -31.37 -9.05
CA LEU A 180 -23.03 -32.23 -8.65
C LEU A 180 -23.53 -33.68 -8.57
N HIS A 181 -23.79 -34.31 -9.74
CA HIS A 181 -24.39 -35.65 -9.81
C HIS A 181 -23.36 -36.73 -10.15
N LYS A 182 -22.28 -36.35 -10.84
CA LYS A 182 -21.23 -37.30 -11.14
C LYS A 182 -19.89 -36.64 -10.82
N PRO A 183 -18.78 -37.40 -10.75
CA PRO A 183 -17.45 -36.84 -10.46
C PRO A 183 -17.04 -35.57 -11.25
N VAL A 184 -16.49 -34.59 -10.51
CA VAL A 184 -16.08 -33.30 -11.08
C VAL A 184 -14.56 -33.20 -11.06
N GLU A 185 -14.03 -32.28 -11.84
CA GLU A 185 -12.58 -32.12 -11.89
C GLU A 185 -12.28 -30.63 -11.99
N VAL A 186 -11.35 -30.15 -11.16
CA VAL A 186 -11.09 -28.72 -11.17
C VAL A 186 -10.38 -28.33 -12.45
N ILE A 187 -10.77 -27.24 -13.11
CA ILE A 187 -10.11 -26.94 -14.37
C ILE A 187 -9.42 -25.59 -14.33
N GLY A 188 -9.58 -24.86 -13.22
CA GLY A 188 -8.86 -23.61 -12.95
C GLY A 188 -9.32 -23.00 -11.61
N ARG A 189 -8.44 -22.18 -10.99
CA ARG A 189 -8.68 -21.43 -9.77
C ARG A 189 -8.23 -19.99 -10.08
N PHE A 190 -9.06 -19.03 -9.68
CA PHE A 190 -8.70 -17.62 -9.78
C PHE A 190 -9.30 -16.88 -8.60
N THR A 191 -8.56 -15.89 -8.10
CA THR A 191 -9.18 -15.10 -7.06
C THR A 191 -9.43 -13.67 -7.50
N GLN A 192 -10.57 -13.18 -7.09
CA GLN A 192 -10.96 -11.82 -7.39
C GLN A 192 -11.07 -11.06 -6.06
N LYS A 193 -10.19 -10.07 -5.82
CA LYS A 193 -10.33 -9.22 -4.65
C LYS A 193 -11.43 -8.20 -4.90
N LEU A 194 -12.41 -8.06 -3.99
CA LEU A 194 -13.54 -7.17 -4.23
C LEU A 194 -13.35 -5.93 -3.39
N PRO A 195 -13.51 -4.71 -3.96
CA PRO A 195 -13.33 -3.47 -3.19
C PRO A 195 -14.64 -3.15 -2.45
N ASN A 196 -15.18 -4.12 -1.69
CA ASN A 196 -16.39 -3.83 -0.94
C ASN A 196 -16.52 -4.78 0.25
N ASN A 197 -17.42 -4.41 1.16
CA ASN A 197 -17.82 -5.26 2.26
C ASN A 197 -18.39 -6.55 1.66
N TRP A 198 -18.15 -7.68 2.33
CA TRP A 198 -18.56 -8.96 1.75
C TRP A 198 -20.05 -8.96 1.42
N LYS A 199 -20.86 -8.27 2.24
CA LYS A 199 -22.31 -8.43 2.17
C LYS A 199 -22.81 -7.87 0.84
N LEU A 200 -22.14 -6.82 0.33
CA LEU A 200 -22.57 -6.31 -0.98
C LEU A 200 -22.42 -7.35 -2.08
N TYR A 201 -21.31 -8.10 -2.13
CA TYR A 201 -21.24 -9.22 -3.07
C TYR A 201 -22.34 -10.29 -2.81
N PHE A 202 -22.61 -10.61 -1.54
CA PHE A 202 -23.49 -11.76 -1.36
C PHE A 202 -24.93 -11.34 -1.69
N GLU A 203 -25.27 -10.08 -1.37
CA GLU A 203 -26.53 -9.49 -1.82
C GLU A 203 -26.54 -9.53 -3.34
N ASN A 204 -25.45 -9.08 -3.97
CA ASN A 204 -25.43 -9.09 -5.42
C ASN A 204 -25.80 -10.44 -6.06
N VAL A 205 -25.26 -11.55 -5.54
CA VAL A 205 -25.44 -12.80 -6.22
C VAL A 205 -26.91 -13.19 -6.12
N LYS A 206 -27.60 -12.69 -5.10
CA LYS A 206 -28.99 -13.06 -4.84
C LYS A 206 -29.92 -12.10 -5.58
N ASP A 207 -29.34 -11.11 -6.26
CA ASP A 207 -30.14 -9.98 -6.70
C ASP A 207 -30.63 -10.21 -8.12
N SER A 208 -31.76 -10.90 -8.29
CA SER A 208 -32.22 -11.22 -9.63
C SER A 208 -32.62 -9.94 -10.40
N TYR A 209 -33.05 -8.95 -9.65
CA TYR A 209 -33.42 -7.63 -10.18
C TYR A 209 -32.35 -7.06 -11.12
N HIS A 210 -31.04 -7.22 -10.83
CA HIS A 210 -30.04 -6.56 -11.67
C HIS A 210 -29.77 -7.32 -12.99
N ALA A 211 -30.12 -8.62 -13.04
CA ALA A 211 -29.64 -9.59 -14.03
C ALA A 211 -29.55 -9.03 -15.45
N SER A 212 -30.65 -8.47 -15.95
CA SER A 212 -30.62 -8.02 -17.34
C SER A 212 -30.59 -6.50 -17.38
N LEU A 213 -30.33 -5.85 -16.24
CA LEU A 213 -30.19 -4.40 -16.23
C LEU A 213 -28.71 -4.04 -16.22
N LEU A 214 -27.97 -4.63 -15.27
CA LEU A 214 -26.56 -4.33 -15.14
C LEU A 214 -25.79 -4.95 -16.31
N HIS A 215 -26.14 -6.20 -16.67
CA HIS A 215 -25.37 -6.94 -17.64
C HIS A 215 -25.94 -6.77 -19.04
N MET A 216 -25.33 -5.91 -19.87
CA MET A 216 -25.89 -5.63 -21.18
C MET A 216 -25.35 -6.58 -22.24
N PHE A 217 -24.50 -7.55 -21.88
CA PHE A 217 -23.91 -8.42 -22.88
C PHE A 217 -24.97 -9.09 -23.74
N PHE A 218 -26.10 -9.53 -23.16
CA PHE A 218 -26.98 -10.42 -23.90
C PHE A 218 -27.85 -9.67 -24.91
N THR A 219 -28.52 -8.59 -24.48
CA THR A 219 -29.25 -7.75 -25.41
C THR A 219 -28.36 -7.21 -26.54
N THR A 220 -27.04 -7.16 -26.33
CA THR A 220 -26.14 -6.58 -27.32
C THR A 220 -25.82 -7.56 -28.45
N PHE A 221 -25.56 -8.84 -28.12
CA PHE A 221 -25.00 -9.77 -29.09
C PHE A 221 -25.90 -11.00 -29.29
N GLY A 230 -36.72 -15.89 -16.37
CA GLY A 230 -36.40 -15.49 -14.99
C GLY A 230 -37.02 -16.48 -13.98
N GLY A 231 -36.69 -16.32 -12.70
CA GLY A 231 -37.31 -17.06 -11.60
C GLY A 231 -36.37 -17.27 -10.40
N VAL A 232 -36.86 -17.02 -9.16
CA VAL A 232 -36.06 -17.27 -7.97
C VAL A 232 -36.86 -17.99 -6.90
N ILE A 233 -36.14 -18.63 -5.97
CA ILE A 233 -36.64 -19.27 -4.75
C ILE A 233 -35.69 -18.93 -3.60
N VAL A 234 -36.24 -18.72 -2.41
CA VAL A 234 -35.48 -18.47 -1.17
C VAL A 234 -35.69 -19.67 -0.28
N ASP A 235 -34.71 -20.04 0.55
CA ASP A 235 -34.89 -21.12 1.50
C ASP A 235 -35.90 -20.68 2.56
N GLU A 236 -36.31 -21.61 3.42
CA GLU A 236 -36.91 -21.41 4.73
C GLU A 236 -36.36 -20.17 5.47
N SER A 237 -35.02 -20.21 5.73
CA SER A 237 -34.17 -19.29 6.49
C SER A 237 -34.21 -17.87 5.93
N GLY A 238 -34.30 -17.83 4.60
CA GLY A 238 -33.92 -16.70 3.77
C GLY A 238 -32.46 -16.80 3.27
N GLY A 239 -31.60 -17.43 4.12
CA GLY A 239 -30.17 -17.48 3.96
C GLY A 239 -29.66 -17.83 2.55
N HIS A 240 -30.24 -18.89 1.97
CA HIS A 240 -29.93 -19.49 0.70
C HIS A 240 -30.96 -19.07 -0.35
N HIS A 241 -30.60 -19.23 -1.64
CA HIS A 241 -31.48 -18.89 -2.75
C HIS A 241 -31.10 -19.65 -4.01
N VAL A 242 -32.03 -19.73 -4.98
CA VAL A 242 -31.76 -20.22 -6.33
C VAL A 242 -32.30 -19.24 -7.38
N SER A 243 -31.51 -18.98 -8.41
CA SER A 243 -31.96 -18.26 -9.60
C SER A 243 -31.89 -19.24 -10.76
N TYR A 244 -33.00 -19.43 -11.48
CA TYR A 244 -33.05 -20.40 -12.57
C TYR A 244 -33.53 -19.72 -13.87
N SER A 245 -33.03 -20.21 -15.00
CA SER A 245 -33.65 -20.00 -16.30
C SER A 245 -33.89 -21.34 -16.99
N MET A 246 -35.11 -21.45 -17.53
CA MET A 246 -35.60 -22.48 -18.41
C MET A 246 -35.72 -21.85 -19.80
N ARG A 269 -24.38 -10.90 -33.74
CA ARG A 269 -23.32 -10.11 -34.43
C ARG A 269 -21.93 -10.50 -33.91
N LEU A 270 -21.74 -11.77 -33.56
CA LEU A 270 -20.51 -12.29 -32.96
C LEU A 270 -19.65 -12.87 -34.08
N LYS A 271 -18.46 -12.28 -34.30
CA LYS A 271 -17.55 -12.75 -35.33
C LYS A 271 -17.29 -14.24 -35.17
N ASP A 272 -17.23 -14.73 -33.92
CA ASP A 272 -17.09 -16.14 -33.61
C ASP A 272 -18.11 -16.55 -32.53
N PRO A 273 -19.23 -17.22 -32.91
CA PRO A 273 -20.32 -17.44 -31.97
C PRO A 273 -20.16 -18.80 -31.29
N SER A 274 -19.02 -19.47 -31.53
CA SER A 274 -18.69 -20.70 -30.83
C SER A 274 -18.50 -20.42 -29.34
N LEU A 275 -18.31 -19.13 -28.98
CA LEU A 275 -18.33 -18.66 -27.60
C LEU A 275 -19.60 -19.13 -26.88
N LEU A 276 -20.76 -18.98 -27.52
CA LEU A 276 -22.01 -19.31 -26.83
C LEU A 276 -22.54 -20.67 -27.27
N GLU A 277 -21.73 -21.43 -28.02
CA GLU A 277 -22.15 -22.75 -28.47
C GLU A 277 -22.06 -23.75 -27.31
N GLY A 278 -23.11 -24.57 -27.17
CA GLY A 278 -23.31 -25.40 -26.00
C GLY A 278 -23.72 -26.81 -26.38
N PHE A 279 -24.16 -27.58 -25.39
CA PHE A 279 -24.61 -28.94 -25.66
C PHE A 279 -25.49 -29.37 -24.48
N GLU A 280 -26.42 -30.29 -24.75
CA GLU A 280 -27.38 -30.69 -23.74
C GLU A 280 -26.68 -31.67 -22.79
N GLU A 281 -26.91 -31.51 -21.48
CA GLU A 281 -26.28 -32.38 -20.49
C GLU A 281 -27.15 -32.48 -19.24
N PHE A 282 -28.09 -31.53 -19.11
CA PHE A 282 -29.04 -31.63 -18.03
C PHE A 282 -30.40 -31.92 -18.64
N GLU A 283 -30.98 -33.06 -18.22
CA GLU A 283 -32.21 -33.53 -18.83
C GLU A 283 -33.40 -32.74 -18.30
N ASP A 284 -33.29 -31.40 -18.22
CA ASP A 284 -34.39 -30.55 -17.74
C ASP A 284 -34.49 -29.22 -18.51
N GLY A 285 -33.54 -28.92 -19.41
CA GLY A 285 -33.58 -27.66 -20.13
C GLY A 285 -33.24 -26.40 -19.30
N VAL A 286 -33.02 -26.52 -17.97
CA VAL A 286 -32.58 -25.40 -17.14
C VAL A 286 -31.23 -24.93 -17.69
N THR A 287 -31.16 -23.76 -18.33
CA THR A 287 -29.88 -23.29 -18.86
C THR A 287 -29.03 -22.42 -17.91
N LEU A 288 -29.62 -21.86 -16.84
CA LEU A 288 -28.92 -21.07 -15.83
C LEU A 288 -29.44 -21.44 -14.46
N GLN A 289 -28.58 -22.00 -13.58
CA GLN A 289 -28.85 -22.24 -12.16
C GLN A 289 -27.75 -21.63 -11.28
N ILE A 290 -28.11 -20.56 -10.56
CA ILE A 290 -27.24 -19.91 -9.60
C ILE A 290 -27.85 -20.08 -8.23
N LEU A 291 -27.01 -20.56 -7.31
CA LEU A 291 -27.47 -20.99 -6.01
C LEU A 291 -26.44 -20.51 -4.95
N SER A 292 -26.94 -19.94 -3.85
CA SER A 292 -26.12 -19.39 -2.78
C SER A 292 -26.49 -20.04 -1.45
N VAL A 293 -25.48 -20.17 -0.57
CA VAL A 293 -25.62 -20.80 0.73
C VAL A 293 -24.93 -19.91 1.74
N PHE A 294 -25.73 -19.35 2.62
CA PHE A 294 -25.27 -18.45 3.67
C PHE A 294 -24.12 -19.08 4.45
N PRO A 295 -23.03 -18.33 4.76
CA PRO A 295 -22.94 -16.92 4.41
C PRO A 295 -21.97 -16.57 3.28
N GLY A 296 -21.60 -17.54 2.41
CA GLY A 296 -20.68 -17.17 1.35
C GLY A 296 -20.27 -18.26 0.36
N PHE A 297 -21.16 -19.18 0.08
CA PHE A 297 -20.91 -20.19 -0.95
C PHE A 297 -21.84 -19.94 -2.15
N VAL A 298 -21.30 -20.04 -3.38
CA VAL A 298 -22.15 -20.01 -4.56
C VAL A 298 -21.86 -21.28 -5.35
N LEU A 299 -22.88 -21.92 -5.93
CA LEU A 299 -22.68 -22.95 -6.95
C LEU A 299 -23.40 -22.47 -8.22
N GLN A 300 -22.68 -22.43 -9.34
CA GLN A 300 -23.27 -21.86 -10.55
C GLN A 300 -23.18 -22.82 -11.75
N GLN A 301 -24.21 -22.78 -12.58
CA GLN A 301 -24.25 -23.47 -13.88
C GLN A 301 -24.80 -22.46 -14.85
N ILE A 302 -23.96 -21.96 -15.76
CA ILE A 302 -24.45 -21.07 -16.80
C ILE A 302 -24.16 -21.76 -18.12
N GLN A 303 -25.20 -22.31 -18.77
CA GLN A 303 -25.09 -23.29 -19.85
C GLN A 303 -24.18 -24.45 -19.43
N ASN A 304 -22.96 -24.51 -19.99
CA ASN A 304 -22.04 -25.59 -19.69
C ASN A 304 -20.93 -25.09 -18.74
N SER A 305 -20.99 -23.82 -18.33
CA SER A 305 -19.98 -23.27 -17.44
C SER A 305 -20.38 -23.51 -15.98
N ILE A 306 -19.66 -24.44 -15.31
CA ILE A 306 -19.87 -24.86 -13.92
C ILE A 306 -18.73 -24.26 -13.06
N ALA A 307 -19.10 -23.71 -11.89
CA ALA A 307 -18.15 -23.10 -10.99
C ALA A 307 -18.73 -23.09 -9.59
N VAL A 308 -17.79 -23.11 -8.64
CA VAL A 308 -18.06 -22.83 -7.26
C VAL A 308 -17.34 -21.52 -6.88
N ARG A 309 -17.95 -20.76 -5.96
CA ARG A 309 -17.39 -19.52 -5.46
C ARG A 309 -17.38 -19.59 -3.94
N GLN A 310 -16.28 -19.16 -3.29
CA GLN A 310 -16.21 -19.00 -1.86
C GLN A 310 -16.00 -17.50 -1.58
N LEU A 311 -16.83 -16.90 -0.72
CA LEU A 311 -16.75 -15.50 -0.45
C LEU A 311 -16.25 -15.29 0.97
N LEU A 312 -15.17 -14.52 1.10
CA LEU A 312 -14.54 -14.38 2.41
C LEU A 312 -14.42 -12.89 2.69
N PRO A 313 -14.75 -12.44 3.93
CA PRO A 313 -14.58 -11.03 4.29
C PRO A 313 -13.09 -10.86 4.58
N LYS A 314 -12.56 -9.66 4.31
CA LYS A 314 -11.20 -9.32 4.66
C LYS A 314 -11.23 -8.10 5.57
N SER A 315 -11.28 -6.89 5.04
CA SER A 315 -11.46 -5.79 5.95
C SER A 315 -12.91 -5.30 5.84
N ILE A 316 -13.26 -4.22 6.55
CA ILE A 316 -14.60 -3.68 6.52
C ILE A 316 -15.09 -3.35 5.09
N SER A 317 -14.18 -2.84 4.25
CA SER A 317 -14.49 -2.45 2.88
C SER A 317 -13.80 -3.32 1.82
N SER A 318 -13.42 -4.58 2.10
CA SER A 318 -12.86 -5.41 1.04
C SER A 318 -13.20 -6.86 1.31
N SER A 319 -13.27 -7.69 0.26
CA SER A 319 -13.54 -9.10 0.46
C SER A 319 -12.87 -9.85 -0.68
N GLU A 320 -12.99 -11.16 -0.66
CA GLU A 320 -12.23 -11.97 -1.59
C GLU A 320 -13.16 -13.04 -2.14
N LEU A 321 -13.17 -13.16 -3.47
CA LEU A 321 -14.04 -14.11 -4.15
C LEU A 321 -13.16 -15.19 -4.81
N ASN A 322 -13.15 -16.42 -4.26
CA ASN A 322 -12.31 -17.50 -4.75
C ASN A 322 -13.15 -18.39 -5.69
N TRP A 323 -12.81 -18.36 -7.00
CA TRP A 323 -13.41 -19.14 -8.10
C TRP A 323 -12.74 -20.49 -8.27
N THR A 324 -13.55 -21.57 -8.31
CA THR A 324 -13.09 -22.90 -8.68
C THR A 324 -13.93 -23.34 -9.88
N TYR A 325 -13.31 -23.28 -11.08
CA TYR A 325 -13.94 -23.68 -12.33
C TYR A 325 -14.00 -25.20 -12.39
N LEU A 326 -15.13 -25.76 -12.85
CA LEU A 326 -15.23 -27.21 -12.80
C LEU A 326 -15.55 -27.77 -14.19
N GLY A 327 -15.11 -29.01 -14.39
CA GLY A 327 -15.55 -29.85 -15.48
C GLY A 327 -16.06 -31.18 -14.93
N TYR A 328 -16.69 -31.98 -15.81
CA TYR A 328 -16.97 -33.35 -15.39
C TYR A 328 -15.80 -34.25 -15.79
N ALA A 329 -15.54 -35.26 -14.95
CA ALA A 329 -14.41 -36.14 -15.17
C ALA A 329 -14.61 -36.89 -16.47
N ASP A 330 -15.88 -36.96 -16.93
CA ASP A 330 -16.23 -37.73 -18.13
C ASP A 330 -16.21 -36.85 -19.39
N ASP A 331 -15.82 -35.57 -19.28
CA ASP A 331 -15.82 -34.69 -20.43
C ASP A 331 -15.09 -35.40 -21.56
N SER A 332 -15.63 -35.31 -22.78
CA SER A 332 -14.84 -35.50 -23.99
C SER A 332 -13.98 -34.24 -24.22
N ALA A 333 -13.17 -34.26 -25.27
CA ALA A 333 -12.29 -33.14 -25.54
C ALA A 333 -13.09 -31.95 -26.02
N GLU A 334 -14.12 -32.23 -26.85
CA GLU A 334 -14.98 -31.19 -27.40
C GLU A 334 -15.83 -30.60 -26.28
N GLN A 335 -16.38 -31.46 -25.41
CA GLN A 335 -17.17 -31.00 -24.29
C GLN A 335 -16.27 -30.09 -23.45
N ARG A 336 -15.04 -30.52 -23.16
CA ARG A 336 -14.24 -29.75 -22.25
C ARG A 336 -13.93 -28.37 -22.85
N LYS A 337 -13.57 -28.35 -24.14
CA LYS A 337 -13.24 -27.10 -24.80
C LYS A 337 -14.46 -26.19 -24.75
N VAL A 338 -15.67 -26.76 -24.85
CA VAL A 338 -16.87 -25.94 -24.66
C VAL A 338 -16.83 -25.15 -23.34
N ARG A 339 -16.63 -25.86 -22.21
CA ARG A 339 -16.45 -25.26 -20.89
C ARG A 339 -15.41 -24.14 -20.92
N LEU A 340 -14.20 -24.43 -21.42
CA LEU A 340 -13.11 -23.45 -21.49
C LEU A 340 -13.55 -22.16 -22.20
N LYS A 341 -14.37 -22.29 -23.24
CA LYS A 341 -14.74 -21.15 -24.04
C LYS A 341 -15.84 -20.37 -23.31
N GLN A 342 -16.80 -21.10 -22.72
CA GLN A 342 -17.91 -20.42 -22.10
C GLN A 342 -17.40 -19.64 -20.87
N ALA A 343 -16.20 -20.00 -20.38
CA ALA A 343 -15.73 -19.45 -19.14
C ALA A 343 -15.45 -17.96 -19.37
N ASN A 344 -15.34 -17.56 -20.65
CA ASN A 344 -15.26 -16.14 -20.98
C ASN A 344 -16.48 -15.37 -20.42
N LEU A 345 -17.57 -16.05 -20.05
CA LEU A 345 -18.70 -15.37 -19.42
C LEU A 345 -18.40 -14.97 -17.96
N ILE A 346 -17.50 -15.70 -17.28
CA ILE A 346 -17.43 -15.64 -15.84
C ILE A 346 -16.04 -15.23 -15.40
N GLY A 347 -15.90 -15.12 -14.08
CA GLY A 347 -14.66 -14.84 -13.43
C GLY A 347 -14.34 -13.36 -13.55
N PRO A 348 -13.12 -12.96 -13.18
CA PRO A 348 -12.75 -11.55 -13.20
C PRO A 348 -12.83 -10.75 -14.50
N ALA A 349 -12.79 -11.45 -15.65
CA ALA A 349 -12.88 -10.83 -16.97
C ALA A 349 -14.17 -11.21 -17.65
N GLY A 350 -15.13 -11.77 -16.91
CA GLY A 350 -16.29 -12.36 -17.55
C GLY A 350 -17.20 -11.30 -18.20
N PHE A 351 -17.89 -11.70 -19.29
CA PHE A 351 -18.81 -10.87 -20.04
C PHE A 351 -20.02 -10.53 -19.18
N ILE A 352 -20.31 -11.38 -18.22
CA ILE A 352 -21.14 -11.00 -17.09
C ILE A 352 -20.28 -10.62 -15.87
N SER A 353 -19.47 -11.55 -15.40
CA SER A 353 -19.03 -11.41 -14.04
C SER A 353 -18.31 -10.08 -13.79
N MET A 354 -17.72 -9.47 -14.83
CA MET A 354 -16.77 -8.40 -14.54
C MET A 354 -17.52 -7.25 -13.87
N GLU A 355 -18.81 -7.12 -14.20
CA GLU A 355 -19.68 -6.06 -13.71
C GLU A 355 -20.11 -6.41 -12.28
N ASP A 356 -20.21 -7.71 -11.97
CA ASP A 356 -20.54 -8.13 -10.61
C ASP A 356 -19.41 -7.75 -9.65
N GLY A 357 -18.17 -7.75 -10.14
CA GLY A 357 -17.07 -7.48 -9.23
C GLY A 357 -16.95 -6.00 -8.88
N ALA A 358 -17.42 -5.15 -9.78
CA ALA A 358 -17.19 -3.73 -9.65
C ALA A 358 -18.36 -3.08 -8.92
N VAL A 359 -19.56 -3.67 -9.03
CA VAL A 359 -20.77 -2.95 -8.65
C VAL A 359 -20.83 -2.73 -7.12
N GLY A 360 -20.36 -3.73 -6.36
CA GLY A 360 -20.17 -3.61 -4.93
C GLY A 360 -19.44 -2.33 -4.58
N GLY A 361 -18.36 -2.05 -5.33
CA GLY A 361 -17.49 -0.92 -5.01
C GLY A 361 -18.18 0.39 -5.32
N PHE A 362 -19.11 0.39 -6.33
CA PHE A 362 -19.94 1.55 -6.64
C PHE A 362 -20.85 1.90 -5.45
N VAL A 363 -21.41 0.89 -4.76
CA VAL A 363 -22.23 1.08 -3.56
C VAL A 363 -21.34 1.52 -2.42
N GLN A 364 -20.20 0.84 -2.21
CA GLN A 364 -19.30 1.16 -1.10
C GLN A 364 -18.94 2.64 -1.19
N ARG A 365 -18.71 3.19 -2.41
CA ARG A 365 -18.24 4.57 -2.61
C ARG A 365 -19.40 5.55 -2.70
N GLY A 366 -20.55 5.10 -3.28
CA GLY A 366 -21.72 6.01 -3.30
C GLY A 366 -22.23 6.36 -1.88
N ILE A 367 -22.04 5.44 -0.91
CA ILE A 367 -22.59 5.69 0.44
C ILE A 367 -21.62 6.37 1.39
N ALA A 368 -20.51 6.87 0.86
CA ALA A 368 -19.44 7.44 1.68
C ALA A 368 -20.02 8.50 2.61
N GLY A 369 -20.97 9.35 2.14
CA GLY A 369 -21.46 10.41 3.03
C GLY A 369 -22.81 10.07 3.72
N ALA A 370 -23.25 8.80 3.65
CA ALA A 370 -24.64 8.41 3.90
C ALA A 370 -24.75 7.27 4.91
N ALA A 371 -23.71 7.11 5.78
CA ALA A 371 -23.71 6.03 6.78
C ALA A 371 -25.00 6.03 7.60
N ASN A 372 -25.63 7.20 7.72
CA ASN A 372 -26.88 7.44 8.43
C ASN A 372 -28.15 7.04 7.63
N LEU A 373 -28.04 6.68 6.33
CA LEU A 373 -29.26 6.45 5.56
C LEU A 373 -29.48 4.97 5.29
N ASP A 374 -30.48 4.60 4.46
CA ASP A 374 -30.90 3.21 4.27
C ASP A 374 -30.97 2.88 2.78
N ALA A 375 -30.58 1.62 2.45
CA ALA A 375 -30.89 0.99 1.20
C ALA A 375 -32.42 0.77 1.18
N VAL A 376 -33.03 0.99 -0.01
CA VAL A 376 -34.46 0.71 -0.17
C VAL A 376 -34.65 -0.58 -0.95
N ILE A 377 -35.22 -1.57 -0.29
CA ILE A 377 -35.35 -2.88 -0.92
C ILE A 377 -36.82 -3.30 -0.90
N GLU A 378 -37.65 -2.62 -1.69
CA GLU A 378 -39.10 -2.82 -1.56
C GLU A 378 -39.69 -3.65 -2.70
N MET A 379 -38.84 -4.12 -3.63
CA MET A 379 -39.35 -4.63 -4.88
C MET A 379 -39.85 -6.06 -4.73
N GLY A 380 -41.03 -6.39 -5.32
CA GLY A 380 -41.64 -7.72 -5.19
C GLY A 380 -42.24 -8.05 -3.81
N GLY A 381 -43.09 -9.10 -3.76
CA GLY A 381 -43.80 -9.54 -2.55
C GLY A 381 -43.12 -10.75 -1.92
N ASP A 382 -43.21 -10.89 -0.59
CA ASP A 382 -42.55 -11.98 0.12
C ASP A 382 -43.50 -13.16 0.31
N HIS A 383 -43.28 -14.24 -0.43
CA HIS A 383 -44.27 -15.29 -0.29
C HIS A 383 -43.64 -16.68 -0.46
N GLU A 384 -44.19 -17.62 0.29
CA GLU A 384 -44.22 -19.02 -0.08
C GLU A 384 -44.11 -19.16 -1.60
N GLY A 385 -43.09 -19.91 -2.07
CA GLY A 385 -42.99 -20.35 -3.44
C GLY A 385 -42.14 -19.46 -4.35
N SER A 386 -42.04 -19.84 -5.64
CA SER A 386 -41.36 -19.17 -6.74
C SER A 386 -41.75 -17.70 -6.82
N SER A 387 -40.85 -16.88 -7.41
CA SER A 387 -41.19 -15.53 -7.90
C SER A 387 -40.49 -15.26 -9.24
N GLU A 388 -41.06 -14.36 -10.03
CA GLU A 388 -40.38 -13.93 -11.24
C GLU A 388 -39.19 -13.04 -10.86
N GLY A 389 -38.03 -13.31 -11.45
CA GLY A 389 -36.77 -12.80 -10.96
C GLY A 389 -36.54 -11.35 -11.37
N ARG A 390 -37.20 -10.94 -12.46
CA ARG A 390 -36.91 -9.68 -13.10
C ARG A 390 -37.36 -8.50 -12.24
N ALA A 391 -38.31 -8.73 -11.31
CA ALA A 391 -38.95 -7.57 -10.71
C ALA A 391 -39.21 -7.74 -9.21
N THR A 392 -38.32 -8.49 -8.55
CA THR A 392 -38.43 -8.79 -7.13
C THR A 392 -37.06 -8.61 -6.45
N GLU A 393 -37.10 -8.40 -5.12
CA GLU A 393 -35.90 -8.33 -4.28
C GLU A 393 -36.01 -9.30 -3.10
N THR A 394 -36.87 -10.33 -3.26
CA THR A 394 -37.22 -11.22 -2.17
C THR A 394 -36.00 -12.01 -1.72
N SER A 395 -35.08 -12.41 -2.62
CA SER A 395 -33.86 -13.09 -2.19
C SER A 395 -32.92 -12.19 -1.39
N VAL A 396 -32.85 -10.90 -1.71
CA VAL A 396 -31.99 -9.97 -0.99
C VAL A 396 -32.56 -9.81 0.43
N ARG A 397 -33.88 -9.58 0.51
CA ARG A 397 -34.54 -9.44 1.82
C ARG A 397 -34.30 -10.70 2.66
N GLY A 398 -34.38 -11.85 1.98
CA GLY A 398 -34.11 -13.17 2.57
C GLY A 398 -32.74 -13.25 3.25
N PHE A 399 -31.68 -12.74 2.60
CA PHE A 399 -30.36 -12.65 3.21
C PHE A 399 -30.45 -11.85 4.53
N TRP A 400 -31.25 -10.80 4.53
CA TRP A 400 -31.20 -9.93 5.68
C TRP A 400 -31.95 -10.57 6.84
N LYS A 401 -32.96 -11.40 6.53
CA LYS A 401 -33.74 -12.05 7.58
C LYS A 401 -32.84 -13.02 8.32
N ALA A 402 -32.12 -13.87 7.55
CA ALA A 402 -31.13 -14.77 8.10
C ALA A 402 -30.04 -14.03 8.89
N TYR A 403 -29.60 -12.87 8.35
CA TYR A 403 -28.51 -12.11 8.95
C TYR A 403 -28.89 -11.58 10.35
N ARG A 404 -30.02 -10.89 10.40
CA ARG A 404 -30.56 -10.35 11.65
C ARG A 404 -30.79 -11.47 12.70
N LYS A 405 -31.25 -12.62 12.18
CA LYS A 405 -31.51 -13.74 13.07
C LYS A 405 -30.21 -14.08 13.78
N HIS A 406 -29.17 -14.34 12.98
CA HIS A 406 -27.88 -14.78 13.48
C HIS A 406 -27.22 -13.73 14.33
N MET A 407 -27.42 -12.44 13.97
CA MET A 407 -26.72 -11.32 14.60
C MET A 407 -27.51 -10.84 15.83
N GLY A 408 -28.68 -11.44 16.12
CA GLY A 408 -29.54 -10.91 17.17
C GLY A 408 -30.00 -9.47 16.85
N GLN A 409 -30.41 -9.22 15.60
CA GLN A 409 -30.71 -7.85 15.26
C GLN A 409 -32.18 -7.68 14.88
N GLU A 410 -33.02 -8.70 15.11
CA GLU A 410 -34.44 -8.68 14.82
C GLU A 410 -35.25 -7.71 15.71
N MET A 411 -36.48 -7.42 15.24
CA MET A 411 -37.37 -6.51 15.95
C MET A 411 -38.82 -7.00 15.94
N ILE B 2 15.48 -15.02 -36.15
CA ILE B 2 14.65 -14.21 -35.13
C ILE B 2 15.46 -14.03 -33.85
N HIS B 3 15.73 -12.75 -33.54
CA HIS B 3 16.55 -12.35 -32.42
C HIS B 3 15.64 -11.74 -31.35
N GLU B 4 16.21 -11.53 -30.16
CA GLU B 4 15.39 -11.09 -29.04
C GLU B 4 14.91 -9.67 -29.30
N ILE B 5 15.72 -8.90 -30.04
CA ILE B 5 15.34 -7.50 -30.15
C ILE B 5 14.23 -7.33 -31.19
N GLN B 6 14.05 -8.29 -32.11
CA GLN B 6 12.87 -8.28 -32.95
C GLN B 6 11.60 -8.54 -32.13
N ILE B 7 11.70 -9.47 -31.18
CA ILE B 7 10.56 -9.78 -30.36
C ILE B 7 10.34 -8.60 -29.43
N ALA B 8 11.44 -7.99 -28.97
CA ALA B 8 11.29 -6.84 -28.09
C ALA B 8 10.51 -5.76 -28.82
N ALA B 9 10.69 -5.68 -30.15
CA ALA B 9 10.16 -4.58 -30.93
C ALA B 9 8.67 -4.78 -31.18
N PHE B 10 8.32 -6.04 -31.40
CA PHE B 10 6.94 -6.43 -31.56
C PHE B 10 6.21 -6.21 -30.21
N ASN B 11 6.85 -6.61 -29.09
CA ASN B 11 6.34 -6.41 -27.75
C ASN B 11 6.10 -4.92 -27.49
N ALA B 12 7.04 -4.05 -27.89
CA ALA B 12 6.79 -2.61 -27.74
C ALA B 12 5.49 -2.19 -28.43
N ALA B 13 5.21 -2.72 -29.62
CA ALA B 13 4.03 -2.28 -30.34
C ALA B 13 2.73 -2.85 -29.75
N TYR B 14 2.78 -4.13 -29.36
CA TYR B 14 1.71 -4.79 -28.65
C TYR B 14 1.34 -3.97 -27.40
N ALA B 15 2.38 -3.55 -26.66
CA ALA B 15 2.13 -2.95 -25.35
C ALA B 15 1.59 -1.56 -25.59
N LYS B 16 2.17 -0.87 -26.60
CA LYS B 16 1.82 0.49 -26.94
C LYS B 16 0.35 0.52 -27.35
N THR B 17 -0.09 -0.55 -28.00
CA THR B 17 -1.43 -0.64 -28.57
C THR B 17 -2.47 -0.63 -27.46
N ILE B 18 -2.35 -1.62 -26.55
CA ILE B 18 -3.15 -1.72 -25.34
C ILE B 18 -3.02 -0.46 -24.48
N ASP B 19 -1.82 0.08 -24.26
CA ASP B 19 -1.67 1.16 -23.28
C ASP B 19 -2.34 2.45 -23.76
N SER B 20 -2.43 2.64 -25.09
CA SER B 20 -2.98 3.83 -25.74
C SER B 20 -4.46 3.64 -26.12
N ASP B 21 -5.05 2.51 -25.72
CA ASP B 21 -6.48 2.26 -25.88
C ASP B 21 -6.93 2.23 -27.35
N VAL B 22 -5.97 2.07 -28.28
CA VAL B 22 -6.29 1.68 -29.65
C VAL B 22 -6.54 0.17 -29.68
N MET B 23 -7.63 -0.28 -29.05
CA MET B 23 -7.78 -1.68 -28.71
C MET B 23 -8.16 -2.50 -29.95
N GLU B 24 -8.78 -1.84 -30.93
CA GLU B 24 -9.24 -2.48 -32.15
C GLU B 24 -8.05 -3.10 -32.88
N GLN B 25 -6.83 -2.58 -32.69
CA GLN B 25 -5.64 -3.10 -33.37
C GLN B 25 -5.10 -4.34 -32.64
N TRP B 26 -5.53 -4.59 -31.40
CA TRP B 26 -4.85 -5.62 -30.63
C TRP B 26 -4.98 -7.00 -31.27
N PRO B 27 -6.14 -7.42 -31.82
CA PRO B 27 -6.21 -8.75 -32.45
C PRO B 27 -5.24 -8.96 -33.63
N THR B 28 -4.76 -7.86 -34.25
CA THR B 28 -4.06 -7.98 -35.53
C THR B 28 -2.66 -8.54 -35.28
N PHE B 29 -2.30 -8.58 -34.01
CA PHE B 29 -1.01 -9.05 -33.56
C PHE B 29 -0.93 -10.59 -33.55
N PHE B 30 -2.09 -11.27 -33.67
CA PHE B 30 -2.27 -12.71 -33.58
C PHE B 30 -2.63 -13.29 -34.97
N THR B 31 -2.28 -14.57 -35.20
CA THR B 31 -2.72 -15.30 -36.40
C THR B 31 -4.24 -15.53 -36.32
N LYS B 32 -4.82 -16.05 -37.40
CA LYS B 32 -6.26 -16.18 -37.54
C LYS B 32 -6.75 -17.27 -36.59
N ASP B 33 -5.91 -18.28 -36.41
CA ASP B 33 -6.16 -19.39 -35.52
C ASP B 33 -5.10 -19.40 -34.41
N CYS B 34 -5.17 -18.43 -33.51
CA CYS B 34 -4.20 -18.37 -32.42
C CYS B 34 -4.80 -18.97 -31.15
N HIS B 35 -3.97 -19.23 -30.13
CA HIS B 35 -4.43 -19.37 -28.75
C HIS B 35 -3.98 -18.18 -27.91
N TYR B 36 -4.92 -17.58 -27.15
CA TYR B 36 -4.57 -16.56 -26.17
C TYR B 36 -5.28 -16.87 -24.86
N ARG B 37 -4.51 -16.77 -23.76
CA ARG B 37 -4.98 -17.18 -22.45
C ARG B 37 -4.35 -16.31 -21.35
N VAL B 38 -5.17 -15.89 -20.37
CA VAL B 38 -4.68 -15.24 -19.16
C VAL B 38 -4.86 -16.19 -17.99
N THR B 39 -3.76 -16.49 -17.30
CA THR B 39 -3.78 -17.56 -16.32
C THR B 39 -2.81 -17.16 -15.21
N ASN B 40 -2.49 -18.08 -14.31
CA ASN B 40 -1.53 -17.75 -13.28
C ASN B 40 -0.62 -18.95 -13.10
N VAL B 41 0.48 -18.77 -12.35
CA VAL B 41 1.47 -19.81 -12.10
C VAL B 41 0.85 -21.05 -11.45
N ASP B 42 -0.16 -20.92 -10.55
CA ASP B 42 -0.63 -22.11 -9.84
C ASP B 42 -1.32 -23.08 -10.81
N ASN B 43 -2.15 -22.52 -11.72
CA ASN B 43 -2.87 -23.24 -12.73
C ASN B 43 -1.83 -23.84 -13.67
N HIS B 44 -0.82 -23.03 -13.96
CA HIS B 44 0.16 -23.41 -14.97
C HIS B 44 0.92 -24.61 -14.43
N ALA B 45 1.31 -24.48 -13.17
CA ALA B 45 2.03 -25.52 -12.45
C ALA B 45 1.25 -26.82 -12.44
N GLU B 46 -0.06 -26.76 -12.15
CA GLU B 46 -0.88 -27.98 -12.07
C GLU B 46 -1.41 -28.47 -13.43
N GLY B 47 -1.04 -27.78 -14.53
CA GLY B 47 -1.51 -28.15 -15.86
C GLY B 47 -2.99 -27.87 -16.12
N LEU B 48 -3.65 -27.06 -15.29
CA LEU B 48 -5.03 -26.61 -15.47
C LEU B 48 -5.17 -25.63 -16.65
N ALA B 49 -6.25 -25.80 -17.41
CA ALA B 49 -6.36 -25.25 -18.74
C ALA B 49 -7.18 -23.97 -18.76
N ALA B 50 -8.01 -23.74 -17.74
CA ALA B 50 -8.92 -22.59 -17.79
C ALA B 50 -8.14 -21.28 -17.88
N GLY B 51 -8.76 -20.26 -18.48
CA GLY B 51 -8.23 -18.90 -18.39
C GLY B 51 -9.27 -17.87 -17.99
N ILE B 52 -8.80 -16.74 -17.43
CA ILE B 52 -9.62 -15.56 -17.20
C ILE B 52 -10.13 -15.07 -18.57
N VAL B 53 -9.22 -15.09 -19.55
CA VAL B 53 -9.54 -15.00 -20.96
C VAL B 53 -9.07 -16.30 -21.62
N TRP B 54 -9.90 -16.84 -22.52
CA TRP B 54 -9.56 -18.05 -23.25
C TRP B 54 -10.04 -17.88 -24.70
N ALA B 55 -9.11 -17.83 -25.66
CA ALA B 55 -9.51 -17.66 -27.05
C ALA B 55 -8.74 -18.64 -27.92
N ASP B 56 -9.40 -19.16 -28.97
CA ASP B 56 -8.73 -20.09 -29.88
C ASP B 56 -8.92 -19.60 -31.32
N SER B 57 -9.35 -18.35 -31.47
CA SER B 57 -9.40 -17.76 -32.79
C SER B 57 -9.23 -16.26 -32.64
N GLN B 58 -8.89 -15.62 -33.75
CA GLN B 58 -8.66 -14.20 -33.75
C GLN B 58 -10.03 -13.55 -33.59
N ASP B 59 -11.04 -14.19 -34.19
CA ASP B 59 -12.39 -13.65 -34.12
C ASP B 59 -12.78 -13.43 -32.66
N MET B 60 -12.61 -14.45 -31.80
CA MET B 60 -12.92 -14.32 -30.37
C MET B 60 -12.19 -13.11 -29.75
N LEU B 61 -10.95 -12.81 -30.16
CA LEU B 61 -10.32 -11.61 -29.62
C LEU B 61 -11.09 -10.36 -30.09
N THR B 62 -11.53 -10.34 -31.36
CA THR B 62 -12.21 -9.17 -31.90
C THR B 62 -13.52 -8.99 -31.14
N ASP B 63 -14.18 -10.10 -30.80
CA ASP B 63 -15.46 -10.09 -30.11
C ASP B 63 -15.24 -9.63 -28.67
N ARG B 64 -14.14 -10.08 -28.05
CA ARG B 64 -13.88 -9.61 -26.71
C ARG B 64 -13.82 -8.09 -26.74
N ILE B 65 -13.09 -7.54 -27.73
CA ILE B 65 -12.91 -6.11 -27.87
C ILE B 65 -14.26 -5.46 -28.19
N SER B 66 -15.03 -6.10 -29.09
CA SER B 66 -16.35 -5.56 -29.40
C SER B 66 -17.14 -5.29 -28.11
N ALA B 67 -17.21 -6.31 -27.23
CA ALA B 67 -17.95 -6.30 -25.96
C ALA B 67 -17.45 -5.21 -25.00
N LEU B 68 -16.13 -5.00 -24.98
CA LEU B 68 -15.50 -3.93 -24.23
C LEU B 68 -16.05 -2.61 -24.72
N ARG B 69 -16.19 -2.47 -26.03
CA ARG B 69 -16.65 -1.22 -26.63
C ARG B 69 -18.15 -1.04 -26.46
N GLU B 70 -18.94 -2.11 -26.63
CA GLU B 70 -20.37 -2.00 -26.89
C GLU B 70 -21.22 -2.43 -25.69
N ALA B 71 -20.76 -3.34 -24.82
CA ALA B 71 -21.69 -3.95 -23.90
C ALA B 71 -21.28 -3.73 -22.44
N ASN B 72 -19.98 -3.90 -22.17
CA ASN B 72 -19.51 -4.04 -20.81
C ASN B 72 -19.49 -2.66 -20.14
N ILE B 73 -19.89 -2.67 -18.89
CA ILE B 73 -19.84 -1.54 -17.97
C ILE B 73 -18.66 -1.75 -17.02
N TYR B 74 -17.77 -0.76 -16.94
CA TYR B 74 -16.64 -0.71 -16.01
C TYR B 74 -16.12 0.73 -15.90
N GLU B 75 -15.45 1.05 -14.79
CA GLU B 75 -14.93 2.39 -14.64
C GLU B 75 -13.65 2.56 -15.48
N ARG B 76 -13.41 3.78 -16.01
CA ARG B 76 -12.30 4.01 -16.92
C ARG B 76 -10.95 3.88 -16.20
N HIS B 77 -9.96 3.33 -16.89
CA HIS B 77 -8.66 3.12 -16.26
C HIS B 77 -7.70 2.85 -17.39
N ARG B 78 -6.39 2.95 -17.20
CA ARG B 78 -5.53 2.54 -18.30
C ARG B 78 -4.50 1.55 -17.77
N TYR B 79 -3.83 0.90 -18.71
CA TYR B 79 -2.66 0.16 -18.32
C TYR B 79 -1.38 0.91 -18.71
N ARG B 80 -0.35 0.55 -17.95
CA ARG B 80 1.03 0.78 -18.33
C ARG B 80 1.79 -0.55 -18.24
N HIS B 81 2.26 -1.04 -19.40
CA HIS B 81 3.07 -2.24 -19.52
C HIS B 81 4.55 -1.85 -19.44
N ILE B 82 5.30 -2.59 -18.63
CA ILE B 82 6.74 -2.46 -18.53
C ILE B 82 7.28 -3.87 -18.75
N LEU B 83 7.91 -4.08 -19.93
CA LEU B 83 8.38 -5.41 -20.33
C LEU B 83 9.89 -5.52 -20.13
N GLY B 84 10.38 -6.75 -19.97
CA GLY B 84 11.80 -7.02 -19.98
C GLY B 84 12.24 -7.62 -21.33
N LEU B 85 13.53 -7.97 -21.40
CA LEU B 85 14.08 -8.60 -22.60
C LEU B 85 13.50 -10.01 -22.78
N PRO B 86 12.98 -10.37 -23.98
CA PRO B 86 12.57 -11.75 -24.28
C PRO B 86 13.70 -12.76 -24.07
N SER B 87 13.37 -13.99 -23.68
CA SER B 87 14.29 -15.10 -23.75
C SER B 87 13.79 -16.01 -24.85
N ILE B 88 14.67 -16.49 -25.75
CA ILE B 88 14.26 -17.46 -26.76
C ILE B 88 14.59 -18.90 -26.34
N GLN B 89 13.58 -19.78 -26.40
CA GLN B 89 13.86 -21.16 -26.03
C GLN B 89 14.34 -21.91 -27.26
N SER B 90 13.62 -21.70 -28.37
CA SER B 90 14.04 -22.17 -29.67
C SER B 90 13.47 -21.19 -30.68
N ALA B 91 14.20 -21.04 -31.81
CA ALA B 91 13.93 -20.10 -32.89
C ALA B 91 14.42 -20.69 -34.21
N ASP B 92 13.75 -20.34 -35.33
CA ASP B 92 14.17 -20.59 -36.70
C ASP B 92 14.70 -19.30 -37.32
N ALA B 93 14.48 -19.20 -38.62
CA ALA B 93 14.45 -17.93 -39.29
C ALA B 93 12.99 -17.43 -39.39
N THR B 94 12.00 -18.28 -39.04
CA THR B 94 10.60 -17.90 -39.21
C THR B 94 9.68 -18.14 -38.01
N GLN B 95 10.13 -18.90 -37.00
CA GLN B 95 9.32 -19.24 -35.83
C GLN B 95 10.18 -19.17 -34.57
N ALA B 96 9.54 -18.94 -33.42
CA ALA B 96 10.25 -18.89 -32.15
C ALA B 96 9.32 -19.25 -31.00
N SER B 97 9.88 -19.98 -30.03
CA SER B 97 9.34 -20.08 -28.70
C SER B 97 10.15 -19.13 -27.83
N ALA B 98 9.41 -18.26 -27.11
CA ALA B 98 10.01 -17.20 -26.31
C ALA B 98 9.15 -16.90 -25.07
N SER B 99 9.82 -16.45 -24.01
CA SER B 99 9.05 -15.95 -22.89
C SER B 99 9.51 -14.52 -22.67
N THR B 100 8.59 -13.65 -22.21
CA THR B 100 8.93 -12.29 -21.87
C THR B 100 8.38 -11.93 -20.48
N PRO B 101 9.20 -11.36 -19.56
CA PRO B 101 8.70 -10.92 -18.25
C PRO B 101 7.92 -9.62 -18.46
N PHE B 102 6.83 -9.42 -17.69
CA PHE B 102 6.05 -8.20 -17.78
C PHE B 102 5.59 -7.69 -16.42
N LEU B 103 5.34 -6.38 -16.36
CA LEU B 103 4.65 -5.77 -15.24
C LEU B 103 3.58 -4.87 -15.84
N VAL B 104 2.35 -4.92 -15.29
CA VAL B 104 1.27 -4.09 -15.80
C VAL B 104 0.75 -3.28 -14.62
N LEU B 105 0.91 -1.95 -14.70
CA LEU B 105 0.27 -1.03 -13.77
C LEU B 105 -1.10 -0.75 -14.34
N ARG B 106 -2.02 -0.53 -13.38
CA ARG B 106 -3.32 0.00 -13.66
C ARG B 106 -3.45 1.36 -12.96
N ILE B 107 -3.89 2.34 -13.75
CA ILE B 107 -4.08 3.69 -13.27
C ILE B 107 -5.56 3.97 -13.49
N MET B 108 -6.34 3.99 -12.40
CA MET B 108 -7.73 4.45 -12.46
C MET B 108 -7.78 5.88 -13.02
N HIS B 109 -8.89 6.24 -13.70
CA HIS B 109 -9.14 7.59 -14.21
C HIS B 109 -9.09 8.61 -13.07
N THR B 110 -9.42 8.18 -11.83
CA THR B 110 -9.32 9.11 -10.70
C THR B 110 -7.92 9.13 -10.07
N GLY B 111 -6.94 8.41 -10.64
CA GLY B 111 -5.58 8.79 -10.29
C GLY B 111 -4.71 7.74 -9.60
N GLU B 112 -5.33 6.75 -8.96
CA GLU B 112 -4.61 5.74 -8.19
C GLU B 112 -3.87 4.80 -9.16
N THR B 113 -2.60 4.50 -8.85
CA THR B 113 -1.73 3.62 -9.63
C THR B 113 -1.36 2.39 -8.79
N GLU B 114 -1.55 1.20 -9.33
CA GLU B 114 -1.17 0.02 -8.59
C GLU B 114 -0.58 -1.06 -9.50
N VAL B 115 0.20 -1.95 -8.90
CA VAL B 115 0.76 -3.06 -9.66
C VAL B 115 -0.42 -4.01 -9.85
N PHE B 116 -0.96 -4.09 -11.04
CA PHE B 116 -2.16 -4.86 -11.29
C PHE B 116 -1.83 -6.31 -11.67
N ALA B 117 -0.72 -6.54 -12.39
CA ALA B 117 -0.31 -7.89 -12.73
C ALA B 117 1.16 -7.89 -13.08
N SER B 118 1.82 -9.02 -12.91
CA SER B 118 3.16 -9.26 -13.40
C SER B 118 3.21 -10.76 -13.72
N GLY B 119 4.17 -11.14 -14.56
CA GLY B 119 4.49 -12.51 -14.87
C GLY B 119 5.32 -12.61 -16.15
N GLU B 120 5.06 -13.63 -16.97
CA GLU B 120 5.75 -13.73 -18.24
C GLU B 120 4.74 -14.23 -19.25
N TYR B 121 4.83 -13.65 -20.45
CA TYR B 121 4.22 -14.25 -21.61
C TYR B 121 5.02 -15.47 -22.09
N HIS B 122 4.30 -16.59 -22.26
CA HIS B 122 4.74 -17.80 -22.97
C HIS B 122 4.22 -17.80 -24.42
N ASP B 123 5.15 -17.53 -25.36
CA ASP B 123 4.83 -17.30 -26.79
C ASP B 123 5.36 -18.37 -27.76
N LYS B 124 4.54 -18.60 -28.81
CA LYS B 124 4.92 -19.18 -30.09
C LYS B 124 4.72 -18.12 -31.15
N PHE B 125 5.80 -17.78 -31.86
CA PHE B 125 5.74 -16.75 -32.89
C PHE B 125 5.93 -17.35 -34.27
N THR B 126 5.33 -16.68 -35.27
CA THR B 126 5.48 -17.01 -36.68
C THR B 126 5.58 -15.74 -37.52
N THR B 127 6.11 -15.88 -38.75
CA THR B 127 6.26 -14.72 -39.61
C THR B 127 5.23 -14.83 -40.73
N ILE B 128 4.30 -13.88 -40.77
CA ILE B 128 3.45 -13.71 -41.94
C ILE B 128 4.00 -12.49 -42.67
N ASP B 129 4.28 -12.66 -43.98
CA ASP B 129 4.77 -11.60 -44.85
C ASP B 129 5.98 -10.96 -44.18
N GLY B 130 5.89 -9.62 -44.03
CA GLY B 130 6.86 -8.82 -43.30
C GLY B 130 7.16 -9.35 -41.89
N LYS B 131 6.29 -9.07 -40.91
CA LYS B 131 6.71 -9.08 -39.51
C LYS B 131 6.24 -10.31 -38.72
N LEU B 132 6.73 -10.37 -37.47
CA LEU B 132 6.35 -11.36 -36.46
C LEU B 132 4.83 -11.36 -36.24
N ARG B 133 4.28 -12.53 -35.90
CA ARG B 133 2.88 -12.67 -35.53
C ARG B 133 2.74 -13.76 -34.45
N LEU B 134 1.88 -13.55 -33.44
CA LEU B 134 1.66 -14.51 -32.38
C LEU B 134 0.69 -15.62 -32.85
N GLN B 135 1.11 -16.88 -32.72
CA GLN B 135 0.19 -18.00 -32.80
C GLN B 135 -0.34 -18.36 -31.41
N GLU B 136 0.52 -18.22 -30.39
CA GLU B 136 0.18 -18.42 -28.98
C GLU B 136 0.83 -17.31 -28.16
N ARG B 137 0.01 -16.70 -27.29
CA ARG B 137 0.46 -15.93 -26.15
C ARG B 137 -0.33 -16.32 -24.91
N VAL B 138 0.36 -16.94 -23.95
CA VAL B 138 -0.31 -17.10 -22.70
C VAL B 138 0.40 -16.28 -21.62
N ALA B 139 -0.41 -15.42 -20.97
CA ALA B 139 0.07 -14.55 -19.90
C ALA B 139 -0.01 -15.32 -18.59
N VAL B 140 1.14 -15.83 -18.10
CA VAL B 140 1.15 -16.55 -16.82
C VAL B 140 1.52 -15.52 -15.74
N CYS B 141 0.49 -15.12 -14.95
CA CYS B 141 0.57 -14.07 -13.95
C CYS B 141 1.17 -14.69 -12.70
N ASP B 142 2.07 -13.94 -12.04
CA ASP B 142 2.63 -14.33 -10.76
C ASP B 142 1.57 -14.52 -9.67
N SER B 143 0.54 -13.67 -9.65
CA SER B 143 -0.43 -13.71 -8.58
C SER B 143 -1.66 -14.48 -9.03
N THR B 144 -2.29 -15.24 -8.10
CA THR B 144 -3.61 -15.81 -8.34
C THR B 144 -4.74 -14.79 -8.10
N VAL B 145 -4.41 -13.54 -7.74
CA VAL B 145 -5.40 -12.52 -7.36
C VAL B 145 -5.51 -11.45 -8.46
N THR B 146 -6.73 -11.06 -8.84
CA THR B 146 -6.98 -9.94 -9.73
C THR B 146 -7.82 -8.93 -8.94
N ASP B 147 -7.43 -7.65 -8.95
CA ASP B 147 -8.13 -6.67 -8.13
C ASP B 147 -9.36 -6.16 -8.89
N THR B 148 -10.56 -6.45 -8.35
CA THR B 148 -11.84 -5.97 -8.82
C THR B 148 -12.28 -6.72 -10.08
N LEU B 149 -11.63 -6.42 -11.21
CA LEU B 149 -12.04 -7.02 -12.47
C LEU B 149 -10.87 -6.87 -13.44
N MET B 150 -10.93 -7.61 -14.57
CA MET B 150 -9.92 -7.42 -15.58
C MET B 150 -10.66 -7.11 -16.87
N SER B 151 -10.48 -5.89 -17.35
CA SER B 151 -11.29 -5.50 -18.47
C SER B 151 -10.45 -5.44 -19.75
N LEU B 152 -9.25 -4.88 -19.64
CA LEU B 152 -8.36 -4.87 -20.79
C LEU B 152 -7.53 -6.15 -20.73
N PRO B 153 -7.14 -6.75 -21.87
CA PRO B 153 -6.36 -7.99 -21.87
C PRO B 153 -4.94 -7.58 -21.53
N LEU B 154 -4.19 -8.56 -21.01
CA LEU B 154 -2.76 -8.37 -20.87
C LEU B 154 -2.03 -8.66 -22.21
N ILE C 5 -11.77 -5.89 28.75
CA ILE C 5 -11.32 -5.99 27.33
C ILE C 5 -9.98 -6.73 27.32
N ILE C 6 -9.03 -6.21 28.11
CA ILE C 6 -7.60 -6.47 27.89
C ILE C 6 -7.01 -7.33 29.02
N GLN C 7 -7.87 -8.21 29.56
CA GLN C 7 -7.81 -8.86 30.87
C GLN C 7 -6.74 -9.95 30.96
N TRP C 8 -5.78 -9.79 31.89
CA TRP C 8 -4.90 -10.90 32.23
C TRP C 8 -5.60 -12.03 32.98
N HIS C 9 -5.19 -13.28 32.73
CA HIS C 9 -5.84 -14.44 33.34
C HIS C 9 -5.56 -14.47 34.83
N GLY C 10 -4.34 -14.13 35.22
CA GLY C 10 -3.98 -14.20 36.61
C GLY C 10 -2.75 -13.37 36.87
N ALA C 11 -2.07 -13.68 37.97
CA ALA C 11 -0.95 -12.89 38.47
C ALA C 11 0.35 -13.36 37.82
N THR C 12 0.41 -14.63 37.39
CA THR C 12 1.59 -15.03 36.64
C THR C 12 1.51 -14.58 35.17
N ASN C 13 2.65 -14.77 34.50
CA ASN C 13 2.77 -14.58 33.07
C ASN C 13 2.75 -15.92 32.32
N THR C 14 2.05 -16.94 32.87
CA THR C 14 1.99 -18.23 32.16
C THR C 14 0.91 -18.17 31.08
N ARG C 15 0.05 -17.13 31.16
CA ARG C 15 -1.03 -16.91 30.20
C ARG C 15 -0.99 -15.45 29.72
N VAL C 16 -0.86 -15.23 28.39
CA VAL C 16 -0.85 -13.86 27.88
C VAL C 16 -2.11 -13.68 27.02
N PRO C 17 -2.88 -12.59 27.16
CA PRO C 17 -4.08 -12.41 26.33
C PRO C 17 -3.66 -11.96 24.93
N PHE C 18 -4.23 -12.63 23.92
CA PHE C 18 -3.84 -12.42 22.52
C PHE C 18 -4.28 -11.03 22.07
N GLY C 19 -5.25 -10.45 22.81
CA GLY C 19 -5.73 -9.09 22.53
C GLY C 19 -4.65 -8.02 22.75
N ILE C 20 -3.56 -8.37 23.47
CA ILE C 20 -2.53 -7.41 23.81
C ILE C 20 -1.74 -7.05 22.54
N TYR C 21 -1.93 -7.85 21.49
CA TYR C 21 -1.13 -7.63 20.28
C TYR C 21 -1.96 -6.86 19.23
N THR C 22 -3.26 -6.59 19.50
CA THR C 22 -4.10 -5.95 18.49
C THR C 22 -4.93 -4.76 19.01
N ASP C 23 -5.00 -4.57 20.34
CA ASP C 23 -5.73 -3.48 20.96
C ASP C 23 -5.00 -2.11 20.80
N THR C 24 -5.64 -1.18 20.07
CA THR C 24 -5.04 0.10 19.72
C THR C 24 -5.03 1.08 20.91
N ALA C 25 -6.03 1.00 21.80
CA ALA C 25 -6.03 1.88 22.97
C ALA C 25 -4.88 1.47 23.89
N ASN C 26 -4.71 0.16 24.10
CA ASN C 26 -3.57 -0.43 24.81
C ASN C 26 -2.25 0.05 24.18
N ALA C 27 -2.13 0.11 22.86
CA ALA C 27 -0.91 0.56 22.18
C ALA C 27 -0.59 2.03 22.50
N ASP C 28 -1.62 2.92 22.49
CA ASP C 28 -1.50 4.31 22.98
C ASP C 28 -0.94 4.42 24.41
N GLN C 29 -1.50 3.64 25.33
CA GLN C 29 -0.94 3.50 26.65
C GLN C 29 0.52 3.01 26.65
N GLU C 30 0.89 2.12 25.69
CA GLU C 30 2.29 1.73 25.61
C GLU C 30 3.17 2.97 25.38
N GLN C 31 2.65 3.89 24.59
CA GLN C 31 3.45 5.06 24.24
C GLN C 31 3.68 5.93 25.48
N GLN C 32 2.65 6.09 26.33
CA GLN C 32 2.77 6.91 27.54
C GLN C 32 3.60 6.22 28.62
N ARG C 33 3.44 4.89 28.79
CA ARG C 33 3.79 4.30 30.07
C ARG C 33 5.08 3.55 29.86
N ILE C 34 5.35 3.21 28.59
CA ILE C 34 6.60 2.52 28.29
C ILE C 34 7.54 3.52 27.64
N TYR C 35 7.25 3.87 26.37
CA TYR C 35 8.23 4.61 25.60
C TYR C 35 8.51 5.98 26.24
N ARG C 36 7.49 6.69 26.70
CA ARG C 36 7.77 7.98 27.31
C ARG C 36 7.76 7.84 28.85
N GLY C 37 7.95 6.62 29.38
CA GLY C 37 7.84 6.35 30.81
C GLY C 37 9.23 6.04 31.41
N GLU C 38 9.26 5.19 32.44
CA GLU C 38 10.52 4.94 33.12
C GLU C 38 11.34 3.85 32.43
N VAL C 39 11.82 4.18 31.24
CA VAL C 39 12.69 3.27 30.54
C VAL C 39 13.78 4.12 29.89
N TRP C 40 14.77 3.41 29.38
CA TRP C 40 15.80 3.91 28.50
C TRP C 40 15.63 3.27 27.12
N ASN C 41 15.50 4.18 26.13
CA ASN C 41 15.33 3.93 24.72
C ASN C 41 16.71 4.07 24.05
N TYR C 42 17.05 3.08 23.22
CA TYR C 42 18.30 3.08 22.50
C TYR C 42 18.17 4.04 21.34
N LEU C 43 19.16 4.96 21.22
CA LEU C 43 19.19 6.01 20.22
C LEU C 43 20.24 5.67 19.17
N CYS C 44 21.52 5.49 19.56
CA CYS C 44 22.60 5.29 18.59
C CYS C 44 23.95 5.04 19.32
N LEU C 45 25.05 4.79 18.59
CA LEU C 45 26.36 4.65 19.26
C LEU C 45 27.05 6.02 19.35
N GLU C 46 27.84 6.26 20.40
CA GLU C 46 28.61 7.50 20.50
C GLU C 46 29.49 7.74 19.27
N SER C 47 30.14 6.68 18.79
CA SER C 47 31.04 6.72 17.65
C SER C 47 30.33 7.12 16.35
N GLU C 48 29.00 7.07 16.30
CA GLU C 48 28.30 7.45 15.07
C GLU C 48 28.07 8.97 15.02
N ILE C 49 28.24 9.70 16.15
CA ILE C 49 28.07 11.15 16.25
C ILE C 49 29.31 11.75 16.94
N PRO C 50 30.55 11.58 16.39
CA PRO C 50 31.78 11.87 17.13
C PRO C 50 32.22 13.34 17.16
N GLU C 51 31.90 14.14 16.12
CA GLU C 51 32.23 15.55 16.04
C GLU C 51 31.05 16.41 16.52
N ALA C 52 31.40 17.54 17.15
CA ALA C 52 30.48 18.55 17.64
C ALA C 52 29.55 18.96 16.51
N GLY C 53 28.23 19.00 16.79
CA GLY C 53 27.23 19.30 15.76
C GLY C 53 26.67 18.07 15.03
N ASP C 54 27.32 16.89 15.15
CA ASP C 54 26.89 15.68 14.44
C ASP C 54 25.56 15.23 15.02
N PHE C 55 24.54 14.98 14.20
CA PHE C 55 23.32 14.54 14.80
C PHE C 55 22.78 13.41 13.95
N ARG C 56 21.86 12.66 14.58
CA ARG C 56 21.04 11.65 13.92
C ARG C 56 19.58 11.85 14.35
N THR C 57 18.61 11.50 13.48
CA THR C 57 17.22 11.48 13.91
C THR C 57 16.78 10.04 14.05
N THR C 58 15.92 9.78 15.03
CA THR C 58 15.41 8.43 15.23
C THR C 58 14.10 8.52 16.00
N PHE C 59 13.78 7.49 16.77
CA PHE C 59 12.51 7.54 17.48
C PHE C 59 12.68 6.93 18.89
N ALA C 60 11.76 7.32 19.79
CA ALA C 60 11.54 6.58 21.02
C ALA C 60 10.07 6.14 20.98
N GLY C 61 9.81 4.83 20.85
CA GLY C 61 8.43 4.46 20.53
C GLY C 61 8.00 5.16 19.23
N GLU C 62 6.84 5.78 19.25
CA GLU C 62 6.37 6.47 18.07
C GLU C 62 6.94 7.90 18.03
N THR C 63 7.63 8.39 19.08
CA THR C 63 7.89 9.84 19.15
C THR C 63 9.19 10.16 18.40
N PRO C 64 9.24 11.05 17.38
CA PRO C 64 10.53 11.31 16.69
C PRO C 64 11.47 12.06 17.65
N ILE C 65 12.77 11.88 17.55
CA ILE C 65 13.77 12.32 18.50
C ILE C 65 14.97 12.83 17.66
N VAL C 66 15.66 13.88 18.14
CA VAL C 66 16.99 14.10 17.60
C VAL C 66 18.03 13.89 18.68
N VAL C 67 19.17 13.24 18.33
CA VAL C 67 20.28 13.02 19.26
C VAL C 67 21.54 13.67 18.66
N VAL C 68 22.31 14.43 19.46
CA VAL C 68 23.30 15.34 18.87
C VAL C 68 24.50 15.54 19.80
N ARG C 69 25.70 15.58 19.22
CA ARG C 69 26.92 15.86 20.01
C ARG C 69 27.10 17.38 20.13
N ASP C 70 27.23 17.90 21.35
CA ASP C 70 27.49 19.35 21.47
C ASP C 70 29.00 19.65 21.66
N ALA C 71 29.34 20.95 21.76
CA ALA C 71 30.75 21.36 21.73
C ALA C 71 31.51 21.01 23.01
N ASP C 72 30.81 20.79 24.13
CA ASP C 72 31.37 20.35 25.40
C ASP C 72 31.60 18.84 25.40
N GLN C 73 31.46 18.20 24.23
CA GLN C 73 31.72 16.77 24.07
C GLN C 73 30.61 15.87 24.66
N GLU C 74 29.56 16.45 25.30
CA GLU C 74 28.38 15.71 25.72
C GLU C 74 27.38 15.45 24.57
N ILE C 75 26.48 14.49 24.79
CA ILE C 75 25.45 14.14 23.81
C ILE C 75 24.10 14.56 24.39
N TYR C 76 23.28 15.25 23.59
CA TYR C 76 21.96 15.66 24.05
C TYR C 76 20.90 15.01 23.16
N ALA C 77 19.67 14.83 23.70
CA ALA C 77 18.56 14.36 22.89
C ALA C 77 17.30 15.15 23.21
N PHE C 78 16.53 15.49 22.18
CA PHE C 78 15.23 16.10 22.43
C PHE C 78 14.20 15.60 21.40
N GLU C 79 12.90 15.73 21.74
CA GLU C 79 11.80 15.50 20.79
C GLU C 79 11.96 16.34 19.52
N ASN C 80 11.78 15.64 18.38
CA ASN C 80 11.95 16.22 17.06
C ASN C 80 10.65 16.89 16.71
N ARG C 81 10.29 17.96 17.47
CA ARG C 81 9.01 18.62 17.20
C ARG C 81 9.16 20.07 17.58
N CYS C 82 8.92 20.97 16.63
CA CYS C 82 9.04 22.39 16.86
C CYS C 82 8.00 22.86 17.86
N ALA C 83 8.40 23.76 18.77
CA ALA C 83 7.52 24.26 19.82
C ALA C 83 6.53 25.28 19.32
N HIS C 84 6.62 25.67 18.04
CA HIS C 84 5.62 26.56 17.46
C HIS C 84 4.39 25.75 17.07
N ARG C 85 4.41 25.09 15.88
CA ARG C 85 3.19 24.42 15.38
C ARG C 85 3.40 22.93 15.07
N GLY C 86 4.56 22.38 15.45
CA GLY C 86 4.64 20.96 15.55
C GLY C 86 5.54 20.33 14.48
N ALA C 87 6.17 21.15 13.61
CA ALA C 87 6.91 20.58 12.47
C ALA C 87 8.10 19.78 13.00
N LEU C 88 8.40 18.64 12.37
CA LEU C 88 9.74 18.09 12.55
C LEU C 88 10.79 19.22 12.52
N ILE C 89 11.77 19.22 13.40
CA ILE C 89 12.81 20.26 13.39
C ILE C 89 13.93 19.82 12.45
N ALA C 90 14.48 18.63 12.72
CA ALA C 90 15.52 18.04 11.89
C ALA C 90 14.93 17.06 10.86
N LEU C 91 15.26 17.22 9.57
CA LEU C 91 14.65 16.47 8.49
C LEU C 91 15.63 15.47 7.89
N GLU C 92 16.89 15.42 8.34
CA GLU C 92 17.84 14.47 7.78
C GLU C 92 17.99 13.28 8.74
N LYS C 93 18.25 12.07 8.17
CA LYS C 93 18.62 10.91 8.96
C LYS C 93 19.87 11.24 9.78
N SER C 94 20.81 11.95 9.18
CA SER C 94 22.04 12.32 9.88
C SER C 94 22.66 13.55 9.25
N GLY C 95 23.47 14.28 10.00
CA GLY C 95 24.20 15.41 9.44
C GLY C 95 24.92 16.19 10.52
N ARG C 96 25.20 17.46 10.21
CA ARG C 96 26.11 18.26 11.01
C ARG C 96 25.58 19.68 10.97
N THR C 97 25.37 20.23 12.17
CA THR C 97 24.70 21.50 12.26
C THR C 97 25.34 22.31 13.37
N ASP C 98 25.24 23.63 13.23
CA ASP C 98 25.53 24.59 14.27
C ASP C 98 24.32 24.67 15.21
N SER C 99 23.28 25.34 14.70
CA SER C 99 21.99 25.48 15.34
C SER C 99 21.02 24.61 14.57
N PHE C 100 19.93 24.16 15.21
CA PHE C 100 18.80 23.65 14.45
C PHE C 100 17.81 24.79 14.19
N GLN C 101 17.22 24.79 13.01
CA GLN C 101 16.19 25.77 12.70
C GLN C 101 15.07 25.07 11.96
N CYS C 102 13.88 25.12 12.52
CA CYS C 102 12.67 24.64 11.88
C CYS C 102 12.50 25.34 10.53
N VAL C 103 12.18 24.55 9.51
CA VAL C 103 12.13 25.05 8.15
C VAL C 103 10.90 25.93 7.99
N TYR C 104 9.92 25.91 8.91
CA TYR C 104 8.60 26.42 8.59
C TYR C 104 8.52 27.92 8.86
N HIS C 105 8.86 28.39 10.10
CA HIS C 105 8.91 29.81 10.42
C HIS C 105 10.25 30.24 11.06
N ALA C 106 11.31 29.49 10.77
CA ALA C 106 12.67 29.80 11.20
C ALA C 106 12.85 29.91 12.71
N TRP C 107 12.08 29.19 13.54
CA TRP C 107 12.47 29.14 14.94
C TRP C 107 13.77 28.39 15.07
N SER C 108 14.59 28.78 16.06
CA SER C 108 15.94 28.26 16.22
C SER C 108 16.11 27.57 17.55
N TYR C 109 17.03 26.63 17.55
CA TYR C 109 17.18 25.76 18.70
C TYR C 109 18.66 25.43 18.77
N ASN C 110 19.18 25.43 19.99
CA ASN C 110 20.53 24.96 20.26
C ASN C 110 20.48 23.42 20.36
N ARG C 111 21.68 22.89 20.63
CA ARG C 111 21.87 21.46 20.55
C ARG C 111 21.33 20.77 21.82
N GLN C 112 20.80 21.54 22.77
CA GLN C 112 20.11 20.86 23.84
C GLN C 112 18.61 20.83 23.57
N GLY C 113 18.22 21.46 22.45
CA GLY C 113 16.83 21.70 22.11
C GLY C 113 16.17 22.87 22.86
N ASP C 114 16.93 23.79 23.46
CA ASP C 114 16.25 24.98 23.96
C ASP C 114 15.89 25.87 22.78
N LEU C 115 14.72 26.52 22.87
CA LEU C 115 14.32 27.53 21.90
C LEU C 115 15.19 28.80 22.03
N THR C 116 15.96 29.15 20.98
CA THR C 116 16.86 30.27 21.09
C THR C 116 16.42 31.49 20.28
N GLY C 117 15.49 31.31 19.32
CA GLY C 117 15.19 32.41 18.42
C GLY C 117 13.80 32.23 17.80
N VAL C 118 12.98 33.28 17.76
CA VAL C 118 11.68 33.20 17.13
C VAL C 118 11.68 34.26 16.03
N ALA C 119 11.45 33.88 14.77
CA ALA C 119 11.39 34.88 13.72
C ALA C 119 10.36 35.98 14.04
N PHE C 120 10.85 37.22 14.12
CA PHE C 120 10.03 38.41 14.29
C PHE C 120 9.41 38.42 15.67
N GLU C 121 10.19 37.94 16.66
CA GLU C 121 9.59 37.82 17.99
C GLU C 121 9.01 39.14 18.51
N LYS C 122 9.66 40.29 18.23
CA LYS C 122 9.22 41.57 18.75
C LYS C 122 8.64 42.43 17.63
N GLY C 123 8.14 41.78 16.56
CA GLY C 123 7.46 42.49 15.50
C GLY C 123 8.42 42.92 14.40
N VAL C 124 7.87 43.51 13.33
CA VAL C 124 8.58 44.25 12.28
C VAL C 124 7.95 45.64 12.21
N LYS C 125 8.78 46.68 12.09
CA LYS C 125 8.31 48.06 12.09
C LYS C 125 7.25 48.29 13.17
N GLY C 126 7.52 47.81 14.39
CA GLY C 126 6.72 48.10 15.57
C GLY C 126 5.38 47.36 15.63
N GLN C 127 5.09 46.55 14.61
CA GLN C 127 3.81 45.86 14.55
C GLN C 127 3.98 44.35 14.79
N GLY C 128 2.99 43.76 15.48
CA GLY C 128 2.90 42.31 15.60
C GLY C 128 3.95 41.72 16.55
N GLY C 129 4.33 40.47 16.24
CA GLY C 129 5.18 39.68 17.12
C GLY C 129 4.43 39.14 18.34
N MET C 130 5.20 38.64 19.31
CA MET C 130 4.67 37.86 20.42
C MET C 130 4.14 38.81 21.48
N PRO C 131 3.17 38.38 22.31
CA PRO C 131 2.82 39.12 23.52
C PRO C 131 3.98 39.07 24.51
N ALA C 132 3.96 39.95 25.53
CA ALA C 132 5.02 39.94 26.54
C ALA C 132 5.04 38.60 27.33
N SER C 133 3.94 37.87 27.32
CA SER C 133 3.77 36.72 28.17
C SER C 133 4.45 35.51 27.55
N PHE C 134 4.94 35.69 26.31
CA PHE C 134 5.60 34.60 25.63
C PHE C 134 7.07 34.70 25.99
N CYS C 135 7.58 33.66 26.63
CA CYS C 135 8.97 33.61 27.04
CA CYS C 135 8.96 33.57 27.10
C CYS C 135 9.60 32.36 26.42
N LYS C 136 10.71 32.55 25.68
CA LYS C 136 11.32 31.48 24.89
C LYS C 136 11.71 30.29 25.77
N GLU C 137 12.13 30.57 27.02
CA GLU C 137 12.55 29.55 27.94
C GLU C 137 11.37 28.68 28.37
N GLU C 138 10.14 29.10 28.19
CA GLU C 138 9.02 28.27 28.61
C GLU C 138 8.48 27.41 27.46
N HIS C 139 9.17 27.44 26.32
CA HIS C 139 8.59 26.82 25.15
C HIS C 139 9.66 26.05 24.41
N GLY C 140 9.69 24.72 24.56
CA GLY C 140 10.58 23.94 23.72
C GLY C 140 10.07 22.52 23.56
N PRO C 141 10.71 21.69 22.70
CA PRO C 141 10.36 20.28 22.58
C PRO C 141 10.71 19.70 23.94
N ARG C 142 10.15 18.53 24.27
CA ARG C 142 10.57 17.77 25.45
C ARG C 142 12.00 17.27 25.31
N LYS C 143 12.78 17.51 26.34
CA LYS C 143 14.15 17.04 26.37
C LYS C 143 14.21 15.63 26.93
N LEU C 144 15.15 14.81 26.44
CA LEU C 144 15.33 13.52 27.07
C LEU C 144 16.51 13.60 28.04
N ARG C 145 16.43 12.86 29.14
CA ARG C 145 17.67 12.53 29.83
C ARG C 145 18.47 11.62 28.89
N VAL C 146 19.81 11.75 28.91
CA VAL C 146 20.70 10.97 28.07
C VAL C 146 21.64 10.17 28.97
N ALA C 147 21.85 8.91 28.64
CA ALA C 147 22.87 8.11 29.28
C ALA C 147 23.69 7.41 28.21
N VAL C 148 25.01 7.43 28.43
CA VAL C 148 25.97 6.67 27.65
C VAL C 148 26.55 5.53 28.47
N PHE C 149 26.45 4.29 27.95
CA PHE C 149 27.01 3.11 28.62
C PHE C 149 27.75 2.30 27.55
N CYS C 150 29.08 2.30 27.65
CA CYS C 150 29.94 1.58 26.73
C CYS C 150 29.71 2.05 25.29
N GLY C 151 29.49 3.37 25.12
CA GLY C 151 29.28 3.93 23.80
C GLY C 151 27.82 3.85 23.31
N LEU C 152 26.95 3.06 23.96
CA LEU C 152 25.53 2.99 23.63
C LEU C 152 24.88 4.23 24.22
N VAL C 153 24.17 5.01 23.38
CA VAL C 153 23.48 6.22 23.81
C VAL C 153 21.99 5.88 23.97
N PHE C 154 21.45 6.11 25.17
CA PHE C 154 20.05 5.88 25.49
C PHE C 154 19.43 7.17 25.99
N GLY C 155 18.11 7.31 25.72
CA GLY C 155 17.32 8.44 26.17
C GLY C 155 16.06 8.03 26.94
N SER C 156 15.63 8.91 27.87
CA SER C 156 14.42 8.70 28.62
C SER C 156 13.70 10.03 28.73
N PHE C 157 12.34 9.97 28.72
CA PHE C 157 11.47 11.12 29.00
C PHE C 157 11.35 11.39 30.50
N SER C 158 11.70 10.40 31.33
CA SER C 158 11.32 10.45 32.72
C SER C 158 12.49 10.89 33.61
N GLU C 159 12.24 11.86 34.49
CA GLU C 159 13.25 12.21 35.48
C GLU C 159 13.36 11.13 36.55
N ASP C 160 12.38 10.21 36.66
CA ASP C 160 12.43 9.17 37.69
C ASP C 160 13.05 7.83 37.28
N VAL C 161 13.44 7.62 36.01
CA VAL C 161 14.03 6.32 35.68
C VAL C 161 15.35 6.19 36.44
N PRO C 162 15.72 4.98 36.93
CA PRO C 162 17.03 4.78 37.55
C PRO C 162 18.12 5.12 36.55
N SER C 163 19.31 5.38 37.11
CA SER C 163 20.51 5.56 36.32
C SER C 163 20.68 4.31 35.47
N ILE C 164 21.44 4.43 34.37
CA ILE C 164 21.47 3.34 33.42
C ILE C 164 22.08 2.08 34.05
N GLU C 165 23.17 2.21 34.82
CA GLU C 165 23.80 1.04 35.43
C GLU C 165 22.79 0.33 36.32
N ASP C 166 22.00 1.08 37.10
CA ASP C 166 20.99 0.49 37.95
C ASP C 166 19.81 -0.12 37.18
N TYR C 167 19.41 0.49 36.06
CA TYR C 167 18.28 0.06 35.23
C TYR C 167 18.65 -1.30 34.63
N LEU C 168 19.92 -1.40 34.18
CA LEU C 168 20.45 -2.59 33.55
C LEU C 168 20.65 -3.69 34.58
N GLY C 169 21.28 -3.36 35.72
CA GLY C 169 21.66 -4.34 36.72
C GLY C 169 23.02 -4.99 36.41
N PRO C 170 23.62 -5.69 37.42
CA PRO C 170 25.04 -6.09 37.32
C PRO C 170 25.35 -7.11 36.23
N GLU C 171 24.51 -8.16 36.13
CA GLU C 171 24.67 -9.22 35.13
C GLU C 171 24.70 -8.63 33.72
N ILE C 172 23.71 -7.81 33.36
CA ILE C 172 23.65 -7.16 32.05
C ILE C 172 24.82 -6.19 31.84
N CYS C 173 25.09 -5.26 32.77
CA CYS C 173 26.26 -4.40 32.59
C CYS C 173 27.52 -5.16 32.19
N GLU C 174 27.86 -6.23 32.94
CA GLU C 174 29.12 -6.92 32.68
C GLU C 174 29.13 -7.54 31.29
N ARG C 175 27.98 -8.09 30.87
CA ARG C 175 27.94 -8.72 29.56
C ARG C 175 27.93 -7.71 28.41
N ILE C 176 27.37 -6.51 28.62
CA ILE C 176 27.55 -5.47 27.62
C ILE C 176 29.04 -5.13 27.53
N GLU C 177 29.65 -4.91 28.71
CA GLU C 177 31.08 -4.61 28.84
C GLU C 177 31.95 -5.68 28.18
N ARG C 178 31.60 -6.95 28.30
CA ARG C 178 32.42 -7.99 27.70
C ARG C 178 32.46 -7.84 26.17
N VAL C 179 31.35 -7.45 25.52
CA VAL C 179 31.49 -7.27 24.09
C VAL C 179 31.95 -5.87 23.72
N LEU C 180 31.47 -4.86 24.45
CA LEU C 180 31.78 -3.50 24.02
C LEU C 180 32.96 -2.98 24.82
N HIS C 181 34.16 -3.59 24.60
CA HIS C 181 35.28 -3.40 25.52
C HIS C 181 36.40 -2.54 24.93
N LYS C 182 36.29 -2.19 23.65
CA LYS C 182 37.30 -1.39 22.96
C LYS C 182 36.63 -0.79 21.73
N PRO C 183 37.24 0.24 21.08
CA PRO C 183 36.50 1.01 20.06
C PRO C 183 35.89 0.05 19.05
N VAL C 184 34.65 0.37 18.66
CA VAL C 184 33.99 -0.34 17.57
C VAL C 184 33.88 0.60 16.39
N GLU C 185 33.53 0.02 15.23
CA GLU C 185 33.38 0.67 13.95
C GLU C 185 32.10 0.11 13.26
N VAL C 186 31.24 0.98 12.75
CA VAL C 186 30.03 0.52 12.07
C VAL C 186 30.43 -0.02 10.70
N ILE C 187 29.99 -1.22 10.35
CA ILE C 187 30.42 -1.74 9.06
C ILE C 187 29.24 -2.00 8.13
N GLY C 188 28.03 -1.53 8.47
CA GLY C 188 26.82 -1.96 7.79
C GLY C 188 25.56 -1.49 8.56
N ARG C 189 24.58 -0.90 7.84
CA ARG C 189 23.24 -0.70 8.38
C ARG C 189 22.21 -1.26 7.42
N PHE C 190 21.20 -1.91 7.98
CA PHE C 190 20.09 -2.45 7.22
C PHE C 190 18.82 -2.38 8.07
N THR C 191 17.66 -2.16 7.43
CA THR C 191 16.46 -2.23 8.24
C THR C 191 15.56 -3.33 7.73
N GLN C 192 14.91 -3.98 8.69
CA GLN C 192 13.96 -5.04 8.39
C GLN C 192 12.59 -4.54 8.85
N LYS C 193 11.63 -4.46 7.95
CA LYS C 193 10.27 -4.17 8.37
C LYS C 193 9.60 -5.46 8.88
N LEU C 194 9.04 -5.48 10.10
CA LEU C 194 8.47 -6.73 10.59
C LEU C 194 6.97 -6.70 10.43
N PRO C 195 6.30 -7.75 9.91
CA PRO C 195 4.84 -7.72 9.79
C PRO C 195 4.19 -8.24 11.07
N ASN C 196 4.60 -7.74 12.23
CA ASN C 196 3.89 -8.01 13.50
C ASN C 196 3.99 -6.83 14.47
N ASN C 197 3.10 -6.89 15.48
CA ASN C 197 3.25 -6.06 16.68
C ASN C 197 4.68 -6.15 17.24
N TRP C 198 5.26 -5.01 17.65
CA TRP C 198 6.61 -4.98 18.19
C TRP C 198 6.89 -6.09 19.21
N LYS C 199 5.89 -6.45 20.06
CA LYS C 199 6.06 -7.34 21.20
C LYS C 199 6.37 -8.79 20.78
N LEU C 200 5.75 -9.28 19.70
CA LEU C 200 6.09 -10.60 19.15
C LEU C 200 7.57 -10.74 18.82
N TYR C 201 8.20 -9.65 18.31
CA TYR C 201 9.63 -9.69 18.02
C TYR C 201 10.46 -9.65 19.32
N PHE C 202 10.07 -8.81 20.30
CA PHE C 202 10.90 -8.70 21.50
C PHE C 202 10.81 -10.00 22.32
N GLU C 203 9.60 -10.61 22.32
CA GLU C 203 9.44 -11.92 22.93
C GLU C 203 10.36 -12.92 22.21
N ASN C 204 10.33 -12.91 20.88
CA ASN C 204 11.09 -13.84 20.08
C ASN C 204 12.57 -13.73 20.43
N VAL C 205 13.05 -12.48 20.63
CA VAL C 205 14.49 -12.38 20.81
C VAL C 205 14.85 -12.94 22.19
N LYS C 206 13.90 -12.94 23.12
CA LYS C 206 14.11 -13.48 24.45
C LYS C 206 13.90 -15.00 24.45
N ASP C 207 13.40 -15.57 23.35
CA ASP C 207 12.80 -16.88 23.41
C ASP C 207 13.86 -17.96 23.18
N SER C 208 14.56 -18.39 24.22
CA SER C 208 15.61 -19.37 23.99
C SER C 208 15.02 -20.71 23.53
N TYR C 209 13.76 -20.99 23.90
CA TYR C 209 13.06 -22.22 23.53
C TYR C 209 13.13 -22.52 22.02
N HIS C 210 13.05 -21.49 21.16
CA HIS C 210 12.96 -21.81 19.74
C HIS C 210 14.33 -22.05 19.07
N ALA C 211 15.45 -21.71 19.74
CA ALA C 211 16.79 -21.66 19.17
C ALA C 211 17.13 -22.84 18.23
N SER C 212 16.83 -24.09 18.62
CA SER C 212 17.23 -25.24 17.80
C SER C 212 16.04 -25.94 17.15
N LEU C 213 14.85 -25.31 17.23
CA LEU C 213 13.60 -25.82 16.66
C LEU C 213 13.20 -25.04 15.42
N LEU C 214 13.06 -23.72 15.52
CA LEU C 214 12.78 -22.89 14.35
C LEU C 214 13.95 -22.83 13.36
N HIS C 215 15.17 -22.67 13.92
CA HIS C 215 16.36 -22.44 13.10
C HIS C 215 17.02 -23.77 12.86
N MET C 216 16.87 -24.31 11.64
CA MET C 216 17.28 -25.67 11.37
C MET C 216 18.65 -25.68 10.70
N PHE C 217 19.13 -24.50 10.30
CA PHE C 217 20.39 -24.38 9.59
C PHE C 217 21.50 -25.22 10.25
N PHE C 218 21.74 -25.03 11.55
CA PHE C 218 22.82 -25.75 12.18
C PHE C 218 22.61 -27.26 12.12
N THR C 219 21.43 -27.76 12.49
CA THR C 219 21.18 -29.20 12.43
C THR C 219 21.22 -29.73 11.00
N THR C 220 21.00 -28.90 9.98
CA THR C 220 20.91 -29.43 8.63
C THR C 220 22.28 -29.74 8.01
N PHE C 221 23.28 -28.94 8.37
CA PHE C 221 24.58 -28.91 7.71
C PHE C 221 25.65 -29.35 8.69
N GLU C 222 25.21 -29.76 9.89
CA GLU C 222 26.08 -30.30 10.92
C GLU C 222 26.71 -31.58 10.40
N LEU C 223 28.04 -31.69 10.51
CA LEU C 223 28.64 -33.01 10.54
C LEU C 223 29.37 -33.23 11.89
N ASN C 224 30.33 -32.37 12.25
CA ASN C 224 31.14 -32.67 13.43
C ASN C 224 31.13 -31.51 14.43
N ARG C 225 29.97 -31.28 15.07
CA ARG C 225 29.79 -30.15 15.97
C ARG C 225 29.93 -30.57 17.44
N LEU C 226 30.96 -30.03 18.11
CA LEU C 226 31.22 -30.26 19.53
C LEU C 226 30.13 -29.59 20.36
N SER C 227 29.60 -30.27 21.39
CA SER C 227 28.35 -29.86 22.00
C SER C 227 28.54 -28.90 23.19
N GLN C 228 27.48 -28.12 23.46
CA GLN C 228 27.63 -26.93 24.28
C GLN C 228 26.59 -26.90 25.39
N LYS C 229 26.96 -26.20 26.48
CA LYS C 229 26.10 -25.74 27.56
C LYS C 229 25.44 -24.42 27.17
N GLY C 230 24.10 -24.36 27.31
CA GLY C 230 23.24 -23.18 27.07
C GLY C 230 22.46 -22.72 28.32
N GLY C 231 22.33 -21.39 28.49
CA GLY C 231 21.63 -20.82 29.62
C GLY C 231 21.00 -19.45 29.32
N VAL C 232 20.28 -18.92 30.30
CA VAL C 232 19.52 -17.70 30.24
C VAL C 232 19.65 -16.93 31.54
N ILE C 233 19.99 -15.66 31.42
CA ILE C 233 19.97 -14.76 32.55
C ILE C 233 18.82 -13.78 32.36
N VAL C 234 18.12 -13.44 33.45
CA VAL C 234 17.07 -12.43 33.49
C VAL C 234 17.39 -11.46 34.64
N ASP C 235 17.45 -10.14 34.39
CA ASP C 235 17.69 -9.16 35.47
C ASP C 235 16.49 -9.17 36.40
N GLU C 236 16.58 -8.44 37.54
CA GLU C 236 15.54 -8.59 38.53
C GLU C 236 14.24 -7.95 38.07
N SER C 237 14.31 -6.89 37.22
CA SER C 237 13.12 -6.29 36.63
C SER C 237 12.36 -7.32 35.78
N GLY C 238 13.08 -8.32 35.24
CA GLY C 238 12.54 -9.25 34.25
C GLY C 238 12.62 -8.69 32.82
N GLY C 239 12.93 -7.39 32.66
CA GLY C 239 12.80 -6.76 31.35
C GLY C 239 13.98 -7.08 30.44
N HIS C 240 15.12 -7.50 31.04
CA HIS C 240 16.39 -7.61 30.33
C HIS C 240 16.89 -9.05 30.41
N HIS C 241 17.58 -9.56 29.36
CA HIS C 241 18.04 -10.95 29.36
C HIS C 241 19.35 -11.14 28.59
N VAL C 242 20.00 -12.30 28.76
CA VAL C 242 21.11 -12.78 27.96
C VAL C 242 20.84 -14.27 27.72
N SER C 243 20.86 -14.70 26.45
CA SER C 243 20.96 -16.08 26.03
C SER C 243 22.40 -16.35 25.67
N TYR C 244 22.88 -17.54 26.03
CA TYR C 244 24.28 -17.85 25.80
C TYR C 244 24.44 -19.33 25.54
N SER C 245 25.53 -19.60 24.83
CA SER C 245 25.99 -20.91 24.45
C SER C 245 27.51 -20.91 24.57
N MET C 246 28.11 -22.02 25.02
CA MET C 246 29.56 -22.05 25.17
C MET C 246 30.16 -23.42 24.80
N SER C 263 39.32 -34.74 16.52
CA SER C 263 38.58 -33.67 15.80
C SER C 263 39.30 -32.33 16.02
N ASP C 264 38.71 -31.47 16.86
CA ASP C 264 39.12 -30.08 17.07
C ASP C 264 38.43 -29.17 16.05
N ASN C 265 37.99 -29.74 14.91
CA ASN C 265 37.40 -28.98 13.82
C ASN C 265 35.91 -29.31 13.67
N GLU C 266 35.09 -28.26 13.69
CA GLU C 266 33.68 -28.32 13.35
C GLU C 266 33.56 -28.56 11.84
N ARG C 267 32.71 -29.49 11.42
CA ARG C 267 32.62 -29.87 10.01
C ARG C 267 31.18 -29.73 9.51
N TYR C 268 31.02 -29.24 8.27
CA TYR C 268 29.73 -28.86 7.74
C TYR C 268 29.61 -29.22 6.27
N ARG C 269 28.52 -29.92 5.91
CA ARG C 269 28.15 -30.34 4.56
C ARG C 269 27.96 -29.12 3.65
N LEU C 270 28.87 -28.15 3.80
CA LEU C 270 28.92 -26.92 3.04
C LEU C 270 30.10 -27.00 2.09
N LYS C 271 29.87 -26.64 0.83
CA LYS C 271 30.95 -26.45 -0.12
C LYS C 271 32.01 -25.50 0.46
N ASP C 272 31.63 -24.36 1.06
CA ASP C 272 32.62 -23.44 1.60
C ASP C 272 32.45 -23.26 3.13
N PRO C 273 33.07 -24.13 3.97
CA PRO C 273 33.03 -23.99 5.43
C PRO C 273 33.65 -22.72 6.01
N SER C 274 34.34 -21.92 5.17
CA SER C 274 34.88 -20.65 5.63
C SER C 274 33.78 -19.78 6.23
N LEU C 275 32.59 -19.72 5.57
CA LEU C 275 31.38 -19.19 6.18
C LEU C 275 31.42 -19.26 7.71
N LEU C 276 31.86 -20.39 8.28
CA LEU C 276 31.69 -20.66 9.71
C LEU C 276 33.00 -20.74 10.50
N GLU C 277 34.14 -20.37 9.92
CA GLU C 277 35.39 -20.46 10.66
C GLU C 277 35.75 -19.10 11.23
N GLY C 278 36.10 -19.05 12.52
CA GLY C 278 36.58 -17.80 13.08
C GLY C 278 37.77 -17.94 14.02
N PHE C 279 38.00 -16.92 14.85
CA PHE C 279 39.19 -16.85 15.70
C PHE C 279 38.76 -16.56 17.13
N GLU C 280 39.51 -17.06 18.12
CA GLU C 280 39.19 -16.75 19.51
C GLU C 280 39.46 -15.26 19.74
N GLU C 281 38.57 -14.57 20.48
CA GLU C 281 38.76 -13.16 20.78
C GLU C 281 38.17 -12.74 22.13
N PHE C 282 37.34 -13.58 22.77
CA PHE C 282 36.78 -13.09 24.02
C PHE C 282 37.53 -13.59 25.25
N GLU C 283 38.58 -14.39 25.02
CA GLU C 283 39.27 -15.11 26.08
C GLU C 283 38.18 -15.81 26.88
N ASP C 284 37.21 -16.41 26.17
CA ASP C 284 35.94 -16.62 26.81
C ASP C 284 35.46 -18.06 26.71
N GLY C 285 35.38 -18.63 25.51
CA GLY C 285 34.60 -19.84 25.29
C GLY C 285 33.11 -19.61 24.96
N VAL C 286 32.55 -18.42 25.28
CA VAL C 286 31.14 -18.23 24.95
C VAL C 286 31.03 -17.93 23.45
N THR C 287 30.30 -18.77 22.73
CA THR C 287 30.24 -18.67 21.27
C THR C 287 29.02 -17.85 20.83
N LEU C 288 28.04 -17.70 21.72
CA LEU C 288 26.81 -16.96 21.42
C LEU C 288 26.38 -16.26 22.71
N GLN C 289 26.27 -14.94 22.58
CA GLN C 289 25.73 -14.11 23.65
C GLN C 289 24.75 -13.14 23.01
N ILE C 290 23.47 -13.31 23.37
CA ILE C 290 22.41 -12.45 22.88
C ILE C 290 21.81 -11.77 24.09
N LEU C 291 21.88 -10.43 24.10
CA LEU C 291 21.46 -9.61 25.22
C LEU C 291 20.40 -8.56 24.83
N SER C 292 19.29 -8.52 25.60
CA SER C 292 18.19 -7.60 25.38
C SER C 292 18.02 -6.67 26.58
N VAL C 293 17.59 -5.43 26.32
CA VAL C 293 17.31 -4.42 27.31
C VAL C 293 15.96 -3.80 26.94
N PHE C 294 14.95 -3.94 27.80
CA PHE C 294 13.67 -3.27 27.76
C PHE C 294 13.78 -1.79 27.30
N PRO C 295 12.89 -1.29 26.37
CA PRO C 295 11.93 -2.16 25.71
C PRO C 295 12.28 -2.56 24.27
N GLY C 296 13.52 -2.39 23.83
CA GLY C 296 13.72 -2.56 22.40
C GLY C 296 15.18 -2.55 21.94
N PHE C 297 16.14 -2.91 22.79
CA PHE C 297 17.53 -2.87 22.33
C PHE C 297 18.08 -4.29 22.38
N VAL C 298 18.87 -4.68 21.35
CA VAL C 298 19.64 -5.91 21.37
C VAL C 298 21.12 -5.68 21.03
N LEU C 299 22.01 -6.28 21.85
CA LEU C 299 23.41 -6.47 21.51
C LEU C 299 23.69 -7.95 21.26
N GLN C 300 24.26 -8.34 20.11
CA GLN C 300 24.57 -9.75 19.93
C GLN C 300 26.06 -9.98 19.56
N GLN C 301 26.55 -11.17 19.96
CA GLN C 301 27.82 -11.76 19.58
C GLN C 301 27.56 -13.21 19.17
N ILE C 302 27.71 -13.50 17.89
CA ILE C 302 27.51 -14.86 17.36
C ILE C 302 28.83 -15.20 16.68
N GLN C 303 29.68 -16.01 17.37
CA GLN C 303 31.09 -16.18 17.07
C GLN C 303 31.75 -14.82 16.98
N ASN C 304 32.15 -14.40 15.75
CA ASN C 304 32.81 -13.12 15.55
C ASN C 304 31.89 -12.04 14.95
N SER C 305 30.61 -12.38 14.75
CA SER C 305 29.62 -11.45 14.19
C SER C 305 29.06 -10.61 15.33
N ILE C 306 29.37 -9.31 15.38
CA ILE C 306 28.85 -8.46 16.44
C ILE C 306 27.79 -7.54 15.82
N ALA C 307 26.65 -7.37 16.54
CA ALA C 307 25.68 -6.41 16.07
C ALA C 307 24.82 -5.85 17.22
N VAL C 308 24.26 -4.67 16.95
CA VAL C 308 23.23 -4.05 17.75
C VAL C 308 21.95 -3.97 16.92
N ARG C 309 20.79 -4.07 17.60
CA ARG C 309 19.50 -3.93 16.93
C ARG C 309 18.67 -2.99 17.78
N GLN C 310 17.85 -2.14 17.11
CA GLN C 310 16.92 -1.21 17.72
C GLN C 310 15.50 -1.58 17.24
N LEU C 311 14.59 -1.88 18.16
CA LEU C 311 13.30 -2.32 17.69
C LEU C 311 12.29 -1.20 17.96
N LEU C 312 11.53 -0.80 16.95
CA LEU C 312 10.59 0.29 17.08
C LEU C 312 9.19 -0.17 16.64
N PRO C 313 8.13 0.22 17.42
CA PRO C 313 6.75 -0.09 17.09
C PRO C 313 6.44 0.81 15.89
N LYS C 314 5.53 0.33 14.99
CA LYS C 314 5.13 1.23 13.92
C LYS C 314 3.59 1.39 13.81
N SER C 315 2.84 0.30 13.82
CA SER C 315 1.39 0.37 13.86
C SER C 315 1.07 -0.80 14.76
N ILE C 316 -0.22 -1.08 14.95
CA ILE C 316 -0.56 -2.14 15.89
C ILE C 316 -0.02 -3.50 15.39
N SER C 317 0.27 -3.57 14.10
CA SER C 317 0.43 -4.77 13.32
C SER C 317 1.82 -4.82 12.71
N SER C 318 2.66 -3.78 12.92
CA SER C 318 3.98 -3.76 12.32
C SER C 318 5.01 -3.04 13.20
N SER C 319 6.27 -3.35 12.91
CA SER C 319 7.33 -2.71 13.65
C SER C 319 8.54 -2.71 12.73
N GLU C 320 9.64 -2.19 13.30
CA GLU C 320 10.85 -2.00 12.53
C GLU C 320 12.07 -2.47 13.33
N LEU C 321 12.93 -3.25 12.67
CA LEU C 321 14.16 -3.71 13.29
C LEU C 321 15.35 -3.05 12.55
N ASN C 322 16.07 -2.14 13.24
CA ASN C 322 17.21 -1.40 12.69
C ASN C 322 18.52 -2.09 13.07
N TRP C 323 19.29 -2.63 12.12
CA TRP C 323 20.48 -3.37 12.50
C TRP C 323 21.72 -2.50 12.36
N THR C 324 22.65 -2.53 13.32
CA THR C 324 23.96 -1.89 13.10
C THR C 324 25.02 -2.97 13.26
N TYR C 325 25.67 -3.40 12.14
CA TYR C 325 26.76 -4.36 12.20
C TYR C 325 28.08 -3.70 12.62
N LEU C 326 28.87 -4.41 13.46
CA LEU C 326 30.07 -3.83 14.04
C LEU C 326 31.28 -4.72 13.78
N GLY C 327 32.43 -4.05 13.57
CA GLY C 327 33.70 -4.67 13.83
C GLY C 327 34.42 -3.88 14.91
N TYR C 328 35.66 -4.29 15.20
CA TYR C 328 36.47 -3.57 16.17
C TYR C 328 37.41 -2.68 15.39
N ALA C 329 37.74 -1.50 15.94
CA ALA C 329 38.61 -0.56 15.26
C ALA C 329 40.03 -1.13 15.03
N ASP C 330 40.44 -2.17 15.77
CA ASP C 330 41.75 -2.79 15.67
C ASP C 330 41.73 -3.99 14.72
N ASP C 331 40.58 -4.30 14.12
CA ASP C 331 40.50 -5.49 13.26
C ASP C 331 41.63 -5.42 12.24
N SER C 332 42.20 -6.57 11.95
CA SER C 332 43.05 -6.73 10.79
C SER C 332 42.15 -7.12 9.61
N ALA C 333 42.67 -6.97 8.39
CA ALA C 333 41.86 -7.16 7.21
C ALA C 333 41.26 -8.58 7.20
N GLU C 334 42.02 -9.54 7.77
CA GLU C 334 41.65 -10.95 7.80
C GLU C 334 40.48 -11.13 8.76
N GLN C 335 40.60 -10.50 9.95
CA GLN C 335 39.58 -10.60 10.98
C GLN C 335 38.30 -9.97 10.43
N ARG C 336 38.48 -8.82 9.77
CA ARG C 336 37.34 -8.11 9.26
C ARG C 336 36.57 -9.09 8.36
N LYS C 337 37.32 -9.78 7.50
CA LYS C 337 36.70 -10.58 6.46
C LYS C 337 35.91 -11.70 7.12
N VAL C 338 36.40 -12.21 8.26
CA VAL C 338 35.63 -13.17 9.04
C VAL C 338 34.26 -12.57 9.41
N ARG C 339 34.23 -11.37 9.99
CA ARG C 339 32.97 -10.73 10.36
C ARG C 339 32.05 -10.64 9.15
N LEU C 340 32.58 -10.15 8.01
CA LEU C 340 31.77 -9.95 6.81
C LEU C 340 31.16 -11.26 6.32
N LYS C 341 31.85 -12.36 6.60
CA LYS C 341 31.38 -13.65 6.16
C LYS C 341 30.35 -14.21 7.14
N GLN C 342 30.67 -14.12 8.45
CA GLN C 342 29.77 -14.62 9.46
C GLN C 342 28.43 -13.85 9.40
N ALA C 343 28.45 -12.58 8.92
CA ALA C 343 27.28 -11.72 8.82
C ALA C 343 26.16 -12.40 8.02
N ASN C 344 26.51 -13.35 7.13
CA ASN C 344 25.51 -14.10 6.42
C ASN C 344 24.60 -14.87 7.39
N LEU C 345 25.00 -15.06 8.67
CA LEU C 345 24.16 -15.75 9.65
C LEU C 345 23.00 -14.87 10.11
N ILE C 346 23.13 -13.54 10.01
CA ILE C 346 22.26 -12.58 10.65
C ILE C 346 21.59 -11.64 9.64
N GLY C 347 20.78 -10.68 10.14
CA GLY C 347 20.09 -9.74 9.25
C GLY C 347 18.94 -10.35 8.45
N PRO C 348 18.38 -9.58 7.50
CA PRO C 348 17.18 -9.97 6.77
C PRO C 348 17.29 -11.27 5.96
N ALA C 349 18.55 -11.70 5.67
CA ALA C 349 18.83 -12.89 4.86
C ALA C 349 19.73 -13.82 5.66
N GLY C 350 19.77 -13.60 6.98
CA GLY C 350 20.53 -14.48 7.86
C GLY C 350 20.06 -15.94 7.86
N PHE C 351 21.07 -16.83 7.89
CA PHE C 351 20.90 -18.27 7.93
C PHE C 351 20.11 -18.64 9.18
N ILE C 352 20.26 -17.80 10.21
CA ILE C 352 19.40 -17.79 11.38
C ILE C 352 18.36 -16.66 11.28
N SER C 353 18.82 -15.43 11.12
CA SER C 353 17.92 -14.31 11.33
C SER C 353 16.73 -14.26 10.37
N MET C 354 16.81 -14.84 9.15
CA MET C 354 15.67 -14.56 8.28
C MET C 354 14.39 -15.10 8.94
N GLU C 355 14.50 -16.15 9.75
CA GLU C 355 13.34 -16.84 10.28
C GLU C 355 12.72 -16.06 11.43
N ASP C 356 13.57 -15.41 12.23
CA ASP C 356 13.09 -14.56 13.31
C ASP C 356 12.21 -13.47 12.70
N GLY C 357 12.48 -13.10 11.45
CA GLY C 357 11.70 -12.04 10.83
C GLY C 357 10.26 -12.48 10.57
N ALA C 358 10.07 -13.72 10.15
CA ALA C 358 8.76 -14.13 9.64
C ALA C 358 7.85 -14.65 10.77
N VAL C 359 8.46 -15.27 11.79
CA VAL C 359 7.69 -16.04 12.78
C VAL C 359 6.71 -15.15 13.58
N GLY C 360 7.05 -13.89 13.93
CA GLY C 360 6.06 -13.02 14.57
C GLY C 360 4.79 -12.82 13.70
N GLY C 361 4.97 -12.77 12.35
CA GLY C 361 3.84 -12.59 11.44
C GLY C 361 2.97 -13.84 11.41
N PHE C 362 3.62 -15.02 11.54
CA PHE C 362 2.88 -16.26 11.70
C PHE C 362 1.96 -16.19 12.92
N VAL C 363 2.47 -15.61 14.03
CA VAL C 363 1.64 -15.47 15.22
C VAL C 363 0.54 -14.44 14.95
N GLN C 364 0.90 -13.28 14.42
CA GLN C 364 -0.07 -12.21 14.20
C GLN C 364 -1.24 -12.78 13.38
N ARG C 365 -0.96 -13.61 12.36
CA ARG C 365 -2.06 -14.14 11.54
C ARG C 365 -2.71 -15.38 12.17
N GLY C 366 -1.94 -16.31 12.82
CA GLY C 366 -2.62 -17.44 13.46
C GLY C 366 -3.67 -16.99 14.49
N ILE C 367 -3.51 -15.79 15.12
CA ILE C 367 -4.44 -15.43 16.20
C ILE C 367 -5.60 -14.60 15.68
N ALA C 368 -5.74 -14.45 14.37
CA ALA C 368 -6.81 -13.60 13.81
C ALA C 368 -8.18 -13.91 14.41
N GLY C 369 -8.47 -15.16 14.71
CA GLY C 369 -9.80 -15.42 15.21
C GLY C 369 -9.78 -15.59 16.73
N ALA C 370 -8.70 -15.20 17.42
CA ALA C 370 -8.45 -15.69 18.77
C ALA C 370 -8.13 -14.57 19.77
N ALA C 371 -8.67 -13.38 19.55
CA ALA C 371 -8.35 -12.24 20.39
C ALA C 371 -8.83 -12.43 21.83
N ASN C 372 -9.82 -13.28 22.04
CA ASN C 372 -10.29 -13.63 23.37
C ASN C 372 -9.46 -14.74 24.04
N LEU C 373 -8.47 -15.37 23.37
CA LEU C 373 -7.75 -16.49 23.96
C LEU C 373 -6.36 -16.07 24.50
N ASP C 374 -5.62 -17.06 25.02
CA ASP C 374 -4.34 -16.70 25.65
C ASP C 374 -3.23 -17.62 25.13
N ALA C 375 -2.04 -17.04 24.99
CA ALA C 375 -0.83 -17.81 24.81
C ALA C 375 -0.50 -18.60 26.08
N VAL C 376 0.13 -19.76 25.89
CA VAL C 376 0.50 -20.61 27.01
C VAL C 376 2.01 -20.59 27.14
N ILE C 377 2.53 -19.98 28.20
CA ILE C 377 3.97 -19.84 28.33
C ILE C 377 4.44 -20.45 29.67
N GLU C 378 4.65 -21.79 29.68
CA GLU C 378 4.79 -22.57 30.91
C GLU C 378 6.11 -23.33 30.98
N MET C 379 6.93 -23.26 29.92
CA MET C 379 8.24 -23.89 29.90
C MET C 379 9.14 -23.25 30.96
N GLY C 380 9.85 -24.14 31.66
CA GLY C 380 10.73 -23.78 32.75
C GLY C 380 10.01 -23.20 33.98
N GLY C 381 8.68 -23.43 34.13
CA GLY C 381 7.95 -23.11 35.36
C GLY C 381 7.00 -21.89 35.30
N ASP C 382 6.94 -21.10 36.37
CA ASP C 382 5.90 -20.08 36.49
C ASP C 382 6.52 -18.72 36.81
N HIS C 383 7.86 -18.61 36.78
CA HIS C 383 8.50 -17.37 37.21
C HIS C 383 9.44 -16.83 36.13
N GLU C 384 10.26 -15.84 36.51
CA GLU C 384 11.05 -15.02 35.61
C GLU C 384 12.50 -14.94 36.12
N GLY C 385 13.07 -16.05 36.63
CA GLY C 385 14.45 -16.01 37.10
C GLY C 385 15.42 -16.71 36.15
N SER C 386 16.72 -16.49 36.40
CA SER C 386 17.74 -17.08 35.56
C SER C 386 17.63 -18.62 35.50
N SER C 387 18.22 -19.27 34.49
CA SER C 387 18.05 -20.71 34.37
C SER C 387 19.13 -21.32 33.47
N GLU C 388 19.65 -22.49 33.85
CA GLU C 388 20.50 -23.22 32.91
C GLU C 388 19.57 -24.06 32.04
N GLY C 389 19.93 -24.22 30.75
CA GLY C 389 19.06 -24.92 29.82
C GLY C 389 18.20 -23.96 28.98
N ARG C 390 17.95 -24.36 27.73
CA ARG C 390 17.28 -23.56 26.71
C ARG C 390 15.78 -23.84 26.72
N ALA C 391 15.36 -24.93 27.38
CA ALA C 391 14.00 -25.43 27.38
C ALA C 391 13.16 -24.71 28.44
N THR C 392 13.20 -23.39 28.37
CA THR C 392 12.58 -22.51 29.34
C THR C 392 11.96 -21.32 28.60
N GLU C 393 10.94 -20.66 29.17
CA GLU C 393 10.40 -19.41 28.63
C GLU C 393 10.53 -18.29 29.67
N THR C 394 11.51 -18.45 30.57
CA THR C 394 11.64 -17.57 31.72
C THR C 394 11.87 -16.13 31.31
N SER C 395 12.72 -15.94 30.30
CA SER C 395 13.01 -14.60 29.80
C SER C 395 11.81 -14.00 29.06
N VAL C 396 10.98 -14.83 28.43
CA VAL C 396 9.70 -14.35 27.90
C VAL C 396 8.78 -13.88 29.02
N ARG C 397 8.52 -14.72 30.02
CA ARG C 397 7.64 -14.31 31.10
C ARG C 397 8.23 -13.06 31.77
N GLY C 398 9.56 -13.02 31.83
CA GLY C 398 10.31 -11.85 32.30
C GLY C 398 9.91 -10.56 31.60
N PHE C 399 9.88 -10.56 30.25
CA PHE C 399 9.39 -9.43 29.49
C PHE C 399 8.03 -8.95 30.01
N TRP C 400 7.10 -9.88 30.19
CA TRP C 400 5.75 -9.51 30.55
C TRP C 400 5.66 -9.02 32.01
N LYS C 401 6.56 -9.50 32.86
CA LYS C 401 6.62 -8.99 34.23
C LYS C 401 6.93 -7.51 34.16
N ALA C 402 7.98 -7.12 33.43
CA ALA C 402 8.35 -5.71 33.31
C ALA C 402 7.28 -4.93 32.56
N TYR C 403 6.68 -5.60 31.54
CA TYR C 403 5.64 -4.92 30.78
C TYR C 403 4.49 -4.55 31.72
N ARG C 404 3.95 -5.57 32.43
CA ARG C 404 2.74 -5.37 33.23
C ARG C 404 2.96 -4.35 34.35
N LYS C 405 4.21 -4.20 34.78
CA LYS C 405 4.60 -3.28 35.84
C LYS C 405 4.57 -1.84 35.31
N HIS C 406 5.18 -1.59 34.15
CA HIS C 406 5.08 -0.26 33.58
C HIS C 406 3.63 0.13 33.25
N MET C 407 2.83 -0.87 32.88
CA MET C 407 1.55 -0.62 32.23
C MET C 407 0.44 -0.53 33.28
N GLY C 408 0.71 -0.94 34.54
CA GLY C 408 -0.34 -0.96 35.56
C GLY C 408 -1.30 -2.12 35.34
N GLN C 409 -0.79 -3.31 34.90
CA GLN C 409 -1.65 -4.46 34.61
C GLN C 409 -1.28 -5.63 35.49
N GLU C 410 -0.57 -5.37 36.60
CA GLU C 410 -0.27 -6.43 37.56
C GLU C 410 -1.53 -6.86 38.30
N MET C 411 -1.55 -8.13 38.72
CA MET C 411 -2.62 -8.69 39.54
C MET C 411 -2.07 -9.19 40.88
N GLN C 412 -2.87 -9.03 41.95
CA GLN C 412 -2.64 -9.69 43.23
C GLN C 412 -2.82 -11.21 43.06
N ALA C 413 -1.97 -11.98 43.76
CA ALA C 413 -2.02 -13.44 43.70
C ALA C 413 -2.87 -13.98 44.86
N MET D 1 34.75 -7.87 -28.18
CA MET D 1 34.22 -6.76 -27.34
C MET D 1 32.93 -7.21 -26.66
N ILE D 2 32.81 -6.86 -25.37
CA ILE D 2 31.57 -7.00 -24.60
C ILE D 2 30.78 -5.73 -24.82
N HIS D 3 29.52 -5.86 -25.28
CA HIS D 3 28.61 -4.75 -25.47
C HIS D 3 27.32 -4.96 -24.63
N GLU D 4 26.41 -3.97 -24.72
CA GLU D 4 25.28 -3.78 -23.82
C GLU D 4 24.29 -4.93 -23.99
N ILE D 5 24.29 -5.54 -25.17
CA ILE D 5 23.25 -6.51 -25.43
C ILE D 5 23.72 -7.92 -25.05
N GLN D 6 25.02 -8.17 -25.12
CA GLN D 6 25.44 -9.40 -24.49
C GLN D 6 25.07 -9.36 -23.00
N ILE D 7 25.34 -8.22 -22.32
CA ILE D 7 25.05 -8.08 -20.91
C ILE D 7 23.55 -8.22 -20.67
N ALA D 8 22.71 -7.52 -21.45
CA ALA D 8 21.27 -7.58 -21.21
C ALA D 8 20.70 -9.01 -21.40
N ALA D 9 21.31 -9.82 -22.26
CA ALA D 9 20.75 -11.16 -22.50
C ALA D 9 21.20 -12.07 -21.35
N PHE D 10 22.45 -11.85 -20.92
CA PHE D 10 22.99 -12.39 -19.69
C PHE D 10 22.10 -12.05 -18.49
N ASN D 11 21.72 -10.77 -18.32
CA ASN D 11 20.85 -10.35 -17.22
C ASN D 11 19.49 -11.08 -17.34
N ALA D 12 18.97 -11.20 -18.57
CA ALA D 12 17.68 -11.83 -18.73
C ALA D 12 17.77 -13.31 -18.33
N ALA D 13 18.92 -13.97 -18.59
CA ALA D 13 19.03 -15.37 -18.18
C ALA D 13 19.17 -15.46 -16.66
N TYR D 14 20.01 -14.58 -16.08
CA TYR D 14 20.12 -14.41 -14.64
C TYR D 14 18.72 -14.32 -13.95
N ALA D 15 17.86 -13.38 -14.39
CA ALA D 15 16.58 -13.06 -13.79
C ALA D 15 15.64 -14.24 -13.94
N LYS D 16 15.73 -14.85 -15.13
CA LYS D 16 14.85 -15.96 -15.45
C LYS D 16 15.16 -17.08 -14.47
N THR D 17 16.44 -17.28 -14.16
CA THR D 17 16.80 -18.35 -13.25
C THR D 17 16.17 -18.12 -11.88
N ILE D 18 16.21 -16.88 -11.38
CA ILE D 18 15.67 -16.64 -10.06
C ILE D 18 14.15 -16.62 -10.11
N ASP D 19 13.58 -15.99 -11.14
CA ASP D 19 12.14 -15.74 -11.12
C ASP D 19 11.37 -17.05 -11.25
N SER D 20 11.90 -17.97 -12.08
CA SER D 20 11.39 -19.32 -12.27
C SER D 20 11.91 -20.30 -11.19
N ASP D 21 12.73 -19.83 -10.24
CA ASP D 21 13.07 -20.65 -9.10
C ASP D 21 13.79 -21.91 -9.57
N VAL D 22 14.63 -21.75 -10.59
CA VAL D 22 15.56 -22.79 -10.99
C VAL D 22 16.89 -22.47 -10.31
N MET D 23 16.84 -22.38 -8.97
CA MET D 23 17.86 -21.67 -8.22
C MET D 23 19.17 -22.47 -8.18
N GLU D 24 19.13 -23.76 -8.55
CA GLU D 24 20.39 -24.48 -8.58
C GLU D 24 21.36 -23.92 -9.62
N GLN D 25 20.87 -23.20 -10.65
CA GLN D 25 21.69 -22.62 -11.71
C GLN D 25 22.26 -21.24 -11.36
N TRP D 26 21.76 -20.59 -10.31
CA TRP D 26 22.12 -19.19 -10.12
C TRP D 26 23.64 -19.09 -9.95
N PRO D 27 24.27 -19.94 -9.10
CA PRO D 27 25.70 -19.84 -8.84
C PRO D 27 26.60 -19.96 -10.09
N THR D 28 26.06 -20.54 -11.19
CA THR D 28 26.83 -20.76 -12.42
C THR D 28 26.96 -19.50 -13.28
N PHE D 29 26.25 -18.44 -12.92
CA PHE D 29 26.46 -17.17 -13.59
C PHE D 29 27.79 -16.56 -13.13
N PHE D 30 28.46 -17.23 -12.18
CA PHE D 30 29.54 -16.58 -11.45
C PHE D 30 30.85 -17.35 -11.58
N THR D 31 31.99 -16.64 -11.44
CA THR D 31 33.28 -17.34 -11.47
C THR D 31 33.49 -18.01 -10.12
N LYS D 32 34.46 -18.96 -10.06
CA LYS D 32 34.72 -19.70 -8.84
C LYS D 32 35.14 -18.77 -7.72
N ASP D 33 35.73 -17.63 -8.10
CA ASP D 33 36.43 -16.71 -7.22
C ASP D 33 35.66 -15.39 -7.08
N CYS D 34 34.39 -15.37 -7.47
CA CYS D 34 33.54 -14.17 -7.50
C CYS D 34 33.38 -13.49 -6.14
N HIS D 35 32.96 -12.22 -6.23
CA HIS D 35 32.29 -11.45 -5.17
C HIS D 35 30.83 -11.21 -5.57
N TYR D 36 29.93 -11.49 -4.61
CA TYR D 36 28.53 -11.11 -4.68
C TYR D 36 28.14 -10.53 -3.33
N ARG D 37 27.40 -9.43 -3.38
CA ARG D 37 26.96 -8.77 -2.16
C ARG D 37 25.60 -8.09 -2.40
N VAL D 38 24.73 -8.06 -1.38
CA VAL D 38 23.52 -7.25 -1.47
C VAL D 38 23.63 -6.10 -0.45
N THR D 39 23.42 -4.88 -0.88
CA THR D 39 23.63 -3.78 0.05
C THR D 39 22.65 -2.67 -0.32
N ASN D 40 22.91 -1.44 0.11
CA ASN D 40 21.97 -0.33 -0.10
C ASN D 40 22.73 0.99 -0.30
N VAL D 41 22.03 2.00 -0.79
CA VAL D 41 22.78 3.15 -1.27
C VAL D 41 23.52 3.79 -0.09
N ASP D 42 22.96 3.76 1.12
CA ASP D 42 23.58 4.40 2.28
C ASP D 42 24.94 3.76 2.61
N ASN D 43 24.98 2.42 2.71
CA ASN D 43 26.20 1.70 2.95
C ASN D 43 27.21 1.99 1.85
N HIS D 44 26.72 2.01 0.61
CA HIS D 44 27.60 2.28 -0.51
C HIS D 44 28.16 3.72 -0.47
N ALA D 45 27.37 4.73 -0.06
CA ALA D 45 27.83 6.11 -0.04
C ALA D 45 28.93 6.28 1.01
N GLU D 46 28.75 5.64 2.17
CA GLU D 46 29.60 5.80 3.34
C GLU D 46 30.76 4.79 3.26
N GLY D 47 30.80 3.95 2.22
CA GLY D 47 31.88 3.00 2.06
C GLY D 47 31.83 1.79 3.01
N LEU D 48 30.65 1.41 3.52
CA LEU D 48 30.61 0.30 4.47
C LEU D 48 30.58 -1.01 3.70
N ALA D 49 31.23 -2.07 4.24
CA ALA D 49 31.49 -3.24 3.42
C ALA D 49 30.47 -4.38 3.61
N ALA D 50 29.71 -4.39 4.70
CA ALA D 50 28.83 -5.52 5.00
C ALA D 50 27.72 -5.66 3.96
N GLY D 51 27.25 -6.92 3.76
CA GLY D 51 26.13 -7.26 2.90
C GLY D 51 25.00 -8.01 3.63
N ILE D 52 23.76 -7.79 3.20
CA ILE D 52 22.67 -8.69 3.53
C ILE D 52 23.10 -10.10 3.08
N VAL D 53 23.75 -10.19 1.92
CA VAL D 53 24.42 -11.40 1.49
C VAL D 53 25.84 -10.96 1.11
N TRP D 54 26.82 -11.80 1.46
CA TRP D 54 28.21 -11.47 1.26
C TRP D 54 28.94 -12.77 0.96
N ALA D 55 29.43 -12.87 -0.29
CA ALA D 55 30.03 -14.07 -0.89
C ALA D 55 31.30 -13.69 -1.61
N ASP D 56 32.34 -14.53 -1.38
CA ASP D 56 33.62 -14.35 -2.06
C ASP D 56 34.06 -15.65 -2.71
N SER D 57 33.14 -16.62 -2.87
CA SER D 57 33.33 -17.79 -3.73
C SER D 57 31.99 -18.24 -4.31
N GLN D 58 32.05 -18.88 -5.48
CA GLN D 58 30.89 -19.51 -6.05
C GLN D 58 30.28 -20.49 -5.07
N ASP D 59 31.17 -21.21 -4.38
CA ASP D 59 30.75 -22.19 -3.40
C ASP D 59 29.88 -21.52 -2.34
N MET D 60 30.18 -20.25 -2.04
CA MET D 60 29.36 -19.55 -1.06
C MET D 60 27.93 -19.43 -1.57
N LEU D 61 27.79 -19.13 -2.86
CA LEU D 61 26.50 -19.03 -3.49
C LEU D 61 25.76 -20.37 -3.42
N THR D 62 26.48 -21.48 -3.65
CA THR D 62 25.84 -22.77 -3.77
C THR D 62 25.31 -23.15 -2.40
N ASP D 63 26.15 -22.91 -1.40
CA ASP D 63 25.79 -23.12 -0.01
C ASP D 63 24.51 -22.34 0.34
N ARG D 64 24.42 -21.09 -0.17
CA ARG D 64 23.22 -20.32 0.12
C ARG D 64 22.00 -21.04 -0.44
N ILE D 65 22.10 -21.54 -1.67
CA ILE D 65 20.96 -22.12 -2.34
C ILE D 65 20.59 -23.43 -1.63
N SER D 66 21.61 -24.15 -1.16
CA SER D 66 21.36 -25.39 -0.42
C SER D 66 20.60 -25.11 0.88
N ALA D 67 21.02 -24.07 1.63
CA ALA D 67 20.31 -23.71 2.85
C ALA D 67 18.83 -23.40 2.54
N LEU D 68 18.61 -22.69 1.44
CA LEU D 68 17.28 -22.36 0.96
C LEU D 68 16.44 -23.61 0.70
N ARG D 69 17.08 -24.71 0.28
CA ARG D 69 16.34 -25.89 -0.17
C ARG D 69 16.14 -26.85 0.98
N GLU D 70 17.07 -26.85 1.93
CA GLU D 70 17.12 -27.95 2.86
C GLU D 70 16.81 -27.50 4.27
N ALA D 71 17.20 -26.26 4.64
CA ALA D 71 17.23 -25.80 6.02
C ALA D 71 16.13 -24.79 6.35
N ASN D 72 16.05 -23.69 5.59
CA ASN D 72 15.48 -22.44 6.09
C ASN D 72 13.95 -22.52 6.09
N ILE D 73 13.31 -21.86 7.07
CA ILE D 73 11.86 -21.79 7.05
C ILE D 73 11.39 -20.44 6.48
N TYR D 74 10.51 -20.48 5.48
CA TYR D 74 9.89 -19.25 4.99
C TYR D 74 8.62 -19.58 4.20
N GLU D 75 7.71 -18.59 4.21
CA GLU D 75 6.50 -18.64 3.42
C GLU D 75 6.88 -18.59 1.94
N ARG D 76 6.26 -19.46 1.15
CA ARG D 76 6.66 -19.51 -0.26
C ARG D 76 6.26 -18.22 -0.97
N HIS D 77 7.04 -17.86 -1.98
CA HIS D 77 6.81 -16.64 -2.72
C HIS D 77 7.74 -16.64 -3.92
N ARG D 78 7.51 -15.71 -4.83
CA ARG D 78 8.24 -15.58 -6.08
C ARG D 78 8.66 -14.13 -6.18
N TYR D 79 9.77 -13.93 -6.89
CA TYR D 79 10.17 -12.65 -7.41
C TYR D 79 9.87 -12.52 -8.90
N ARG D 80 9.65 -11.26 -9.29
CA ARG D 80 9.65 -10.94 -10.70
C ARG D 80 10.61 -9.78 -10.88
N HIS D 81 11.72 -10.02 -11.60
CA HIS D 81 12.67 -8.96 -11.96
C HIS D 81 12.29 -8.24 -13.25
N ILE D 82 12.46 -6.93 -13.22
CA ILE D 82 12.30 -6.07 -14.38
C ILE D 82 13.59 -5.23 -14.50
N LEU D 83 14.43 -5.53 -15.52
CA LEU D 83 15.79 -5.02 -15.65
C LEU D 83 15.74 -3.95 -16.73
N GLY D 84 16.52 -2.88 -16.56
CA GLY D 84 16.70 -1.93 -17.64
C GLY D 84 17.97 -2.23 -18.45
N LEU D 85 18.33 -1.28 -19.34
CA LEU D 85 19.44 -1.53 -20.25
C LEU D 85 20.72 -1.25 -19.47
N PRO D 86 21.71 -2.17 -19.50
CA PRO D 86 23.00 -1.92 -18.84
C PRO D 86 23.69 -0.70 -19.46
N SER D 87 24.55 -0.03 -18.67
CA SER D 87 25.58 0.83 -19.22
C SER D 87 26.97 0.41 -18.75
N ILE D 88 27.94 0.51 -19.66
CA ILE D 88 29.24 -0.08 -19.45
C ILE D 88 30.18 1.05 -19.08
N GLN D 89 30.94 0.90 -17.99
CA GLN D 89 31.96 1.89 -17.64
C GLN D 89 33.25 1.66 -18.45
N SER D 90 33.87 0.47 -18.35
CA SER D 90 35.12 0.09 -19.01
C SER D 90 34.85 -1.20 -19.80
N ALA D 91 35.70 -1.50 -20.78
CA ALA D 91 35.44 -2.61 -21.67
C ALA D 91 36.60 -2.87 -22.63
N ASP D 92 36.93 -4.18 -22.76
CA ASP D 92 37.71 -4.76 -23.85
C ASP D 92 36.96 -5.99 -24.36
N ALA D 93 37.72 -6.98 -24.85
CA ALA D 93 37.15 -8.15 -25.51
C ALA D 93 36.76 -9.26 -24.53
N THR D 94 37.41 -9.31 -23.35
CA THR D 94 37.16 -10.33 -22.33
C THR D 94 36.33 -9.78 -21.16
N GLN D 95 36.42 -8.46 -20.89
CA GLN D 95 36.07 -7.91 -19.58
C GLN D 95 35.38 -6.54 -19.69
N ALA D 96 34.45 -6.27 -18.74
CA ALA D 96 33.74 -5.00 -18.64
C ALA D 96 33.34 -4.74 -17.19
N SER D 97 33.43 -3.46 -16.82
CA SER D 97 32.74 -2.92 -15.66
C SER D 97 31.42 -2.34 -16.13
N ALA D 98 30.30 -2.71 -15.44
CA ALA D 98 28.96 -2.35 -15.90
C ALA D 98 27.97 -2.17 -14.75
N SER D 99 26.88 -1.48 -15.10
CA SER D 99 25.78 -1.23 -14.20
C SER D 99 24.45 -1.42 -14.95
N THR D 100 23.44 -1.95 -14.23
CA THR D 100 22.12 -2.24 -14.76
C THR D 100 21.04 -1.87 -13.73
N PRO D 101 20.00 -1.06 -14.05
CA PRO D 101 18.89 -0.84 -13.11
C PRO D 101 18.02 -2.08 -12.92
N PHE D 102 17.59 -2.36 -11.69
CA PHE D 102 16.63 -3.43 -11.44
C PHE D 102 15.46 -2.95 -10.57
N LEU D 103 14.30 -3.57 -10.85
CA LEU D 103 13.13 -3.63 -9.96
C LEU D 103 12.85 -5.09 -9.65
N VAL D 104 12.60 -5.39 -8.37
CA VAL D 104 12.21 -6.72 -7.96
C VAL D 104 10.89 -6.61 -7.21
N LEU D 105 9.90 -7.32 -7.74
CA LEU D 105 8.61 -7.54 -7.10
C LEU D 105 8.65 -8.89 -6.41
N ARG D 106 7.97 -8.98 -5.26
CA ARG D 106 7.77 -10.21 -4.53
C ARG D 106 6.28 -10.47 -4.58
N ILE D 107 5.93 -11.70 -4.98
CA ILE D 107 4.52 -12.07 -4.95
C ILE D 107 4.44 -13.26 -4.01
N MET D 108 3.74 -13.07 -2.87
CA MET D 108 3.48 -14.13 -1.90
C MET D 108 2.63 -15.23 -2.58
N HIS D 109 2.76 -16.49 -2.12
CA HIS D 109 1.94 -17.58 -2.65
C HIS D 109 0.45 -17.29 -2.42
N THR D 110 0.12 -16.35 -1.49
CA THR D 110 -1.24 -15.96 -1.13
C THR D 110 -1.76 -14.84 -2.03
N GLY D 111 -0.89 -14.26 -2.90
CA GLY D 111 -1.38 -13.27 -3.86
C GLY D 111 -0.84 -11.85 -3.80
N GLU D 112 -0.38 -11.36 -2.62
CA GLU D 112 -0.01 -9.95 -2.48
C GLU D 112 1.19 -9.66 -3.41
N THR D 113 1.19 -8.52 -4.15
CA THR D 113 2.37 -8.11 -4.86
C THR D 113 2.89 -6.79 -4.32
N GLU D 114 4.21 -6.70 -4.16
CA GLU D 114 4.74 -5.46 -3.67
C GLU D 114 6.08 -5.23 -4.35
N VAL D 115 6.50 -3.96 -4.39
CA VAL D 115 7.80 -3.62 -4.94
C VAL D 115 8.78 -4.04 -3.84
N PHE D 116 9.65 -5.00 -4.09
CA PHE D 116 10.34 -5.57 -2.94
C PHE D 116 11.70 -4.93 -2.78
N ALA D 117 12.40 -4.69 -3.91
CA ALA D 117 13.66 -3.94 -3.95
C ALA D 117 13.69 -3.25 -5.31
N SER D 118 14.47 -2.20 -5.38
CA SER D 118 14.85 -1.55 -6.63
C SER D 118 16.30 -1.11 -6.44
N GLY D 119 17.00 -0.89 -7.56
CA GLY D 119 18.30 -0.22 -7.55
C GLY D 119 19.11 -0.49 -8.83
N GLU D 120 20.41 -0.74 -8.65
CA GLU D 120 21.31 -1.05 -9.75
C GLU D 120 22.26 -2.14 -9.32
N TYR D 121 22.53 -3.05 -10.25
CA TYR D 121 23.67 -3.94 -10.13
C TYR D 121 24.97 -3.24 -10.57
N HIS D 122 26.07 -3.42 -9.82
CA HIS D 122 27.43 -2.97 -10.15
C HIS D 122 28.29 -4.17 -10.45
N ASP D 123 28.51 -4.41 -11.75
CA ASP D 123 29.10 -5.65 -12.22
C ASP D 123 30.54 -5.47 -12.77
N LYS D 124 31.32 -6.52 -12.54
CA LYS D 124 32.57 -6.80 -13.22
C LYS D 124 32.46 -8.16 -13.93
N PHE D 125 32.43 -8.12 -15.26
CA PHE D 125 32.19 -9.29 -16.11
C PHE D 125 33.52 -9.81 -16.69
N THR D 126 33.64 -11.15 -16.82
CA THR D 126 34.71 -11.78 -17.58
C THR D 126 34.12 -12.80 -18.55
N THR D 127 34.98 -13.41 -19.38
CA THR D 127 34.56 -14.38 -20.37
C THR D 127 35.24 -15.72 -20.10
N ILE D 128 34.42 -16.76 -19.96
CA ILE D 128 34.90 -18.11 -19.85
C ILE D 128 34.17 -18.90 -20.93
N ASP D 129 34.96 -19.38 -21.91
CA ASP D 129 34.61 -20.33 -22.95
C ASP D 129 33.44 -19.83 -23.81
N GLY D 130 33.43 -18.54 -24.17
CA GLY D 130 32.35 -18.05 -25.02
C GLY D 130 31.53 -16.92 -24.42
N LYS D 131 30.75 -17.18 -23.35
CA LYS D 131 29.85 -16.14 -22.84
C LYS D 131 30.29 -15.59 -21.47
N LEU D 132 29.53 -14.57 -21.03
CA LEU D 132 29.88 -13.78 -19.87
C LEU D 132 29.86 -14.62 -18.58
N ARG D 133 30.57 -14.09 -17.60
CA ARG D 133 30.53 -14.59 -16.25
C ARG D 133 30.88 -13.44 -15.32
N LEU D 134 30.10 -13.37 -14.23
CA LEU D 134 30.25 -12.28 -13.29
C LEU D 134 31.47 -12.59 -12.45
N GLN D 135 32.45 -11.70 -12.48
CA GLN D 135 33.50 -11.85 -11.52
C GLN D 135 32.99 -11.25 -10.21
N GLU D 136 32.14 -10.22 -10.34
CA GLU D 136 31.59 -9.46 -9.22
C GLU D 136 30.19 -8.89 -9.54
N ARG D 137 29.22 -9.08 -8.63
CA ARG D 137 27.93 -8.40 -8.68
C ARG D 137 27.55 -7.84 -7.31
N VAL D 138 27.34 -6.53 -7.24
CA VAL D 138 26.91 -5.88 -6.02
C VAL D 138 25.52 -5.29 -6.27
N ALA D 139 24.50 -5.86 -5.61
CA ALA D 139 23.15 -5.31 -5.78
C ALA D 139 23.01 -4.12 -4.85
N VAL D 140 23.06 -2.90 -5.38
CA VAL D 140 22.92 -1.75 -4.49
C VAL D 140 21.46 -1.28 -4.53
N CYS D 141 20.74 -1.60 -3.44
CA CYS D 141 19.33 -1.31 -3.28
C CYS D 141 19.15 0.16 -2.94
N ASP D 142 18.11 0.75 -3.52
CA ASP D 142 17.72 2.13 -3.32
C ASP D 142 17.18 2.34 -1.91
N SER D 143 16.62 1.30 -1.30
CA SER D 143 16.06 1.40 0.05
C SER D 143 16.97 0.71 1.09
N THR D 144 16.92 1.26 2.31
CA THR D 144 17.57 0.66 3.48
C THR D 144 16.65 -0.42 4.10
N VAL D 145 15.36 -0.47 3.70
CA VAL D 145 14.38 -1.36 4.30
C VAL D 145 14.19 -2.66 3.49
N THR D 146 14.24 -3.81 4.18
CA THR D 146 13.79 -5.09 3.65
C THR D 146 12.49 -5.48 4.36
N ASP D 147 11.46 -5.83 3.59
CA ASP D 147 10.17 -6.26 4.14
C ASP D 147 10.22 -7.72 4.58
N THR D 148 10.21 -7.92 5.89
CA THR D 148 10.10 -9.22 6.56
C THR D 148 11.42 -9.97 6.55
N LEU D 149 11.87 -10.35 5.36
CA LEU D 149 13.08 -11.16 5.24
C LEU D 149 13.45 -11.19 3.77
N MET D 150 14.71 -11.51 3.48
CA MET D 150 15.12 -11.75 2.11
C MET D 150 15.62 -13.21 1.97
N SER D 151 14.92 -13.99 1.16
CA SER D 151 15.20 -15.39 1.05
C SER D 151 15.94 -15.71 -0.27
N LEU D 152 15.33 -15.28 -1.36
CA LEU D 152 15.90 -15.38 -2.69
C LEU D 152 16.88 -14.22 -2.87
N PRO D 153 18.04 -14.43 -3.55
CA PRO D 153 19.00 -13.36 -3.85
C PRO D 153 18.46 -12.48 -5.00
N LEU D 154 19.01 -11.26 -5.14
CA LEU D 154 18.46 -10.30 -6.09
C LEU D 154 18.94 -10.53 -7.55
N ILE E 5 -7.67 15.21 25.26
CA ILE E 5 -8.16 14.49 24.02
C ILE E 5 -8.14 15.45 22.83
N ILE E 6 -9.32 15.99 22.47
CA ILE E 6 -9.45 17.11 21.55
C ILE E 6 -9.97 18.27 22.37
N GLN E 7 -9.37 18.47 23.54
CA GLN E 7 -9.82 19.47 24.48
C GLN E 7 -9.19 20.80 24.11
N TRP E 8 -10.04 21.80 23.86
CA TRP E 8 -9.53 23.14 23.68
C TRP E 8 -9.10 23.69 25.04
N HIS E 9 -7.97 24.39 25.00
CA HIS E 9 -7.43 25.02 26.19
C HIS E 9 -8.46 25.96 26.81
N GLY E 10 -9.05 26.89 26.04
CA GLY E 10 -10.04 27.87 26.50
C GLY E 10 -10.83 28.43 25.33
N ALA E 11 -11.43 29.62 25.48
CA ALA E 11 -12.08 30.25 24.33
C ALA E 11 -11.09 30.83 23.32
N THR E 12 -9.81 31.05 23.70
CA THR E 12 -8.83 31.64 22.78
C THR E 12 -8.49 30.65 21.65
N ASN E 13 -8.12 31.15 20.46
CA ASN E 13 -7.61 30.34 19.36
C ASN E 13 -6.08 30.42 19.28
N THR E 14 -5.52 30.82 20.40
CA THR E 14 -4.07 30.85 20.62
C THR E 14 -3.44 29.47 20.81
N ARG E 15 -4.23 28.50 21.27
CA ARG E 15 -3.78 27.13 21.50
C ARG E 15 -4.70 26.20 20.73
N VAL E 16 -4.18 25.39 19.79
CA VAL E 16 -4.97 24.39 19.07
C VAL E 16 -4.52 23.01 19.51
N PRO E 17 -5.42 22.12 19.97
CA PRO E 17 -5.03 20.79 20.46
C PRO E 17 -4.63 19.92 19.25
N PHE E 18 -3.39 19.40 19.26
CA PHE E 18 -2.82 18.57 18.21
C PHE E 18 -3.74 17.40 17.88
N GLY E 19 -4.55 16.94 18.87
CA GLY E 19 -5.49 15.85 18.58
C GLY E 19 -6.53 16.18 17.50
N ILE E 20 -6.68 17.47 17.17
CA ILE E 20 -7.74 17.85 16.24
C ILE E 20 -7.35 17.32 14.87
N TYR E 21 -6.09 16.93 14.75
CA TYR E 21 -5.59 16.57 13.40
C TYR E 21 -5.54 15.05 13.23
N THR E 22 -5.98 14.29 14.26
CA THR E 22 -5.77 12.86 14.32
C THR E 22 -7.01 12.09 14.79
N ASP E 23 -7.97 12.77 15.46
CA ASP E 23 -9.13 12.15 16.09
C ASP E 23 -10.17 11.78 15.00
N THR E 24 -10.41 10.48 14.73
CA THR E 24 -11.27 10.09 13.60
C THR E 24 -12.74 10.40 13.92
N ALA E 25 -13.15 10.41 15.19
CA ALA E 25 -14.55 10.69 15.49
C ALA E 25 -14.86 12.18 15.25
N ASN E 26 -13.91 13.09 15.61
CA ASN E 26 -13.98 14.50 15.25
C ASN E 26 -14.11 14.69 13.73
N ALA E 27 -13.33 13.90 12.99
CA ALA E 27 -13.36 13.98 11.52
C ALA E 27 -14.77 13.66 11.06
N ASP E 28 -15.42 12.68 11.71
CA ASP E 28 -16.76 12.33 11.22
C ASP E 28 -17.71 13.51 11.42
N GLN E 29 -17.52 14.22 12.53
CA GLN E 29 -18.35 15.34 12.86
C GLN E 29 -18.00 16.50 11.95
N GLU E 30 -16.71 16.68 11.56
CA GLU E 30 -16.43 17.63 10.48
C GLU E 30 -17.31 17.37 9.24
N GLN E 31 -17.51 16.11 8.87
CA GLN E 31 -18.32 15.76 7.70
C GLN E 31 -19.77 16.24 7.92
N GLN E 32 -20.31 16.01 9.12
CA GLN E 32 -21.70 16.44 9.35
C GLN E 32 -21.79 17.95 9.52
N ARG E 33 -20.87 18.53 10.29
CA ARG E 33 -21.09 19.90 10.73
C ARG E 33 -20.42 20.91 9.79
N ILE E 34 -19.39 20.51 9.05
CA ILE E 34 -18.80 21.49 8.16
C ILE E 34 -19.27 21.16 6.74
N TYR E 35 -18.75 20.06 6.19
CA TYR E 35 -18.98 19.85 4.78
C TYR E 35 -20.48 19.80 4.42
N ARG E 36 -21.31 19.11 5.22
CA ARG E 36 -22.74 19.04 5.00
C ARG E 36 -23.49 19.98 5.94
N GLY E 37 -22.79 20.99 6.52
CA GLY E 37 -23.39 22.07 7.31
C GLY E 37 -23.53 23.39 6.53
N GLU E 38 -23.30 24.52 7.23
CA GLU E 38 -23.64 25.81 6.68
C GLU E 38 -22.42 26.42 6.00
N VAL E 39 -22.00 25.69 4.98
CA VAL E 39 -20.88 26.18 4.19
C VAL E 39 -21.26 26.12 2.72
N TRP E 40 -20.37 26.74 1.94
CA TRP E 40 -20.37 26.63 0.51
C TRP E 40 -19.11 25.84 0.12
N ASN E 41 -19.30 24.70 -0.54
CA ASN E 41 -18.24 23.83 -1.03
C ASN E 41 -17.94 24.18 -2.49
N TYR E 42 -16.66 24.30 -2.83
CA TYR E 42 -16.33 24.64 -4.20
C TYR E 42 -16.44 23.45 -5.16
N LEU E 43 -17.14 23.58 -6.29
CA LEU E 43 -17.36 22.43 -7.16
C LEU E 43 -16.55 22.49 -8.45
N CYS E 44 -16.61 23.61 -9.17
CA CYS E 44 -15.91 23.75 -10.45
C CYS E 44 -16.21 25.15 -11.01
N LEU E 45 -15.67 25.47 -12.19
CA LEU E 45 -15.93 26.73 -12.86
C LEU E 45 -17.13 26.55 -13.81
N GLU E 46 -17.90 27.64 -14.03
CA GLU E 46 -19.05 27.56 -14.92
C GLU E 46 -18.60 27.29 -16.36
N SER E 47 -17.44 27.80 -16.73
CA SER E 47 -16.93 27.53 -18.07
C SER E 47 -16.44 26.09 -18.23
N GLU E 48 -16.42 25.29 -17.16
CA GLU E 48 -15.99 23.91 -17.34
C GLU E 48 -17.19 23.04 -17.63
N ILE E 49 -18.40 23.57 -17.37
CA ILE E 49 -19.65 22.94 -17.76
C ILE E 49 -20.47 23.94 -18.58
N PRO E 50 -19.97 24.35 -19.77
CA PRO E 50 -20.59 25.46 -20.55
C PRO E 50 -21.94 25.14 -21.21
N GLU E 51 -22.15 23.90 -21.65
CA GLU E 51 -23.37 23.54 -22.37
C GLU E 51 -24.31 22.70 -21.50
N ALA E 52 -25.64 22.81 -21.73
CA ALA E 52 -26.59 21.96 -21.04
C ALA E 52 -26.20 20.50 -21.21
N GLY E 53 -26.23 19.76 -20.09
CA GLY E 53 -25.80 18.37 -20.08
C GLY E 53 -24.33 18.21 -19.75
N ASP E 54 -23.54 19.29 -19.80
CA ASP E 54 -22.17 19.15 -19.32
C ASP E 54 -22.21 18.87 -17.80
N PHE E 55 -21.56 17.79 -17.38
CA PHE E 55 -21.48 17.54 -15.94
C PHE E 55 -20.06 17.24 -15.53
N ARG E 56 -19.80 17.46 -14.21
CA ARG E 56 -18.59 16.97 -13.55
C ARG E 56 -18.93 16.24 -12.24
N THR E 57 -18.08 15.26 -11.85
CA THR E 57 -18.20 14.57 -10.58
C THR E 57 -17.07 15.05 -9.70
N THR E 58 -17.40 15.42 -8.45
CA THR E 58 -16.43 15.88 -7.47
C THR E 58 -16.92 15.48 -6.06
N PHE E 59 -16.45 16.20 -5.03
CA PHE E 59 -16.81 15.91 -3.65
C PHE E 59 -17.13 17.21 -2.90
N ALA E 60 -18.04 17.10 -1.91
CA ALA E 60 -18.09 18.05 -0.82
C ALA E 60 -17.63 17.30 0.44
N GLY E 61 -16.42 17.62 0.92
CA GLY E 61 -15.88 16.73 1.95
C GLY E 61 -15.72 15.32 1.36
N GLU E 62 -16.19 14.32 2.10
CA GLU E 62 -16.12 12.89 1.78
C GLU E 62 -17.26 12.52 0.83
N THR E 63 -18.25 13.40 0.62
CA THR E 63 -19.48 12.99 -0.05
C THR E 63 -19.37 13.26 -1.55
N PRO E 64 -19.54 12.24 -2.43
CA PRO E 64 -19.43 12.48 -3.88
C PRO E 64 -20.67 13.24 -4.38
N ILE E 65 -20.44 14.17 -5.32
CA ILE E 65 -21.36 15.15 -5.89
C ILE E 65 -21.37 15.02 -7.43
N VAL E 66 -22.50 15.39 -8.05
CA VAL E 66 -22.60 15.64 -9.48
C VAL E 66 -22.99 17.10 -9.59
N VAL E 67 -22.28 17.88 -10.42
CA VAL E 67 -22.68 19.24 -10.77
C VAL E 67 -22.88 19.31 -12.29
N VAL E 68 -23.94 19.97 -12.76
CA VAL E 68 -24.37 19.72 -14.14
C VAL E 68 -25.12 20.94 -14.68
N ARG E 69 -24.84 21.29 -15.93
CA ARG E 69 -25.58 22.40 -16.53
C ARG E 69 -26.90 21.88 -17.07
N ASP E 70 -27.98 22.61 -16.84
CA ASP E 70 -29.24 22.26 -17.47
C ASP E 70 -29.67 23.37 -18.44
N ALA E 71 -30.96 23.45 -18.75
CA ALA E 71 -31.49 24.45 -19.68
C ALA E 71 -31.31 25.86 -19.11
N ASP E 72 -31.14 26.84 -20.02
CA ASP E 72 -31.26 28.25 -19.71
C ASP E 72 -30.22 28.62 -18.65
N GLN E 73 -28.96 28.20 -18.86
CA GLN E 73 -27.80 28.61 -18.06
C GLN E 73 -27.81 28.03 -16.64
N GLU E 74 -28.86 27.31 -16.27
CA GLU E 74 -29.07 26.87 -14.89
C GLU E 74 -28.11 25.72 -14.56
N ILE E 75 -27.49 25.79 -13.37
CA ILE E 75 -26.57 24.74 -12.88
C ILE E 75 -27.18 24.03 -11.67
N TYR E 76 -27.11 22.69 -11.62
CA TYR E 76 -27.71 22.03 -10.46
C TYR E 76 -26.69 21.09 -9.81
N ALA E 77 -26.91 20.67 -8.55
CA ALA E 77 -25.92 19.77 -7.99
C ALA E 77 -26.61 18.83 -7.02
N PHE E 78 -26.20 17.57 -7.04
CA PHE E 78 -26.78 16.61 -6.12
C PHE E 78 -25.77 15.53 -5.73
N GLU E 79 -26.14 14.82 -4.65
CA GLU E 79 -25.38 13.69 -4.15
C GLU E 79 -25.20 12.58 -5.20
N ASN E 80 -23.95 12.13 -5.41
CA ASN E 80 -23.71 11.11 -6.43
C ASN E 80 -24.04 9.78 -5.81
N ARG E 81 -25.30 9.56 -5.43
CA ARG E 81 -25.70 8.35 -4.70
C ARG E 81 -27.10 7.99 -5.15
N CYS E 82 -27.27 6.80 -5.74
CA CYS E 82 -28.58 6.33 -6.22
C CYS E 82 -29.51 6.07 -5.03
N ALA E 83 -30.79 6.46 -5.14
CA ALA E 83 -31.71 6.38 -4.00
C ALA E 83 -32.24 4.96 -3.83
N HIS E 84 -31.81 4.03 -4.69
CA HIS E 84 -32.12 2.63 -4.56
C HIS E 84 -31.24 1.94 -3.49
N ARG E 85 -30.06 1.42 -3.91
CA ARG E 85 -29.16 0.77 -2.95
C ARG E 85 -27.80 1.46 -2.82
N GLY E 86 -27.68 2.68 -3.34
CA GLY E 86 -26.62 3.60 -2.95
C GLY E 86 -25.41 3.63 -3.89
N ALA E 87 -25.54 3.06 -5.10
CA ALA E 87 -24.43 3.05 -6.07
C ALA E 87 -24.12 4.46 -6.56
N LEU E 88 -22.84 4.78 -6.81
CA LEU E 88 -22.53 6.02 -7.56
C LEU E 88 -23.41 6.07 -8.82
N ILE E 89 -23.92 7.26 -9.17
CA ILE E 89 -24.83 7.38 -10.29
C ILE E 89 -24.00 7.66 -11.53
N ALA E 90 -23.19 8.73 -11.47
CA ALA E 90 -22.33 9.10 -12.58
C ALA E 90 -20.95 8.54 -12.28
N LEU E 91 -20.44 7.71 -13.22
CA LEU E 91 -19.14 7.07 -13.07
C LEU E 91 -18.00 7.79 -13.80
N GLU E 92 -18.26 8.90 -14.50
CA GLU E 92 -17.23 9.62 -15.26
C GLU E 92 -16.82 10.90 -14.55
N LYS E 93 -15.54 11.28 -14.64
CA LYS E 93 -15.07 12.56 -14.11
C LYS E 93 -15.85 13.70 -14.74
N SER E 94 -16.10 13.60 -16.06
CA SER E 94 -16.85 14.58 -16.82
C SER E 94 -17.55 13.92 -18.00
N GLY E 95 -18.67 14.49 -18.40
CA GLY E 95 -19.27 14.18 -19.68
C GLY E 95 -20.44 15.11 -20.01
N ARG E 96 -21.46 14.54 -20.66
CA ARG E 96 -22.56 15.31 -21.23
C ARG E 96 -23.75 14.37 -21.32
N THR E 97 -24.90 14.73 -20.75
CA THR E 97 -25.98 13.76 -20.77
C THR E 97 -27.35 14.43 -20.75
N ASP E 98 -28.37 13.70 -21.20
CA ASP E 98 -29.75 14.16 -21.10
C ASP E 98 -30.25 13.85 -19.71
N SER E 99 -30.02 12.59 -19.36
CA SER E 99 -30.59 11.88 -18.22
C SER E 99 -29.41 11.17 -17.50
N PHE E 100 -29.44 11.14 -16.17
CA PHE E 100 -28.59 10.19 -15.46
C PHE E 100 -29.33 8.86 -15.34
N GLN E 101 -28.58 7.78 -15.49
CA GLN E 101 -29.13 6.47 -15.26
C GLN E 101 -28.14 5.64 -14.46
N CYS E 102 -28.63 5.02 -13.38
CA CYS E 102 -27.79 4.18 -12.53
C CYS E 102 -27.47 2.90 -13.30
N VAL E 103 -26.21 2.49 -13.34
CA VAL E 103 -25.82 1.27 -14.05
C VAL E 103 -26.35 0.02 -13.33
N TYR E 104 -26.69 0.12 -12.04
CA TYR E 104 -27.01 -1.09 -11.27
C TYR E 104 -28.35 -1.69 -11.67
N HIS E 105 -29.44 -0.90 -11.57
CA HIS E 105 -30.80 -1.35 -11.79
C HIS E 105 -31.55 -0.34 -12.65
N ALA E 106 -30.82 0.60 -13.28
CA ALA E 106 -31.34 1.38 -14.37
C ALA E 106 -32.42 2.35 -13.89
N TRP E 107 -32.30 2.85 -12.63
CA TRP E 107 -33.07 4.02 -12.24
C TRP E 107 -32.44 5.22 -12.95
N SER E 108 -33.30 6.18 -13.32
CA SER E 108 -32.91 7.38 -14.04
C SER E 108 -33.31 8.63 -13.26
N TYR E 109 -32.64 9.73 -13.58
CA TYR E 109 -32.68 10.93 -12.78
C TYR E 109 -32.59 12.04 -13.79
N ASN E 110 -33.33 13.13 -13.58
CA ASN E 110 -33.15 14.31 -14.42
C ASN E 110 -31.84 15.04 -14.02
N ARG E 111 -31.55 16.17 -14.67
CA ARG E 111 -30.37 16.98 -14.43
C ARG E 111 -30.43 17.62 -13.06
N GLN E 112 -31.59 17.55 -12.39
CA GLN E 112 -31.66 18.17 -11.08
C GLN E 112 -31.54 17.13 -9.97
N GLY E 113 -31.48 15.84 -10.34
CA GLY E 113 -31.32 14.76 -9.39
C GLY E 113 -32.66 14.23 -8.87
N ASP E 114 -33.79 14.63 -9.48
CA ASP E 114 -35.06 14.00 -9.19
C ASP E 114 -35.07 12.62 -9.85
N LEU E 115 -35.59 11.64 -9.12
CA LEU E 115 -35.85 10.30 -9.62
C LEU E 115 -36.99 10.29 -10.66
N THR E 116 -36.69 9.88 -11.90
CA THR E 116 -37.73 9.99 -12.89
C THR E 116 -38.09 8.62 -13.45
N GLY E 117 -37.32 7.57 -13.15
CA GLY E 117 -37.75 6.25 -13.59
C GLY E 117 -37.15 5.15 -12.75
N VAL E 118 -37.97 4.13 -12.46
CA VAL E 118 -37.57 2.94 -11.72
C VAL E 118 -37.77 1.77 -12.65
N ALA E 119 -36.75 0.91 -12.82
CA ALA E 119 -36.92 -0.23 -13.69
C ALA E 119 -37.96 -1.20 -13.13
N PHE E 120 -38.90 -1.64 -13.99
CA PHE E 120 -40.06 -2.47 -13.64
C PHE E 120 -40.83 -1.95 -12.43
N GLU E 121 -40.90 -0.63 -12.28
CA GLU E 121 -41.63 -0.07 -11.16
C GLU E 121 -43.05 -0.63 -11.03
N LYS E 122 -43.77 -0.76 -12.17
CA LYS E 122 -45.15 -1.19 -12.12
C LYS E 122 -45.21 -2.72 -12.12
N GLY E 123 -44.06 -3.38 -12.20
CA GLY E 123 -44.05 -4.83 -12.27
C GLY E 123 -43.77 -5.30 -13.69
N VAL E 124 -43.72 -6.62 -13.86
CA VAL E 124 -43.79 -7.15 -15.22
C VAL E 124 -44.85 -8.26 -15.28
N LYS E 125 -45.88 -8.04 -16.11
CA LYS E 125 -47.03 -8.95 -16.24
C LYS E 125 -47.88 -8.87 -14.97
N GLY E 126 -47.89 -7.71 -14.30
CA GLY E 126 -48.43 -7.63 -12.94
C GLY E 126 -47.88 -8.72 -12.00
N GLN E 127 -46.55 -8.91 -12.07
CA GLN E 127 -45.77 -9.70 -11.12
C GLN E 127 -44.72 -8.77 -10.56
N GLY E 128 -44.60 -8.72 -9.22
CA GLY E 128 -43.59 -7.94 -8.51
C GLY E 128 -43.69 -6.42 -8.75
N GLY E 129 -42.56 -5.71 -8.69
CA GLY E 129 -42.58 -4.26 -8.81
C GLY E 129 -42.77 -3.65 -7.43
N MET E 130 -42.97 -2.33 -7.38
CA MET E 130 -43.06 -1.57 -6.14
C MET E 130 -44.46 -1.65 -5.52
N PRO E 131 -44.60 -1.53 -4.17
CA PRO E 131 -45.92 -1.46 -3.54
C PRO E 131 -46.57 -0.12 -3.87
N ALA E 132 -47.89 -0.01 -3.73
CA ALA E 132 -48.53 1.18 -4.27
C ALA E 132 -48.15 2.41 -3.43
N SER E 133 -47.53 2.19 -2.28
CA SER E 133 -47.12 3.28 -1.40
C SER E 133 -45.81 3.91 -1.84
N PHE E 134 -45.39 3.68 -3.10
CA PHE E 134 -44.07 4.07 -3.57
C PHE E 134 -44.19 5.26 -4.52
N CYS E 135 -43.50 6.35 -4.18
CA CYS E 135 -43.54 7.55 -4.99
C CYS E 135 -42.11 7.91 -5.34
N LYS E 136 -41.78 7.78 -6.63
CA LYS E 136 -40.52 8.28 -7.16
C LYS E 136 -40.19 9.62 -6.50
N GLU E 137 -41.25 10.43 -6.33
CA GLU E 137 -41.24 11.78 -5.79
C GLU E 137 -40.56 11.80 -4.42
N GLU E 138 -40.75 10.76 -3.60
CA GLU E 138 -40.24 10.79 -2.24
C GLU E 138 -38.85 10.12 -2.12
N HIS E 139 -38.18 9.79 -3.22
CA HIS E 139 -36.87 9.14 -3.21
C HIS E 139 -35.96 9.82 -4.21
N GLY E 140 -34.77 10.21 -3.73
CA GLY E 140 -33.84 11.03 -4.52
C GLY E 140 -32.53 11.19 -3.74
N PRO E 141 -31.37 11.33 -4.39
CA PRO E 141 -30.16 11.73 -3.66
C PRO E 141 -30.44 13.11 -3.02
N ARG E 142 -29.67 13.46 -1.99
CA ARG E 142 -29.71 14.82 -1.45
C ARG E 142 -29.30 15.84 -2.52
N LYS E 143 -30.13 16.87 -2.71
CA LYS E 143 -29.79 18.02 -3.53
C LYS E 143 -29.06 19.09 -2.72
N LEU E 144 -28.19 19.81 -3.42
CA LEU E 144 -27.43 20.94 -2.91
C LEU E 144 -28.03 22.23 -3.45
N ARG E 145 -28.06 23.26 -2.60
CA ARG E 145 -28.24 24.62 -3.07
C ARG E 145 -27.03 24.92 -3.95
N VAL E 146 -27.23 25.66 -5.05
CA VAL E 146 -26.11 26.04 -5.91
C VAL E 146 -25.94 27.57 -5.92
N ALA E 147 -24.69 28.04 -5.98
CA ALA E 147 -24.41 29.46 -6.07
C ALA E 147 -23.24 29.66 -7.02
N VAL E 148 -23.39 30.64 -7.92
CA VAL E 148 -22.36 31.01 -8.88
C VAL E 148 -21.94 32.43 -8.51
N PHE E 149 -20.63 32.70 -8.46
CA PHE E 149 -20.12 34.02 -8.17
C PHE E 149 -18.83 34.22 -8.95
N CYS E 150 -18.86 35.15 -9.92
CA CYS E 150 -17.78 35.34 -10.88
C CYS E 150 -17.33 34.02 -11.50
N GLY E 151 -18.29 33.19 -11.92
CA GLY E 151 -17.94 31.92 -12.56
C GLY E 151 -17.67 30.73 -11.62
N LEU E 152 -17.51 30.99 -10.31
CA LEU E 152 -17.20 29.94 -9.35
C LEU E 152 -18.50 29.23 -8.96
N VAL E 153 -18.57 27.91 -9.13
CA VAL E 153 -19.74 27.19 -8.68
C VAL E 153 -19.52 26.58 -7.31
N PHE E 154 -20.46 26.91 -6.39
CA PHE E 154 -20.48 26.42 -5.02
C PHE E 154 -21.76 25.67 -4.70
N GLY E 155 -21.65 24.75 -3.74
CA GLY E 155 -22.76 23.88 -3.36
C GLY E 155 -22.85 23.71 -1.84
N SER E 156 -24.07 23.57 -1.35
CA SER E 156 -24.25 23.47 0.08
C SER E 156 -25.40 22.49 0.33
N PHE E 157 -25.31 21.68 1.39
CA PHE E 157 -26.43 20.81 1.69
C PHE E 157 -27.46 21.56 2.53
N SER E 158 -27.11 22.79 2.90
CA SER E 158 -27.78 23.44 4.00
C SER E 158 -28.76 24.48 3.48
N GLU E 159 -30.01 24.41 3.92
CA GLU E 159 -30.98 25.42 3.49
C GLU E 159 -30.76 26.73 4.24
N ASP E 160 -30.11 26.68 5.40
CA ASP E 160 -29.90 27.87 6.22
C ASP E 160 -28.60 28.61 5.91
N VAL E 161 -27.77 28.10 4.98
CA VAL E 161 -26.51 28.79 4.71
C VAL E 161 -26.84 30.18 4.13
N PRO E 162 -26.13 31.26 4.50
CA PRO E 162 -26.38 32.57 3.90
C PRO E 162 -26.04 32.50 2.42
N SER E 163 -26.49 33.50 1.68
CA SER E 163 -26.09 33.75 0.32
C SER E 163 -24.59 33.71 0.13
N ILE E 164 -24.18 33.24 -1.05
CA ILE E 164 -22.78 33.33 -1.42
C ILE E 164 -22.20 34.71 -1.13
N GLU E 165 -22.93 35.80 -1.46
CA GLU E 165 -22.47 37.15 -1.19
C GLU E 165 -22.33 37.46 0.31
N ASP E 166 -23.34 37.14 1.13
CA ASP E 166 -23.16 37.39 2.55
C ASP E 166 -22.11 36.45 3.15
N TYR E 167 -22.00 35.22 2.62
CA TYR E 167 -21.06 34.26 3.18
C TYR E 167 -19.66 34.81 2.98
N LEU E 168 -19.38 35.30 1.77
CA LEU E 168 -18.04 35.77 1.47
C LEU E 168 -17.77 37.06 2.25
N GLY E 169 -18.81 37.92 2.26
CA GLY E 169 -18.71 39.28 2.72
C GLY E 169 -18.05 40.20 1.69
N PRO E 170 -18.15 41.53 1.91
CA PRO E 170 -17.88 42.51 0.86
C PRO E 170 -16.41 42.54 0.42
N GLU E 171 -15.52 42.52 1.40
CA GLU E 171 -14.10 42.49 1.14
C GLU E 171 -13.69 41.33 0.23
N ILE E 172 -14.23 40.13 0.51
CA ILE E 172 -13.79 38.96 -0.20
C ILE E 172 -14.40 39.08 -1.58
N CYS E 173 -15.67 39.49 -1.65
CA CYS E 173 -16.29 39.60 -2.97
C CYS E 173 -15.52 40.52 -3.93
N GLU E 174 -15.01 41.66 -3.44
CA GLU E 174 -14.30 42.56 -4.34
C GLU E 174 -13.01 41.93 -4.83
N ARG E 175 -12.31 41.25 -3.93
CA ARG E 175 -11.01 40.66 -4.26
C ARG E 175 -11.21 39.46 -5.19
N ILE E 176 -12.35 38.76 -5.04
CA ILE E 176 -12.64 37.77 -6.07
C ILE E 176 -12.87 38.46 -7.42
N GLU E 177 -13.74 39.49 -7.45
CA GLU E 177 -14.11 40.19 -8.67
C GLU E 177 -12.86 40.70 -9.38
N ARG E 178 -11.86 41.16 -8.59
CA ARG E 178 -10.62 41.74 -9.09
C ARG E 178 -9.90 40.76 -10.01
N VAL E 179 -9.81 39.48 -9.61
CA VAL E 179 -9.12 38.57 -10.52
C VAL E 179 -10.06 37.95 -11.56
N LEU E 180 -11.29 37.67 -11.16
CA LEU E 180 -12.16 37.02 -12.12
C LEU E 180 -13.07 38.06 -12.79
N HIS E 181 -12.46 39.05 -13.48
CA HIS E 181 -13.18 40.19 -14.05
C HIS E 181 -13.69 39.94 -15.46
N LYS E 182 -13.06 39.01 -16.19
CA LYS E 182 -13.40 38.71 -17.57
C LYS E 182 -13.21 37.21 -17.81
N PRO E 183 -13.69 36.67 -18.95
CA PRO E 183 -13.74 35.22 -19.15
C PRO E 183 -12.37 34.53 -19.03
N VAL E 184 -12.35 33.36 -18.36
CA VAL E 184 -11.10 32.68 -18.10
C VAL E 184 -11.13 31.35 -18.85
N GLU E 185 -9.94 30.76 -19.03
CA GLU E 185 -9.80 29.44 -19.65
C GLU E 185 -8.78 28.57 -18.91
N VAL E 186 -9.21 27.31 -18.77
CA VAL E 186 -8.44 26.28 -18.10
C VAL E 186 -7.27 25.90 -19.00
N ILE E 187 -6.02 26.10 -18.54
CA ILE E 187 -4.86 25.73 -19.33
C ILE E 187 -4.18 24.48 -18.76
N GLY E 188 -4.79 23.83 -17.75
CA GLY E 188 -4.20 22.66 -17.10
C GLY E 188 -4.81 22.33 -15.72
N ARG E 189 -4.81 21.02 -15.42
CA ARG E 189 -5.33 20.43 -14.19
C ARG E 189 -4.27 19.49 -13.65
N PHE E 190 -3.95 19.68 -12.38
CA PHE E 190 -3.08 18.73 -11.69
C PHE E 190 -3.63 18.51 -10.29
N THR E 191 -3.47 17.29 -9.78
CA THR E 191 -3.84 17.08 -8.40
C THR E 191 -2.62 16.71 -7.58
N GLN E 192 -2.56 17.29 -6.38
CA GLN E 192 -1.44 17.11 -5.48
C GLN E 192 -1.97 16.42 -4.22
N LYS E 193 -1.50 15.22 -3.94
CA LYS E 193 -2.08 14.52 -2.81
C LYS E 193 -1.22 14.91 -1.63
N LEU E 194 -1.87 15.27 -0.51
CA LEU E 194 -1.10 15.85 0.61
C LEU E 194 -1.08 14.84 1.72
N PRO E 195 0.13 14.65 2.32
CA PRO E 195 0.31 13.67 3.40
C PRO E 195 0.00 14.29 4.77
N ASN E 196 -1.11 15.04 4.85
CA ASN E 196 -1.55 15.60 6.11
C ASN E 196 -3.08 15.70 6.14
N ASN E 197 -3.61 15.82 7.35
CA ASN E 197 -5.00 16.24 7.58
C ASN E 197 -5.29 17.52 6.77
N TRP E 198 -6.51 17.68 6.24
CA TRP E 198 -6.79 18.86 5.42
C TRP E 198 -6.48 20.16 6.17
N LYS E 199 -6.75 20.19 7.46
CA LYS E 199 -6.75 21.46 8.16
C LYS E 199 -5.35 22.10 8.07
N LEU E 200 -4.28 21.29 8.04
CA LEU E 200 -2.91 21.77 8.01
C LEU E 200 -2.63 22.50 6.71
N TYR E 201 -3.11 21.97 5.58
CA TYR E 201 -2.94 22.73 4.36
C TYR E 201 -3.72 24.05 4.42
N PHE E 202 -4.96 23.97 4.93
CA PHE E 202 -5.79 25.16 4.91
C PHE E 202 -5.17 26.27 5.78
N GLU E 203 -4.69 25.91 6.98
CA GLU E 203 -4.04 26.90 7.84
C GLU E 203 -2.82 27.41 7.07
N ASN E 204 -2.14 26.51 6.32
CA ASN E 204 -0.91 26.91 5.66
C ASN E 204 -1.20 28.01 4.64
N VAL E 205 -2.27 27.86 3.85
CA VAL E 205 -2.59 28.85 2.83
C VAL E 205 -2.91 30.22 3.45
N LYS E 206 -3.35 30.24 4.72
CA LYS E 206 -3.77 31.46 5.38
C LYS E 206 -2.60 32.03 6.18
N ASP E 207 -1.51 31.24 6.21
CA ASP E 207 -0.42 31.55 7.11
C ASP E 207 0.56 32.52 6.43
N SER E 208 0.32 33.83 6.53
CA SER E 208 1.21 34.85 5.97
C SER E 208 2.60 34.82 6.60
N TYR E 209 2.68 34.46 7.89
CA TYR E 209 3.93 34.39 8.64
C TYR E 209 5.04 33.57 7.96
N HIS E 210 4.77 32.41 7.35
CA HIS E 210 5.89 31.66 6.74
C HIS E 210 6.34 32.24 5.41
N ALA E 211 5.51 33.03 4.71
CA ALA E 211 5.76 33.50 3.35
C ALA E 211 7.25 33.62 3.05
N SER E 212 7.98 34.43 3.81
CA SER E 212 9.34 34.71 3.40
C SER E 212 10.34 33.97 4.30
N LEU E 213 9.89 32.86 4.88
CA LEU E 213 10.69 32.12 5.84
C LEU E 213 10.91 30.70 5.30
N LEU E 214 9.80 30.04 4.94
CA LEU E 214 9.81 28.73 4.33
C LEU E 214 10.35 28.83 2.91
N HIS E 215 9.91 29.87 2.17
CA HIS E 215 10.16 29.94 0.73
C HIS E 215 11.39 30.79 0.43
N MET E 216 12.56 30.15 0.28
CA MET E 216 13.84 30.86 0.21
C MET E 216 14.21 31.12 -1.25
N PHE E 217 13.28 30.74 -2.12
CA PHE E 217 13.35 31.02 -3.54
C PHE E 217 13.07 32.50 -3.76
N PHE E 218 11.86 32.92 -3.35
CA PHE E 218 11.31 34.25 -3.54
C PHE E 218 12.12 35.25 -2.71
N THR E 219 13.43 35.29 -3.00
CA THR E 219 14.49 36.25 -2.65
C THR E 219 15.84 35.59 -2.93
N THR E 220 16.16 35.45 -4.22
CA THR E 220 17.43 34.96 -4.74
C THR E 220 17.29 34.62 -6.24
N GLN E 228 8.08 46.12 -0.96
CA GLN E 228 6.82 45.32 -0.82
C GLN E 228 6.14 45.62 0.53
N LYS E 229 4.98 46.30 0.45
CA LYS E 229 4.02 46.42 1.54
C LYS E 229 3.17 45.15 1.56
N GLY E 230 3.16 44.47 2.72
CA GLY E 230 2.37 43.27 2.99
C GLY E 230 1.04 43.58 3.69
N GLY E 231 0.26 42.53 4.02
CA GLY E 231 -0.98 42.61 4.80
C GLY E 231 -2.01 41.52 4.51
N VAL E 232 -3.00 41.41 5.39
CA VAL E 232 -3.95 40.32 5.41
C VAL E 232 -5.36 40.85 5.67
N ILE E 233 -6.33 40.47 4.83
CA ILE E 233 -7.73 40.68 5.17
C ILE E 233 -8.34 39.39 5.72
N VAL E 234 -9.09 39.54 6.80
CA VAL E 234 -9.93 38.49 7.30
C VAL E 234 -11.38 38.98 7.33
N ASP E 235 -12.32 38.11 6.92
CA ASP E 235 -13.74 38.40 6.96
C ASP E 235 -14.22 38.38 8.40
N GLU E 236 -15.52 38.65 8.56
CA GLU E 236 -16.19 38.84 9.82
C GLU E 236 -16.25 37.51 10.60
N SER E 237 -16.51 36.40 9.88
CA SER E 237 -16.55 35.07 10.48
C SER E 237 -15.15 34.47 10.81
N GLY E 238 -14.08 34.86 10.13
CA GLY E 238 -12.77 34.29 10.39
C GLY E 238 -12.39 33.25 9.32
N GLY E 239 -13.42 32.83 8.59
CA GLY E 239 -13.28 31.71 7.68
C GLY E 239 -12.51 32.03 6.40
N HIS E 240 -12.55 33.29 5.94
CA HIS E 240 -12.05 33.58 4.60
C HIS E 240 -10.93 34.61 4.77
N HIS E 241 -10.01 34.68 3.81
CA HIS E 241 -8.87 35.57 4.07
C HIS E 241 -8.28 35.97 2.73
N VAL E 242 -7.54 37.08 2.73
CA VAL E 242 -6.71 37.47 1.59
C VAL E 242 -5.34 37.84 2.10
N SER E 243 -4.28 37.31 1.47
CA SER E 243 -2.91 37.81 1.64
C SER E 243 -2.55 38.56 0.38
N TYR E 244 -1.87 39.71 0.50
CA TYR E 244 -1.51 40.49 -0.68
C TYR E 244 -0.14 41.12 -0.46
N SER E 245 0.59 41.25 -1.58
CA SER E 245 1.81 42.04 -1.62
C SER E 245 1.71 43.08 -2.73
N MET E 246 2.15 44.31 -2.40
CA MET E 246 2.20 45.42 -3.34
C MET E 246 3.28 46.43 -2.89
N ARG E 269 20.44 34.65 -9.23
CA ARG E 269 21.40 34.19 -10.27
C ARG E 269 20.77 33.08 -11.12
N LEU E 270 19.51 33.29 -11.54
CA LEU E 270 18.89 32.51 -12.60
C LEU E 270 19.58 32.79 -13.93
N LYS E 271 19.88 31.72 -14.68
CA LYS E 271 20.41 31.80 -16.02
C LYS E 271 19.36 32.22 -17.07
N ASP E 272 18.08 31.87 -16.88
CA ASP E 272 17.03 32.28 -17.80
C ASP E 272 15.94 33.02 -17.01
N PRO E 273 15.97 34.36 -16.95
CA PRO E 273 15.16 35.03 -15.95
C PRO E 273 13.81 35.33 -16.56
N SER E 274 13.45 34.62 -17.65
CA SER E 274 12.15 34.86 -18.27
C SER E 274 11.02 34.18 -17.51
N LEU E 275 11.41 33.26 -16.62
CA LEU E 275 10.52 32.67 -15.63
C LEU E 275 9.75 33.79 -14.93
N LEU E 276 10.49 34.88 -14.60
CA LEU E 276 9.97 35.90 -13.72
C LEU E 276 9.52 37.15 -14.47
N GLU E 277 9.72 37.20 -15.78
CA GLU E 277 9.25 38.38 -16.51
C GLU E 277 7.73 38.31 -16.63
N GLY E 278 7.04 39.45 -16.40
CA GLY E 278 5.60 39.53 -16.53
C GLY E 278 5.14 40.86 -17.13
N PHE E 279 3.84 41.13 -17.02
CA PHE E 279 3.23 42.33 -17.57
C PHE E 279 2.18 42.85 -16.60
N GLU E 280 1.95 44.18 -16.53
CA GLU E 280 0.84 44.73 -15.75
C GLU E 280 -0.47 44.23 -16.35
N GLU E 281 -1.43 43.91 -15.47
CA GLU E 281 -2.69 43.27 -15.84
C GLU E 281 -3.78 43.79 -14.90
N PHE E 282 -3.37 44.36 -13.77
CA PHE E 282 -4.33 44.78 -12.79
C PHE E 282 -4.17 46.29 -12.60
N GLU E 283 -5.30 46.95 -12.38
CA GLU E 283 -5.33 48.40 -12.35
C GLU E 283 -4.56 48.92 -11.13
N ASP E 284 -3.84 48.05 -10.40
CA ASP E 284 -3.59 48.30 -8.98
C ASP E 284 -2.18 47.97 -8.50
N GLY E 285 -1.34 47.35 -9.33
CA GLY E 285 -0.01 46.95 -8.86
C GLY E 285 0.06 46.05 -7.61
N VAL E 286 -0.98 45.28 -7.29
CA VAL E 286 -0.89 44.21 -6.30
C VAL E 286 -0.23 43.03 -7.02
N THR E 287 0.95 42.56 -6.59
CA THR E 287 1.60 41.51 -7.39
C THR E 287 1.44 40.10 -6.81
N LEU E 288 0.75 40.00 -5.67
CA LEU E 288 0.40 38.73 -5.07
C LEU E 288 -0.91 38.94 -4.32
N GLN E 289 -1.96 38.21 -4.74
CA GLN E 289 -3.20 38.06 -3.99
C GLN E 289 -3.51 36.58 -3.83
N ILE E 290 -3.41 36.05 -2.59
CA ILE E 290 -3.84 34.71 -2.21
C ILE E 290 -5.14 34.83 -1.39
N LEU E 291 -6.18 34.10 -1.80
CA LEU E 291 -7.48 34.29 -1.18
C LEU E 291 -8.13 32.94 -0.89
N SER E 292 -8.70 32.79 0.33
CA SER E 292 -9.23 31.52 0.83
C SER E 292 -10.70 31.66 1.23
N VAL E 293 -11.50 30.64 0.89
CA VAL E 293 -12.87 30.65 1.34
C VAL E 293 -13.12 29.29 1.98
N PHE E 294 -13.41 29.36 3.29
CA PHE E 294 -13.77 28.21 4.10
C PHE E 294 -14.81 27.33 3.38
N PRO E 295 -14.70 25.97 3.40
CA PRO E 295 -13.61 25.30 4.10
C PRO E 295 -12.52 24.80 3.17
N GLY E 296 -12.59 25.14 1.87
CA GLY E 296 -11.48 24.59 1.07
C GLY E 296 -11.23 25.17 -0.30
N PHE E 297 -11.42 26.49 -0.47
CA PHE E 297 -11.31 27.09 -1.77
C PHE E 297 -10.20 28.10 -1.71
N VAL E 298 -9.33 28.12 -2.74
CA VAL E 298 -8.33 29.16 -2.88
C VAL E 298 -8.43 29.75 -4.28
N LEU E 299 -8.28 31.09 -4.37
CA LEU E 299 -8.01 31.79 -5.62
C LEU E 299 -6.61 32.41 -5.52
N GLN E 300 -5.71 32.03 -6.43
CA GLN E 300 -4.39 32.64 -6.43
C GLN E 300 -4.12 33.55 -7.65
N GLN E 301 -3.57 34.73 -7.36
CA GLN E 301 -2.91 35.59 -8.33
C GLN E 301 -1.49 35.89 -7.86
N ILE E 302 -0.51 35.25 -8.50
CA ILE E 302 0.90 35.56 -8.29
C ILE E 302 1.45 36.04 -9.62
N GLN E 303 1.71 37.35 -9.71
CA GLN E 303 2.15 37.97 -10.96
C GLN E 303 1.06 37.71 -11.99
N ASN E 304 1.43 37.03 -13.08
CA ASN E 304 0.44 36.65 -14.07
C ASN E 304 0.04 35.18 -13.91
N SER E 305 0.38 34.55 -12.79
CA SER E 305 -0.03 33.16 -12.59
C SER E 305 -1.37 33.09 -11.87
N ILE E 306 -2.41 32.63 -12.58
CA ILE E 306 -3.73 32.57 -11.98
C ILE E 306 -4.16 31.12 -11.75
N ALA E 307 -4.67 30.80 -10.55
CA ALA E 307 -5.18 29.43 -10.38
C ALA E 307 -6.30 29.37 -9.37
N VAL E 308 -7.12 28.32 -9.51
CA VAL E 308 -8.03 27.94 -8.45
C VAL E 308 -7.55 26.64 -7.80
N ARG E 309 -7.66 26.52 -6.46
CA ARG E 309 -7.34 25.30 -5.70
C ARG E 309 -8.61 24.80 -4.99
N GLN E 310 -8.91 23.49 -5.13
CA GLN E 310 -9.90 22.81 -4.30
C GLN E 310 -9.22 21.81 -3.35
N LEU E 311 -9.43 21.99 -2.05
CA LEU E 311 -8.91 21.12 -1.00
C LEU E 311 -9.98 20.16 -0.48
N LEU E 312 -9.67 18.85 -0.47
CA LEU E 312 -10.65 17.84 -0.09
C LEU E 312 -10.00 16.96 0.98
N PRO E 313 -10.73 16.64 2.07
CA PRO E 313 -10.19 15.71 3.07
C PRO E 313 -10.30 14.34 2.39
N LYS E 314 -9.39 13.41 2.75
CA LYS E 314 -9.41 12.03 2.28
C LYS E 314 -9.35 11.14 3.53
N SER E 315 -8.21 10.92 4.16
CA SER E 315 -8.38 10.18 5.41
C SER E 315 -7.98 11.13 6.53
N ILE E 316 -7.87 10.60 7.74
CA ILE E 316 -7.53 11.47 8.82
C ILE E 316 -6.16 12.14 8.57
N SER E 317 -5.24 11.47 7.86
CA SER E 317 -3.89 12.02 7.72
C SER E 317 -3.56 12.31 6.25
N SER E 318 -4.60 12.45 5.43
CA SER E 318 -4.34 12.75 4.03
C SER E 318 -5.45 13.62 3.48
N SER E 319 -5.08 14.38 2.44
CA SER E 319 -6.07 15.20 1.77
C SER E 319 -5.64 15.38 0.33
N GLU E 320 -6.40 16.15 -0.45
CA GLU E 320 -6.06 16.19 -1.85
C GLU E 320 -6.25 17.64 -2.28
N LEU E 321 -5.38 18.18 -3.15
CA LEU E 321 -5.51 19.56 -3.58
C LEU E 321 -5.56 19.49 -5.08
N ASN E 322 -6.73 19.88 -5.63
CA ASN E 322 -7.00 19.92 -7.07
C ASN E 322 -6.68 21.30 -7.68
N TRP E 323 -5.62 21.40 -8.49
CA TRP E 323 -5.26 22.69 -9.15
C TRP E 323 -5.99 22.86 -10.48
N THR E 324 -6.57 24.05 -10.70
CA THR E 324 -6.92 24.46 -12.06
C THR E 324 -6.17 25.73 -12.45
N TYR E 325 -5.23 25.61 -13.38
CA TYR E 325 -4.48 26.73 -13.94
C TYR E 325 -5.36 27.50 -14.94
N LEU E 326 -5.33 28.83 -14.83
CA LEU E 326 -6.11 29.72 -15.65
C LEU E 326 -5.24 30.71 -16.44
N GLY E 327 -5.71 30.99 -17.67
CA GLY E 327 -5.49 32.24 -18.40
C GLY E 327 -6.80 32.97 -18.68
N TYR E 328 -6.71 34.15 -19.28
CA TYR E 328 -7.91 34.80 -19.79
C TYR E 328 -8.15 34.40 -21.25
N ALA E 329 -9.44 34.36 -21.64
CA ALA E 329 -9.82 34.06 -23.02
C ALA E 329 -9.03 34.95 -24.00
N ASP E 330 -8.88 36.25 -23.66
CA ASP E 330 -8.29 37.24 -24.55
C ASP E 330 -6.76 37.23 -24.50
N ASP E 331 -6.13 36.24 -23.84
CA ASP E 331 -4.68 36.24 -23.83
C ASP E 331 -4.13 36.29 -25.26
N SER E 332 -3.19 37.23 -25.48
CA SER E 332 -2.29 37.15 -26.64
C SER E 332 -1.45 35.90 -26.51
N ALA E 333 -0.77 35.52 -27.60
CA ALA E 333 0.08 34.33 -27.58
C ALA E 333 1.29 34.56 -26.68
N GLU E 334 1.78 35.81 -26.65
CA GLU E 334 2.98 36.14 -25.89
C GLU E 334 2.63 36.08 -24.40
N GLN E 335 1.37 36.44 -24.09
CA GLN E 335 0.82 36.51 -22.74
C GLN E 335 0.63 35.10 -22.14
N ARG E 336 -0.09 34.23 -22.85
CA ARG E 336 -0.28 32.85 -22.47
C ARG E 336 1.06 32.24 -22.08
N LYS E 337 2.09 32.50 -22.89
CA LYS E 337 3.38 31.87 -22.71
C LYS E 337 3.92 32.32 -21.36
N VAL E 338 3.64 33.58 -21.03
CA VAL E 338 4.18 34.08 -19.78
C VAL E 338 3.57 33.30 -18.60
N ARG E 339 2.25 33.01 -18.63
CA ARG E 339 1.58 32.24 -17.59
C ARG E 339 2.22 30.86 -17.49
N LEU E 340 2.63 30.33 -18.66
CA LEU E 340 3.08 28.96 -18.72
C LEU E 340 4.44 28.84 -18.03
N LYS E 341 5.21 29.93 -18.03
CA LYS E 341 6.55 29.88 -17.46
C LYS E 341 6.49 30.21 -15.98
N GLN E 342 5.54 31.11 -15.65
CA GLN E 342 5.24 31.52 -14.28
C GLN E 342 4.67 30.35 -13.48
N ALA E 343 3.93 29.45 -14.13
CA ALA E 343 3.40 28.26 -13.47
C ALA E 343 4.53 27.48 -12.82
N ASN E 344 5.80 27.71 -13.23
CA ASN E 344 6.87 26.94 -12.60
C ASN E 344 6.95 27.21 -11.09
N LEU E 345 6.38 28.33 -10.61
CA LEU E 345 6.36 28.71 -9.20
C LEU E 345 5.38 27.89 -8.35
N ILE E 346 4.33 27.33 -9.00
CA ILE E 346 3.14 26.81 -8.33
C ILE E 346 2.96 25.34 -8.67
N GLY E 347 2.03 24.69 -7.98
CA GLY E 347 1.70 23.31 -8.30
C GLY E 347 2.67 22.34 -7.63
N PRO E 348 2.57 21.05 -7.97
CA PRO E 348 3.36 19.99 -7.33
C PRO E 348 4.88 20.13 -7.39
N ALA E 349 5.41 20.78 -8.44
CA ALA E 349 6.85 21.05 -8.51
C ALA E 349 7.14 22.55 -8.46
N GLY E 350 6.17 23.34 -8.01
CA GLY E 350 6.31 24.79 -7.83
C GLY E 350 7.57 25.20 -7.05
N PHE E 351 8.31 26.17 -7.57
CA PHE E 351 9.46 26.72 -6.86
C PHE E 351 9.00 27.29 -5.49
N ILE E 352 7.70 27.66 -5.38
CA ILE E 352 7.09 27.94 -4.09
C ILE E 352 6.28 26.73 -3.59
N SER E 353 5.34 26.23 -4.40
CA SER E 353 4.28 25.36 -3.93
C SER E 353 4.77 23.98 -3.53
N MET E 354 5.93 23.55 -4.04
CA MET E 354 6.41 22.25 -3.63
C MET E 354 6.58 22.25 -2.11
N GLU E 355 6.97 23.39 -1.53
CA GLU E 355 7.27 23.50 -0.11
C GLU E 355 5.99 23.52 0.71
N ASP E 356 4.91 24.10 0.15
CA ASP E 356 3.61 24.15 0.81
C ASP E 356 3.02 22.72 0.87
N GLY E 357 3.36 21.88 -0.11
CA GLY E 357 2.91 20.51 -0.05
C GLY E 357 3.55 19.67 1.06
N ALA E 358 4.84 19.83 1.33
CA ALA E 358 5.52 18.91 2.23
C ALA E 358 5.37 19.33 3.70
N VAL E 359 5.09 20.64 3.91
CA VAL E 359 5.27 21.21 5.23
C VAL E 359 4.17 20.72 6.18
N GLY E 360 2.95 20.52 5.65
CA GLY E 360 1.90 19.92 6.45
C GLY E 360 2.28 18.52 6.91
N GLY E 361 2.94 17.74 6.04
CA GLY E 361 3.43 16.43 6.39
C GLY E 361 4.47 16.48 7.50
N PHE E 362 5.32 17.52 7.54
CA PHE E 362 6.28 17.60 8.62
C PHE E 362 5.57 17.86 9.95
N VAL E 363 4.42 18.57 9.88
CA VAL E 363 3.65 18.83 11.09
C VAL E 363 2.98 17.50 11.51
N GLN E 364 2.26 16.88 10.56
CA GLN E 364 1.63 15.61 10.80
C GLN E 364 2.60 14.66 11.49
N ARG E 365 3.88 14.63 11.09
CA ARG E 365 4.73 13.60 11.64
C ARG E 365 5.36 14.16 12.91
N GLY E 366 5.63 15.49 12.95
CA GLY E 366 6.35 15.93 14.15
C GLY E 366 5.53 15.70 15.42
N ILE E 367 4.22 15.65 15.27
CA ILE E 367 3.38 15.61 16.45
C ILE E 367 2.98 14.18 16.76
N ALA E 368 3.65 13.20 16.15
CA ALA E 368 3.25 11.81 16.34
C ALA E 368 3.14 11.48 17.83
N GLY E 369 4.02 12.06 18.66
CA GLY E 369 4.00 11.63 20.07
C GLY E 369 3.34 12.64 21.01
N ALA E 370 2.63 13.64 20.41
CA ALA E 370 2.21 14.87 21.07
C ALA E 370 0.69 15.14 20.91
N ALA E 371 -0.14 14.10 20.77
CA ALA E 371 -1.57 14.31 20.57
C ALA E 371 -2.19 15.10 21.74
N ASN E 372 -1.60 15.05 22.93
CA ASN E 372 -2.21 15.65 24.11
CA ASN E 372 -2.23 15.67 24.08
C ASN E 372 -1.67 17.08 24.32
N LEU E 373 -0.91 17.63 23.34
CA LEU E 373 -0.25 18.93 23.55
C LEU E 373 -0.88 19.89 22.55
N ASP E 374 -0.37 21.14 22.50
CA ASP E 374 -1.07 22.17 21.73
C ASP E 374 -0.12 22.92 20.81
N ALA E 375 -0.58 23.25 19.59
CA ALA E 375 0.04 24.28 18.76
C ALA E 375 -0.06 25.67 19.43
N VAL E 376 1.03 26.46 19.37
CA VAL E 376 1.10 27.78 20.00
C VAL E 376 0.97 28.86 18.93
N ILE E 377 -0.13 29.62 18.92
CA ILE E 377 -0.44 30.44 17.75
C ILE E 377 -0.72 31.87 18.19
N GLU E 378 0.33 32.58 18.60
CA GLU E 378 0.19 33.84 19.33
C GLU E 378 0.78 35.04 18.57
N MET E 379 1.36 34.84 17.36
CA MET E 379 1.95 35.98 16.69
C MET E 379 0.82 36.95 16.37
N GLY E 380 1.06 38.23 16.76
CA GLY E 380 0.08 39.32 16.74
C GLY E 380 -1.07 39.11 17.75
N GLY E 381 -0.81 38.49 18.91
CA GLY E 381 -1.75 38.31 20.03
C GLY E 381 -2.90 37.28 19.82
N ASP E 382 -4.13 37.64 20.21
CA ASP E 382 -5.27 36.81 19.91
C ASP E 382 -6.13 37.46 18.81
N HIS E 383 -5.56 38.47 18.12
CA HIS E 383 -6.32 39.21 17.10
C HIS E 383 -6.81 38.27 15.96
N GLU E 384 -8.04 38.46 15.50
CA GLU E 384 -8.54 37.58 14.44
C GLU E 384 -9.14 38.34 13.25
N GLY E 385 -8.75 39.62 13.08
CA GLY E 385 -9.30 40.49 12.07
C GLY E 385 -8.21 40.89 11.08
N SER E 386 -8.54 41.77 10.13
CA SER E 386 -7.52 42.24 9.21
C SER E 386 -6.34 42.93 9.89
N SER E 387 -5.16 42.77 9.28
CA SER E 387 -3.92 43.38 9.73
C SER E 387 -3.07 43.82 8.53
N GLU E 388 -2.11 44.71 8.78
CA GLU E 388 -1.00 45.01 7.90
C GLU E 388 0.25 44.27 8.42
N GLY E 389 1.17 43.87 7.55
CA GLY E 389 2.40 43.23 8.02
C GLY E 389 2.40 41.70 7.96
N ARG E 390 3.59 41.10 8.14
CA ARG E 390 3.79 39.65 7.98
C ARG E 390 3.76 38.95 9.33
N ALA E 391 4.29 39.62 10.38
CA ALA E 391 4.51 39.11 11.73
C ALA E 391 3.21 38.85 12.49
N THR E 392 2.22 38.25 11.82
CA THR E 392 1.01 37.91 12.56
C THR E 392 0.50 36.53 12.16
N GLU E 393 -0.40 35.94 12.95
CA GLU E 393 -1.07 34.70 12.53
C GLU E 393 -2.58 34.91 12.60
N THR E 394 -3.00 36.14 12.38
CA THR E 394 -4.41 36.50 12.59
C THR E 394 -5.38 35.60 11.78
N SER E 395 -5.06 35.31 10.52
CA SER E 395 -5.99 34.59 9.64
C SER E 395 -6.04 33.10 9.92
N VAL E 396 -4.97 32.58 10.53
CA VAL E 396 -4.93 31.22 11.03
C VAL E 396 -5.88 31.06 12.20
N ARG E 397 -5.81 31.99 13.17
CA ARG E 397 -6.73 31.97 14.30
C ARG E 397 -8.15 32.14 13.76
N GLY E 398 -8.27 32.94 12.66
CA GLY E 398 -9.56 33.23 12.03
C GLY E 398 -10.21 31.92 11.58
N PHE E 399 -9.39 30.98 11.08
CA PHE E 399 -9.90 29.71 10.58
C PHE E 399 -10.44 28.89 11.77
N TRP E 400 -9.73 28.93 12.88
CA TRP E 400 -10.16 28.21 14.06
C TRP E 400 -11.43 28.81 14.65
N LYS E 401 -11.57 30.12 14.62
CA LYS E 401 -12.83 30.69 15.05
C LYS E 401 -13.97 30.18 14.15
N ALA E 402 -13.80 30.22 12.84
CA ALA E 402 -14.95 29.75 12.07
C ALA E 402 -15.17 28.24 12.33
N TYR E 403 -14.08 27.45 12.39
CA TYR E 403 -14.16 26.01 12.59
C TYR E 403 -14.94 25.69 13.86
N ARG E 404 -14.61 26.39 14.98
CA ARG E 404 -15.22 26.02 16.27
C ARG E 404 -16.70 26.45 16.32
N LYS E 405 -17.00 27.47 15.51
CA LYS E 405 -18.36 27.94 15.33
C LYS E 405 -19.18 26.84 14.67
N HIS E 406 -18.75 26.37 13.48
CA HIS E 406 -19.42 25.27 12.78
C HIS E 406 -19.49 23.98 13.60
N MET E 407 -18.46 23.67 14.41
CA MET E 407 -18.29 22.35 15.02
C MET E 407 -18.96 22.33 16.38
N GLY E 408 -19.33 23.50 16.91
CA GLY E 408 -19.93 23.60 18.25
C GLY E 408 -18.87 23.38 19.34
N GLN E 409 -17.65 23.94 19.16
CA GLN E 409 -16.55 23.71 20.08
C GLN E 409 -16.04 25.05 20.63
N GLU E 410 -16.85 26.12 20.54
CA GLU E 410 -16.54 27.33 21.31
C GLU E 410 -16.69 27.00 22.80
N MET E 411 -15.88 27.64 23.65
CA MET E 411 -16.07 27.42 25.08
C MET E 411 -17.17 28.34 25.63
N ILE F 2 19.05 5.10 -37.66
CA ILE F 2 18.92 5.53 -36.20
C ILE F 2 17.68 4.90 -35.56
N HIS F 3 17.89 3.90 -34.68
CA HIS F 3 16.85 2.97 -34.26
C HIS F 3 16.64 2.95 -32.73
N GLU F 4 15.98 1.89 -32.26
CA GLU F 4 15.56 1.66 -30.87
C GLU F 4 16.74 1.70 -29.89
N ILE F 5 17.77 0.88 -30.14
CA ILE F 5 18.84 0.65 -29.18
C ILE F 5 19.61 1.95 -28.97
N GLN F 6 19.72 2.73 -30.05
CA GLN F 6 20.24 4.08 -29.99
C GLN F 6 19.48 4.85 -28.92
N ILE F 7 18.17 4.95 -29.10
CA ILE F 7 17.41 5.79 -28.19
C ILE F 7 17.48 5.20 -26.78
N ALA F 8 17.38 3.88 -26.69
CA ALA F 8 17.39 3.19 -25.40
C ALA F 8 18.65 3.51 -24.61
N ALA F 9 19.79 3.59 -25.30
CA ALA F 9 21.07 3.90 -24.66
C ALA F 9 21.15 5.36 -24.18
N PHE F 10 20.55 6.29 -24.94
CA PHE F 10 20.44 7.67 -24.47
C PHE F 10 19.62 7.68 -23.17
N ASN F 11 18.44 7.08 -23.25
CA ASN F 11 17.53 7.00 -22.11
C ASN F 11 18.22 6.49 -20.87
N ALA F 12 19.00 5.40 -21.03
CA ALA F 12 19.69 4.76 -19.90
C ALA F 12 20.57 5.78 -19.20
N ALA F 13 21.20 6.66 -19.99
CA ALA F 13 22.15 7.60 -19.41
C ALA F 13 21.36 8.76 -18.82
N TYR F 14 20.23 9.08 -19.43
CA TYR F 14 19.36 10.13 -18.92
C TYR F 14 18.91 9.68 -17.52
N ALA F 15 18.44 8.45 -17.44
CA ALA F 15 17.94 7.87 -16.20
C ALA F 15 19.09 7.75 -15.19
N LYS F 16 20.24 7.18 -15.56
CA LYS F 16 21.36 7.09 -14.63
C LYS F 16 21.65 8.47 -14.05
N THR F 17 21.41 9.52 -14.85
CA THR F 17 21.76 10.86 -14.43
C THR F 17 20.89 11.29 -13.25
N ILE F 18 19.57 11.19 -13.44
CA ILE F 18 18.59 11.55 -12.42
C ILE F 18 18.71 10.60 -11.22
N ASP F 19 18.87 9.30 -11.49
CA ASP F 19 18.82 8.31 -10.41
C ASP F 19 20.02 8.45 -9.47
N SER F 20 21.19 8.83 -10.01
CA SER F 20 22.39 8.84 -9.19
C SER F 20 22.65 10.23 -8.64
N ASP F 21 21.64 11.09 -8.70
CA ASP F 21 21.72 12.42 -8.12
C ASP F 21 22.94 13.21 -8.62
N VAL F 22 23.43 12.89 -9.81
CA VAL F 22 24.49 13.68 -10.40
C VAL F 22 23.81 14.64 -11.38
N MET F 23 22.96 15.50 -10.83
CA MET F 23 21.84 16.15 -11.51
C MET F 23 22.27 17.33 -12.37
N GLU F 24 23.46 17.88 -12.08
CA GLU F 24 24.04 19.00 -12.81
C GLU F 24 24.12 18.68 -14.30
N GLN F 25 24.31 17.40 -14.65
CA GLN F 25 24.48 17.01 -16.03
C GLN F 25 23.15 16.78 -16.73
N TRP F 26 22.04 16.78 -16.00
CA TRP F 26 20.76 16.49 -16.64
C TRP F 26 20.50 17.44 -17.81
N PRO F 27 20.61 18.78 -17.66
CA PRO F 27 20.37 19.71 -18.77
C PRO F 27 21.20 19.50 -20.05
N THR F 28 22.37 18.85 -19.93
CA THR F 28 23.25 18.61 -21.08
C THR F 28 22.63 17.58 -22.04
N PHE F 29 21.48 17.01 -21.68
CA PHE F 29 20.80 16.02 -22.50
C PHE F 29 19.91 16.68 -23.56
N PHE F 30 19.77 18.01 -23.42
CA PHE F 30 18.87 18.79 -24.24
C PHE F 30 19.69 19.81 -25.05
N THR F 31 19.15 20.19 -26.21
CA THR F 31 19.62 21.34 -26.98
C THR F 31 19.34 22.64 -26.23
N LYS F 32 19.97 23.73 -26.69
CA LYS F 32 19.89 25.01 -25.99
C LYS F 32 18.49 25.62 -26.11
N ASP F 33 17.79 25.24 -27.19
CA ASP F 33 16.47 25.77 -27.52
C ASP F 33 15.40 24.68 -27.31
N CYS F 34 15.55 23.85 -26.26
CA CYS F 34 14.69 22.68 -26.06
C CYS F 34 13.25 23.02 -25.62
N HIS F 35 12.38 22.01 -25.67
CA HIS F 35 11.12 22.04 -24.95
C HIS F 35 11.04 20.87 -23.95
N TYR F 36 10.81 21.21 -22.67
CA TYR F 36 10.57 20.19 -21.66
C TYR F 36 9.30 20.48 -20.88
N ARG F 37 8.36 19.53 -20.92
CA ARG F 37 7.13 19.62 -20.14
C ARG F 37 6.88 18.27 -19.44
N VAL F 38 6.39 18.32 -18.19
CA VAL F 38 5.72 17.22 -17.51
C VAL F 38 4.24 17.56 -17.40
N THR F 39 3.38 16.69 -17.93
CA THR F 39 1.94 16.87 -17.90
C THR F 39 1.34 15.48 -17.61
N ASN F 40 0.05 15.32 -17.86
CA ASN F 40 -0.60 14.03 -17.73
C ASN F 40 -1.55 13.82 -18.92
N VAL F 41 -2.11 12.60 -19.06
CA VAL F 41 -2.95 12.15 -20.18
C VAL F 41 -4.19 13.05 -20.33
N ASP F 42 -4.76 13.48 -19.22
CA ASP F 42 -5.93 14.35 -19.25
C ASP F 42 -5.65 15.66 -20.01
N ASN F 43 -4.63 16.39 -19.57
CA ASN F 43 -4.16 17.63 -20.14
C ASN F 43 -3.81 17.40 -21.61
N HIS F 44 -3.08 16.31 -21.85
CA HIS F 44 -2.61 15.96 -23.19
C HIS F 44 -3.80 15.65 -24.09
N ALA F 45 -4.79 14.91 -23.61
CA ALA F 45 -5.96 14.62 -24.44
C ALA F 45 -6.76 15.87 -24.79
N GLU F 46 -6.79 16.89 -23.91
CA GLU F 46 -7.65 18.04 -24.16
C GLU F 46 -6.86 19.17 -24.82
N GLY F 47 -5.59 18.93 -25.15
CA GLY F 47 -4.70 19.94 -25.71
C GLY F 47 -4.31 21.06 -24.73
N LEU F 48 -4.48 20.85 -23.42
CA LEU F 48 -4.10 21.88 -22.45
C LEU F 48 -2.57 21.94 -22.34
N ALA F 49 -1.98 23.14 -22.35
CA ALA F 49 -0.55 23.28 -22.55
C ALA F 49 0.29 23.33 -21.26
N ALA F 50 -0.32 23.59 -20.09
CA ALA F 50 0.45 23.80 -18.85
C ALA F 50 1.20 22.54 -18.42
N GLY F 51 2.29 22.79 -17.68
CA GLY F 51 3.19 21.76 -17.25
C GLY F 51 3.45 21.91 -15.77
N ILE F 52 3.49 20.77 -15.07
CA ILE F 52 3.99 20.77 -13.71
C ILE F 52 5.36 21.46 -13.74
N VAL F 53 6.18 21.11 -14.73
CA VAL F 53 7.40 21.81 -15.13
C VAL F 53 7.18 22.26 -16.57
N TRP F 54 7.69 23.45 -16.91
CA TRP F 54 7.54 23.99 -18.25
C TRP F 54 8.78 24.83 -18.57
N ALA F 55 9.60 24.32 -19.50
CA ALA F 55 10.88 24.92 -19.85
C ALA F 55 10.96 24.99 -21.35
N ASP F 56 11.53 26.09 -21.85
CA ASP F 56 11.73 26.28 -23.28
C ASP F 56 13.15 26.76 -23.54
N SER F 57 14.08 26.32 -22.68
CA SER F 57 15.49 26.53 -22.91
C SER F 57 16.29 25.61 -22.00
N GLN F 58 17.47 25.18 -22.43
CA GLN F 58 18.40 24.49 -21.56
C GLN F 58 18.64 25.25 -20.25
N ASP F 59 18.68 26.59 -20.30
CA ASP F 59 19.10 27.31 -19.11
C ASP F 59 18.04 27.14 -18.03
N MET F 60 16.78 27.09 -18.49
CA MET F 60 15.66 27.00 -17.56
C MET F 60 15.80 25.73 -16.71
N LEU F 61 16.22 24.65 -17.37
CA LEU F 61 16.50 23.39 -16.69
C LEU F 61 17.66 23.55 -15.71
N THR F 62 18.77 24.14 -16.16
CA THR F 62 19.90 24.45 -15.29
C THR F 62 19.43 25.17 -14.02
N ASP F 63 18.46 26.08 -14.15
CA ASP F 63 17.93 26.80 -13.00
C ASP F 63 17.11 25.89 -12.09
N ARG F 64 16.20 25.08 -12.66
CA ARG F 64 15.49 24.11 -11.84
C ARG F 64 16.49 23.34 -10.96
N ILE F 65 17.56 22.78 -11.56
CA ILE F 65 18.56 21.98 -10.84
C ILE F 65 19.26 22.87 -9.80
N SER F 66 19.50 24.14 -10.12
CA SER F 66 20.12 25.08 -9.19
C SER F 66 19.21 25.34 -8.00
N ALA F 67 17.92 25.54 -8.29
CA ALA F 67 16.94 25.81 -7.23
C ALA F 67 16.90 24.60 -6.30
N LEU F 68 16.99 23.40 -6.91
CA LEU F 68 16.98 22.14 -6.17
C LEU F 68 18.20 21.99 -5.26
N ARG F 69 19.38 22.45 -5.70
CA ARG F 69 20.59 22.27 -4.92
C ARG F 69 20.66 23.27 -3.77
N GLU F 70 20.11 24.48 -3.97
CA GLU F 70 20.61 25.62 -3.21
C GLU F 70 19.49 26.40 -2.55
N ALA F 71 18.24 26.17 -2.93
CA ALA F 71 17.20 27.10 -2.49
C ALA F 71 16.08 26.37 -1.75
N ASN F 72 15.48 25.39 -2.47
CA ASN F 72 14.22 24.74 -2.16
C ASN F 72 14.36 23.74 -1.01
N ILE F 73 13.28 23.58 -0.26
CA ILE F 73 13.24 22.70 0.90
C ILE F 73 12.35 21.49 0.56
N TYR F 74 12.91 20.30 0.77
CA TYR F 74 12.21 19.05 0.56
C TYR F 74 13.00 17.97 1.33
N GLU F 75 12.32 16.88 1.68
CA GLU F 75 12.92 15.72 2.32
C GLU F 75 13.67 14.92 1.27
N ARG F 76 14.89 14.44 1.62
CA ARG F 76 15.77 13.69 0.73
C ARG F 76 15.07 12.42 0.22
N HIS F 77 15.15 12.20 -1.11
CA HIS F 77 14.57 11.05 -1.78
C HIS F 77 15.27 10.80 -3.12
N ARG F 78 15.12 9.57 -3.62
CA ARG F 78 15.70 9.26 -4.89
C ARG F 78 14.59 8.69 -5.76
N TYR F 79 14.91 8.68 -7.05
CA TYR F 79 14.08 8.08 -8.09
C TYR F 79 14.76 6.84 -8.65
N ARG F 80 13.97 5.91 -9.13
CA ARG F 80 14.45 4.79 -9.92
C ARG F 80 13.57 4.69 -11.16
N HIS F 81 14.18 4.88 -12.35
CA HIS F 81 13.52 4.81 -13.66
C HIS F 81 13.58 3.38 -14.19
N ILE F 82 12.45 2.79 -14.59
CA ILE F 82 12.46 1.57 -15.37
C ILE F 82 11.80 1.88 -16.71
N LEU F 83 12.61 1.86 -17.78
CA LEU F 83 12.14 2.30 -19.08
C LEU F 83 11.89 1.07 -19.94
N GLY F 84 10.88 1.13 -20.81
CA GLY F 84 10.71 0.12 -21.85
C GLY F 84 11.40 0.52 -23.15
N LEU F 85 11.28 -0.32 -24.16
CA LEU F 85 11.96 -0.11 -25.43
C LEU F 85 11.24 1.05 -26.15
N PRO F 86 11.99 2.05 -26.66
CA PRO F 86 11.38 3.16 -27.39
C PRO F 86 10.67 2.73 -28.67
N SER F 87 9.80 3.61 -29.18
CA SER F 87 9.27 3.31 -30.49
C SER F 87 9.11 4.56 -31.37
N ILE F 88 9.60 4.42 -32.61
CA ILE F 88 9.91 5.51 -33.52
C ILE F 88 8.70 5.80 -34.41
N GLN F 89 8.27 7.07 -34.43
CA GLN F 89 7.21 7.53 -35.32
C GLN F 89 7.82 7.78 -36.70
N SER F 90 8.97 8.46 -36.71
CA SER F 90 9.80 8.69 -37.87
C SER F 90 11.21 8.99 -37.39
N ALA F 91 12.16 8.72 -38.29
CA ALA F 91 13.58 8.96 -38.10
C ALA F 91 14.20 9.27 -39.46
N ASP F 92 15.29 10.04 -39.45
CA ASP F 92 16.18 10.02 -40.60
C ASP F 92 17.53 9.41 -40.17
N ALA F 93 18.59 10.21 -40.33
CA ALA F 93 19.93 9.85 -39.93
C ALA F 93 20.27 10.66 -38.70
N THR F 94 19.52 11.75 -38.48
CA THR F 94 19.86 12.76 -37.50
C THR F 94 18.67 13.20 -36.63
N GLN F 95 17.43 13.21 -37.17
CA GLN F 95 16.21 13.66 -36.50
C GLN F 95 15.18 12.52 -36.39
N ALA F 96 14.55 12.40 -35.20
CA ALA F 96 13.67 11.30 -34.79
C ALA F 96 12.54 11.79 -33.90
N SER F 97 11.33 11.30 -34.23
CA SER F 97 10.22 11.28 -33.29
C SER F 97 10.11 9.88 -32.71
N ALA F 98 10.08 9.83 -31.36
CA ALA F 98 9.91 8.59 -30.61
C ALA F 98 9.24 8.82 -29.25
N SER F 99 8.83 7.71 -28.64
CA SER F 99 8.17 7.68 -27.35
C SER F 99 8.79 6.50 -26.64
N THR F 100 9.07 6.69 -25.34
CA THR F 100 9.51 5.64 -24.44
C THR F 100 8.54 5.58 -23.26
N PRO F 101 7.97 4.39 -22.96
CA PRO F 101 7.28 4.13 -21.69
C PRO F 101 8.22 4.17 -20.50
N PHE F 102 7.71 4.70 -19.36
CA PHE F 102 8.51 4.77 -18.16
C PHE F 102 7.69 4.43 -16.92
N LEU F 103 8.39 3.83 -15.95
CA LEU F 103 7.95 3.77 -14.57
C LEU F 103 9.01 4.50 -13.73
N VAL F 104 8.57 5.33 -12.78
CA VAL F 104 9.52 6.01 -11.90
C VAL F 104 9.09 5.69 -10.48
N LEU F 105 9.95 4.98 -9.73
CA LEU F 105 9.77 4.73 -8.30
C LEU F 105 10.40 5.88 -7.51
N ARG F 106 9.76 6.27 -6.40
CA ARG F 106 10.34 7.16 -5.41
C ARG F 106 10.62 6.35 -4.16
N ILE F 107 11.87 6.42 -3.71
CA ILE F 107 12.31 5.83 -2.46
C ILE F 107 12.70 7.00 -1.56
N MET F 108 11.86 7.32 -0.57
CA MET F 108 12.22 8.26 0.48
C MET F 108 13.56 7.83 1.11
N HIS F 109 14.34 8.79 1.67
CA HIS F 109 15.53 8.46 2.47
C HIS F 109 15.21 7.58 3.69
N THR F 110 13.92 7.57 4.09
CA THR F 110 13.44 6.79 5.22
C THR F 110 13.14 5.33 4.85
N GLY F 111 12.91 5.00 3.56
CA GLY F 111 12.90 3.58 3.19
C GLY F 111 11.74 3.15 2.32
N GLU F 112 10.65 3.93 2.40
CA GLU F 112 9.40 3.66 1.72
C GLU F 112 9.58 3.82 0.20
N THR F 113 9.19 2.79 -0.57
CA THR F 113 9.24 2.82 -2.01
C THR F 113 7.82 2.94 -2.60
N GLU F 114 7.56 3.89 -3.54
CA GLU F 114 6.24 3.84 -4.17
C GLU F 114 6.36 4.04 -5.67
N VAL F 115 5.35 3.54 -6.41
CA VAL F 115 5.32 3.94 -7.80
C VAL F 115 4.87 5.39 -7.79
N PHE F 116 5.74 6.28 -8.25
CA PHE F 116 5.54 7.70 -8.11
C PHE F 116 4.95 8.26 -9.39
N ALA F 117 5.39 7.76 -10.56
CA ALA F 117 4.87 8.24 -11.83
C ALA F 117 5.05 7.13 -12.83
N SER F 118 4.21 7.15 -13.87
CA SER F 118 4.35 6.29 -15.03
C SER F 118 3.72 6.98 -16.24
N GLY F 119 4.17 6.60 -17.44
CA GLY F 119 3.60 7.13 -18.66
C GLY F 119 4.50 6.94 -19.87
N GLU F 120 4.45 7.86 -20.82
CA GLU F 120 5.43 7.83 -21.89
C GLU F 120 6.06 9.20 -22.13
N TYR F 121 7.34 9.14 -22.53
CA TYR F 121 7.99 10.32 -23.09
C TYR F 121 7.61 10.47 -24.57
N HIS F 122 7.13 11.67 -24.95
CA HIS F 122 6.99 12.11 -26.33
C HIS F 122 8.23 12.94 -26.71
N ASP F 123 9.05 12.41 -27.61
CA ASP F 123 10.41 12.90 -27.77
C ASP F 123 10.66 13.37 -29.21
N LYS F 124 11.50 14.41 -29.30
CA LYS F 124 12.08 14.89 -30.56
C LYS F 124 13.60 14.96 -30.42
N PHE F 125 14.25 14.14 -31.22
CA PHE F 125 15.69 13.96 -31.11
C PHE F 125 16.33 14.67 -32.30
N THR F 126 17.47 15.31 -32.00
CA THR F 126 18.38 15.80 -33.02
C THR F 126 19.76 15.18 -32.79
N THR F 127 20.64 15.34 -33.80
CA THR F 127 22.04 15.04 -33.58
C THR F 127 22.85 16.35 -33.37
N ILE F 128 23.81 16.27 -32.45
CA ILE F 128 24.73 17.36 -32.26
C ILE F 128 26.10 16.74 -32.26
N ASP F 129 26.64 16.74 -33.49
CA ASP F 129 27.87 16.12 -33.92
C ASP F 129 28.19 14.87 -33.11
N GLY F 130 27.71 13.73 -33.60
CA GLY F 130 28.08 12.45 -33.02
C GLY F 130 27.04 11.95 -32.03
N LYS F 131 26.71 12.80 -31.03
CA LYS F 131 25.93 12.37 -29.87
C LYS F 131 24.51 12.92 -29.93
N LEU F 132 23.54 12.02 -29.69
CA LEU F 132 22.11 12.32 -29.64
C LEU F 132 21.77 13.35 -28.56
N ARG F 133 20.79 14.20 -28.88
CA ARG F 133 20.36 15.27 -27.99
C ARG F 133 18.86 15.48 -28.18
N LEU F 134 18.18 15.80 -27.06
CA LEU F 134 16.74 16.04 -27.05
C LEU F 134 16.43 17.47 -27.45
N GLN F 135 15.57 17.56 -28.44
CA GLN F 135 15.04 18.84 -28.89
C GLN F 135 13.86 19.08 -27.99
N GLU F 136 13.10 18.01 -27.77
CA GLU F 136 11.90 18.09 -26.97
C GLU F 136 11.67 16.76 -26.23
N ARG F 137 11.33 16.88 -24.93
CA ARG F 137 10.80 15.79 -24.13
C ARG F 137 9.58 16.29 -23.38
N VAL F 138 8.48 15.58 -23.61
CA VAL F 138 7.26 15.79 -22.86
C VAL F 138 6.97 14.47 -22.15
N ALA F 139 7.01 14.50 -20.80
CA ALA F 139 6.73 13.34 -19.96
C ALA F 139 5.22 13.34 -19.70
N VAL F 140 4.52 12.45 -20.40
CA VAL F 140 3.07 12.42 -20.27
C VAL F 140 2.69 11.34 -19.26
N CYS F 141 2.26 11.78 -18.07
CA CYS F 141 1.96 10.90 -16.94
C CYS F 141 0.57 10.32 -17.11
N ASP F 142 0.46 9.02 -16.74
CA ASP F 142 -0.79 8.29 -16.79
C ASP F 142 -1.70 8.78 -15.67
N SER F 143 -1.11 9.23 -14.55
CA SER F 143 -1.92 9.72 -13.45
C SER F 143 -2.00 11.27 -13.41
N THR F 144 -3.16 11.78 -13.04
CA THR F 144 -3.31 13.19 -12.74
C THR F 144 -2.89 13.53 -11.31
N VAL F 145 -2.42 12.54 -10.48
CA VAL F 145 -2.04 12.80 -9.09
C VAL F 145 -0.52 12.73 -8.93
N THR F 146 0.05 13.73 -8.22
CA THR F 146 1.43 13.71 -7.76
C THR F 146 1.40 13.53 -6.25
N ASP F 147 2.12 12.54 -5.75
CA ASP F 147 2.16 12.37 -4.30
C ASP F 147 3.05 13.43 -3.66
N THR F 148 2.47 14.35 -2.87
CA THR F 148 3.19 15.30 -2.03
C THR F 148 3.83 16.41 -2.88
N LEU F 149 4.85 16.06 -3.66
CA LEU F 149 5.49 17.09 -4.45
C LEU F 149 6.32 16.39 -5.49
N MET F 150 6.63 17.14 -6.56
CA MET F 150 7.63 16.64 -7.50
C MET F 150 8.82 17.59 -7.48
N SER F 151 9.98 17.11 -7.00
CA SER F 151 11.11 18.00 -7.12
C SER F 151 12.10 17.57 -8.18
N LEU F 152 12.45 16.27 -8.23
CA LEU F 152 13.32 15.86 -9.33
C LEU F 152 12.51 15.72 -10.59
N PRO F 153 13.12 16.02 -11.78
CA PRO F 153 12.44 15.90 -13.07
C PRO F 153 12.21 14.44 -13.46
N LEU F 154 11.17 14.18 -14.25
CA LEU F 154 11.07 12.83 -14.81
C LEU F 154 11.90 12.77 -16.11
FE1 FES G . 5.36 -22.53 19.73
FE2 FES G . 3.64 -23.37 17.78
S1 FES G . 5.22 -24.56 18.93
S2 FES G . 3.90 -21.32 18.57
FE FE2 H . -24.72 -10.12 -11.96
C1 PEG I . -4.47 -20.45 5.83
O1 PEG I . -5.42 -20.89 6.82
C2 PEG I . -4.15 -19.01 5.89
O2 PEG I . -2.86 -18.83 5.31
C3 PEG I . -2.05 -19.98 5.47
C4 PEG I . -1.39 -20.15 4.19
O4 PEG I . -2.34 -20.41 3.18
C1 PEG J . -11.03 -22.74 -2.49
O1 PEG J . -12.42 -22.65 -2.78
C2 PEG J . -10.75 -23.62 -1.34
O2 PEG J . -9.38 -24.00 -1.45
C3 PEG J . -8.60 -23.83 -0.26
C4 PEG J . -7.32 -23.01 -0.59
O4 PEG J . -6.02 -23.59 -0.20
C1 GOL K . 4.66 -29.28 7.97
O1 GOL K . 4.07 -30.43 8.57
C2 GOL K . 3.87 -28.07 8.37
O2 GOL K . 2.98 -28.27 9.46
C3 GOL K . 4.61 -26.73 8.29
O3 GOL K . 3.86 -25.86 7.43
P PO4 L . -44.87 -11.05 -6.46
O1 PO4 L . -45.59 -10.90 -5.12
O2 PO4 L . -45.67 -10.34 -7.55
O3 PO4 L . -43.48 -10.42 -6.38
O4 PO4 L . -44.71 -12.54 -6.81
O1 PG4 M . -31.25 -3.27 16.25
C1 PG4 M . -30.20 -2.43 15.80
C2 PG4 M . -29.04 -2.42 16.76
O2 PG4 M . -29.37 -1.69 17.93
C3 PG4 M . -29.77 -2.54 19.02
C4 PG4 M . -29.94 -1.74 20.28
O3 PG4 M . -30.93 -0.72 20.09
C5 PG4 M . -32.16 -1.01 20.75
C6 PG4 M . -33.26 -1.12 19.73
O4 PG4 M . -34.38 -1.80 20.32
C7 PG4 M . -35.63 -1.33 19.79
C8 PG4 M . -36.62 -2.46 19.77
O5 PG4 M . -37.94 -2.00 19.57
P PO4 N . -3.80 -12.37 -41.84
O1 PO4 N . -4.06 -12.19 -40.34
O2 PO4 N . -2.47 -11.71 -42.19
O3 PO4 N . -4.94 -11.69 -42.61
O4 PO4 N . -3.75 -13.87 -42.17
C1 PEG O . 7.41 -25.87 39.00
O1 PEG O . 6.67 -24.84 38.39
C2 PEG O . 7.81 -26.96 38.04
O2 PEG O . 8.25 -26.42 36.80
C3 PEG O . 9.63 -26.65 36.55
C4 PEG O . 9.90 -26.80 35.09
O4 PEG O . 11.28 -26.56 34.78
FE1 FES P . 6.74 27.32 12.93
FE2 FES P . 8.46 25.40 13.47
S1 FES P . 8.89 27.59 13.31
S2 FES P . 6.34 25.07 13.01
FE FE2 Q . 15.70 -16.98 16.52
C1 PEG R . 14.43 11.88 9.49
O1 PEG R . 14.95 10.59 9.90
C2 PEG R . 13.32 12.38 10.38
O2 PEG R . 12.31 11.38 10.38
C3 PEG R . 12.42 10.59 11.55
C4 PEG R . 12.17 11.49 12.72
O4 PEG R . 13.10 11.45 13.77
P PO4 S . 2.19 12.00 27.46
O1 PO4 S . 1.59 11.25 28.66
O2 PO4 S . 2.15 13.51 27.73
O3 PO4 S . 3.63 11.54 27.27
O4 PO4 S . 1.38 11.71 26.21
P PO4 T . 19.65 11.83 4.84
O1 PO4 T . 18.37 12.50 5.23
O2 PO4 T . 20.59 11.73 6.03
O3 PO4 T . 19.36 10.40 4.35
O4 PO4 T . 20.27 12.67 3.72
P PO4 U . 20.66 -26.61 26.56
O1 PO4 U . 19.40 -26.89 27.37
O2 PO4 U . 20.75 -25.12 26.20
O3 PO4 U . 21.88 -26.98 27.39
O4 PO4 U . 20.61 -27.43 25.27
C1 GOL V . 10.35 -3.55 0.57
O1 GOL V . 11.32 -4.57 0.89
C2 GOL V . 10.59 -2.16 1.16
O2 GOL V . 10.94 -1.15 0.20
C3 GOL V . 9.34 -1.69 1.87
O3 GOL V . 9.57 -0.38 2.39
P PO4 W . 34.55 -22.72 -14.05
O1 PO4 W . 33.60 -22.12 -13.02
O2 PO4 W . 33.91 -24.00 -14.61
O3 PO4 W . 35.88 -23.05 -13.38
O4 PO4 W . 34.77 -21.70 -15.20
P PO4 X . 1.89 -23.34 -1.64
O1 PO4 X . 1.74 -22.64 -0.31
O2 PO4 X . 0.88 -24.46 -1.73
O3 PO4 X . 3.28 -23.92 -1.71
O4 PO4 X . 1.63 -22.38 -2.78
FE1 FES Y . -30.24 0.06 -7.96
FE2 FES Y . -29.02 2.37 -8.46
S1 FES Y . -30.72 1.34 -9.55
S2 FES Y . -28.53 1.03 -6.84
FE FE2 Z . 3.66 29.02 1.30
C1 PEG AA . -15.77 9.47 -10.58
O1 PEG AA . -15.39 10.85 -10.66
C2 PEG AA . -16.72 9.26 -9.49
O2 PEG AA . -16.13 9.95 -8.40
C3 PEG AA . -17.09 10.40 -7.44
C4 PEG AA . -17.23 11.89 -7.37
O4 PEG AA . -18.59 12.27 -7.35
C1 PEG BA . -25.45 8.65 -17.99
O1 PEG BA . -24.06 8.91 -17.98
C2 PEG BA . -25.93 8.57 -16.57
O2 PEG BA . -25.02 7.79 -15.80
C3 PEG BA . -24.45 6.73 -16.56
C4 PEG BA . -23.33 6.15 -15.71
O4 PEG BA . -22.17 7.00 -15.67
C1 GOL CA . -14.34 19.63 -10.79
O1 GOL CA . -14.55 18.24 -10.98
C2 GOL CA . -12.89 19.94 -10.47
O2 GOL CA . -12.24 20.36 -11.68
C3 GOL CA . -12.75 20.98 -9.39
O3 GOL CA . -11.38 21.32 -9.16
P PO4 DA . -13.32 10.31 -17.34
O1 PO4 DA . -13.86 9.60 -16.12
O2 PO4 DA . -13.36 9.34 -18.52
O3 PO4 DA . -11.91 10.80 -17.09
O4 PO4 DA . -14.20 11.52 -17.65
P PO4 EA . -25.75 13.46 7.88
O1 PO4 EA . -27.23 13.39 8.22
O2 PO4 EA . -25.40 12.35 6.88
O3 PO4 EA . -24.94 13.26 9.16
O4 PO4 EA . -25.42 14.84 7.29
C1 PEG FA . 24.32 9.73 -24.59
O1 PEG FA . 24.00 8.81 -25.63
C2 PEG FA . 24.49 11.13 -25.12
O2 PEG FA . 24.97 11.94 -24.04
C3 PEG FA . 24.40 13.25 -24.03
C4 PEG FA . 25.34 14.20 -23.34
O4 PEG FA . 25.20 14.12 -21.93
P PO4 GA . 25.44 22.68 -27.32
O1 PO4 GA . 24.29 22.02 -26.57
O2 PO4 GA . 25.41 24.19 -27.12
O3 PO4 GA . 26.77 22.13 -26.83
O4 PO4 GA . 25.30 22.36 -28.80
#